data_1JBK
# 
_entry.id   1JBK 
# 
_audit_conform.dict_name       mmcif_pdbx.dic 
_audit_conform.dict_version    5.386 
_audit_conform.dict_location   http://mmcif.pdb.org/dictionaries/ascii/mmcif_pdbx.dic 
# 
loop_
_database_2.database_id 
_database_2.database_code 
_database_2.pdbx_database_accession 
_database_2.pdbx_DOI 
PDB   1JBK         pdb_00001jbk 10.2210/pdb1jbk/pdb 
RCSB  RCSB013589   ?            ?                   
WWPDB D_1000013589 ?            ?                   
# 
loop_
_pdbx_audit_revision_history.ordinal 
_pdbx_audit_revision_history.data_content_type 
_pdbx_audit_revision_history.major_revision 
_pdbx_audit_revision_history.minor_revision 
_pdbx_audit_revision_history.revision_date 
1 'Structure model' 1 0 2002-06-05 
2 'Structure model' 1 1 2008-04-27 
3 'Structure model' 1 2 2011-07-13 
4 'Structure model' 1 3 2024-02-07 
# 
_pdbx_audit_revision_details.ordinal             1 
_pdbx_audit_revision_details.revision_ordinal    1 
_pdbx_audit_revision_details.data_content_type   'Structure model' 
_pdbx_audit_revision_details.provider            repository 
_pdbx_audit_revision_details.type                'Initial release' 
_pdbx_audit_revision_details.description         ? 
_pdbx_audit_revision_details.details             ? 
# 
loop_
_pdbx_audit_revision_group.ordinal 
_pdbx_audit_revision_group.revision_ordinal 
_pdbx_audit_revision_group.data_content_type 
_pdbx_audit_revision_group.group 
1 2 'Structure model' 'Version format compliance' 
2 3 'Structure model' 'Version format compliance' 
3 4 'Structure model' 'Data collection'           
4 4 'Structure model' 'Database references'       
5 4 'Structure model' 'Derived calculations'      
# 
loop_
_pdbx_audit_revision_category.ordinal 
_pdbx_audit_revision_category.revision_ordinal 
_pdbx_audit_revision_category.data_content_type 
_pdbx_audit_revision_category.category 
1 4 'Structure model' chem_comp_atom     
2 4 'Structure model' chem_comp_bond     
3 4 'Structure model' database_2         
4 4 'Structure model' struct_ref_seq_dif 
5 4 'Structure model' struct_site        
# 
loop_
_pdbx_audit_revision_item.ordinal 
_pdbx_audit_revision_item.revision_ordinal 
_pdbx_audit_revision_item.data_content_type 
_pdbx_audit_revision_item.item 
1 4 'Structure model' '_database_2.pdbx_DOI'                
2 4 'Structure model' '_database_2.pdbx_database_accession' 
3 4 'Structure model' '_struct_ref_seq_dif.details'         
4 4 'Structure model' '_struct_site.pdbx_auth_asym_id'      
5 4 'Structure model' '_struct_site.pdbx_auth_comp_id'      
6 4 'Structure model' '_struct_site.pdbx_auth_seq_id'       
# 
_pdbx_database_status.status_code                     REL 
_pdbx_database_status.entry_id                        1JBK 
_pdbx_database_status.recvd_initial_deposition_date   2001-06-05 
_pdbx_database_status.deposit_site                    RCSB 
_pdbx_database_status.process_site                    RCSB 
_pdbx_database_status.status_code_sf                  REL 
_pdbx_database_status.status_code_mr                  ? 
_pdbx_database_status.SG_entry                        ? 
_pdbx_database_status.pdb_format_compatible           Y 
_pdbx_database_status.status_code_cs                  ? 
_pdbx_database_status.status_code_nmr_data            ? 
_pdbx_database_status.methods_development_category    ? 
# 
_pdbx_database_related.db_name        PDB 
_pdbx_database_related.db_id          1NBD 
_pdbx_database_related.details        '1NBD belongs to the AAA ATPase family' 
_pdbx_database_related.content_type   unspecified 
# 
loop_
_audit_author.name 
_audit_author.pdbx_ordinal 
'Jingzhi, L.'  1 
'Bingdong, S.' 2 
# 
_citation.id                        primary 
_citation.title                     
'Crystal structure of E. coli Hsp100 ClpB nucleotide-binding domain 1 (NBD1) and mechanistic studies on ClpB ATPase activity.' 
_citation.journal_abbrev            J.Mol.Biol. 
_citation.journal_volume            318 
_citation.page_first                1127 
_citation.page_last                 1137 
_citation.year                      2002 
_citation.journal_id_ASTM           JMOBAK 
_citation.country                   UK 
_citation.journal_id_ISSN           0022-2836 
_citation.journal_id_CSD            0070 
_citation.book_publisher            ? 
_citation.pdbx_database_id_PubMed   12054807 
_citation.pdbx_database_id_DOI      '10.1016/S0022-2836(02)00188-2' 
# 
loop_
_citation_author.citation_id 
_citation_author.name 
_citation_author.ordinal 
_citation_author.identifier_ORCID 
primary 'Li, J.'  1 ? 
primary 'Sha, B.' 2 ? 
# 
loop_
_entity.id 
_entity.type 
_entity.src_method 
_entity.pdbx_description 
_entity.formula_weight 
_entity.pdbx_number_of_molecules 
_entity.pdbx_ec 
_entity.pdbx_mutation 
_entity.pdbx_fragment 
_entity.details 
1 polymer     man 'CLPB PROTEIN'  21532.824 1   ? ? 'first nucleotide binding domain (Residues 159-351)' ? 
2 non-polymer syn 'MAGNESIUM ION' 24.305    1   ? ? ?                                                    ? 
3 water       nat water           18.015    296 ? ? ?                                                    ? 
# 
_entity_name_com.entity_id   1 
_entity_name_com.name        'HEAT SHOCK PROTEIN F84.1' 
# 
_entity_poly.entity_id                      1 
_entity_poly.type                           'polypeptide(L)' 
_entity_poly.nstd_linkage                   no 
_entity_poly.nstd_monomer                   no 
_entity_poly.pdbx_seq_one_letter_code       
;HMQALKKYTIDLTERAEQGKLDPVIGRDEEIRRTIQVLQRRTKNNPVLIGEPGVGKTAIVEGLAQRIINGEVPEGLKGRR
VLALDMGALVAGAKYRGEFEERLKGVLNDLAKQEGNVILFIDELHTMVGAGKADGAMDAGNMLKPALARGELHCVGATTL
DEYRQYIEKDAALERRFQKVFVAEPSVEDTIAILR
;
_entity_poly.pdbx_seq_one_letter_code_can   
;HMQALKKYTIDLTERAEQGKLDPVIGRDEEIRRTIQVLQRRTKNNPVLIGEPGVGKTAIVEGLAQRIINGEVPEGLKGRR
VLALDMGALVAGAKYRGEFEERLKGVLNDLAKQEGNVILFIDELHTMVGAGKADGAMDAGNMLKPALARGELHCVGATTL
DEYRQYIEKDAALERRFQKVFVAEPSVEDTIAILR
;
_entity_poly.pdbx_strand_id                 A 
_entity_poly.pdbx_target_identifier         ? 
# 
loop_
_pdbx_entity_nonpoly.entity_id 
_pdbx_entity_nonpoly.name 
_pdbx_entity_nonpoly.comp_id 
2 'MAGNESIUM ION' MG  
3 water           HOH 
# 
loop_
_entity_poly_seq.entity_id 
_entity_poly_seq.num 
_entity_poly_seq.mon_id 
_entity_poly_seq.hetero 
1 1   HIS n 
1 2   MET n 
1 3   GLN n 
1 4   ALA n 
1 5   LEU n 
1 6   LYS n 
1 7   LYS n 
1 8   TYR n 
1 9   THR n 
1 10  ILE n 
1 11  ASP n 
1 12  LEU n 
1 13  THR n 
1 14  GLU n 
1 15  ARG n 
1 16  ALA n 
1 17  GLU n 
1 18  GLN n 
1 19  GLY n 
1 20  LYS n 
1 21  LEU n 
1 22  ASP n 
1 23  PRO n 
1 24  VAL n 
1 25  ILE n 
1 26  GLY n 
1 27  ARG n 
1 28  ASP n 
1 29  GLU n 
1 30  GLU n 
1 31  ILE n 
1 32  ARG n 
1 33  ARG n 
1 34  THR n 
1 35  ILE n 
1 36  GLN n 
1 37  VAL n 
1 38  LEU n 
1 39  GLN n 
1 40  ARG n 
1 41  ARG n 
1 42  THR n 
1 43  LYS n 
1 44  ASN n 
1 45  ASN n 
1 46  PRO n 
1 47  VAL n 
1 48  LEU n 
1 49  ILE n 
1 50  GLY n 
1 51  GLU n 
1 52  PRO n 
1 53  GLY n 
1 54  VAL n 
1 55  GLY n 
1 56  LYS n 
1 57  THR n 
1 58  ALA n 
1 59  ILE n 
1 60  VAL n 
1 61  GLU n 
1 62  GLY n 
1 63  LEU n 
1 64  ALA n 
1 65  GLN n 
1 66  ARG n 
1 67  ILE n 
1 68  ILE n 
1 69  ASN n 
1 70  GLY n 
1 71  GLU n 
1 72  VAL n 
1 73  PRO n 
1 74  GLU n 
1 75  GLY n 
1 76  LEU n 
1 77  LYS n 
1 78  GLY n 
1 79  ARG n 
1 80  ARG n 
1 81  VAL n 
1 82  LEU n 
1 83  ALA n 
1 84  LEU n 
1 85  ASP n 
1 86  MET n 
1 87  GLY n 
1 88  ALA n 
1 89  LEU n 
1 90  VAL n 
1 91  ALA n 
1 92  GLY n 
1 93  ALA n 
1 94  LYS n 
1 95  TYR n 
1 96  ARG n 
1 97  GLY n 
1 98  GLU n 
1 99  PHE n 
1 100 GLU n 
1 101 GLU n 
1 102 ARG n 
1 103 LEU n 
1 104 LYS n 
1 105 GLY n 
1 106 VAL n 
1 107 LEU n 
1 108 ASN n 
1 109 ASP n 
1 110 LEU n 
1 111 ALA n 
1 112 LYS n 
1 113 GLN n 
1 114 GLU n 
1 115 GLY n 
1 116 ASN n 
1 117 VAL n 
1 118 ILE n 
1 119 LEU n 
1 120 PHE n 
1 121 ILE n 
1 122 ASP n 
1 123 GLU n 
1 124 LEU n 
1 125 HIS n 
1 126 THR n 
1 127 MET n 
1 128 VAL n 
1 129 GLY n 
1 130 ALA n 
1 131 GLY n 
1 132 LYS n 
1 133 ALA n 
1 134 ASP n 
1 135 GLY n 
1 136 ALA n 
1 137 MET n 
1 138 ASP n 
1 139 ALA n 
1 140 GLY n 
1 141 ASN n 
1 142 MET n 
1 143 LEU n 
1 144 LYS n 
1 145 PRO n 
1 146 ALA n 
1 147 LEU n 
1 148 ALA n 
1 149 ARG n 
1 150 GLY n 
1 151 GLU n 
1 152 LEU n 
1 153 HIS n 
1 154 CYS n 
1 155 VAL n 
1 156 GLY n 
1 157 ALA n 
1 158 THR n 
1 159 THR n 
1 160 LEU n 
1 161 ASP n 
1 162 GLU n 
1 163 TYR n 
1 164 ARG n 
1 165 GLN n 
1 166 TYR n 
1 167 ILE n 
1 168 GLU n 
1 169 LYS n 
1 170 ASP n 
1 171 ALA n 
1 172 ALA n 
1 173 LEU n 
1 174 GLU n 
1 175 ARG n 
1 176 ARG n 
1 177 PHE n 
1 178 GLN n 
1 179 LYS n 
1 180 VAL n 
1 181 PHE n 
1 182 VAL n 
1 183 ALA n 
1 184 GLU n 
1 185 PRO n 
1 186 SER n 
1 187 VAL n 
1 188 GLU n 
1 189 ASP n 
1 190 THR n 
1 191 ILE n 
1 192 ALA n 
1 193 ILE n 
1 194 LEU n 
1 195 ARG n 
# 
_entity_src_gen.entity_id                          1 
_entity_src_gen.pdbx_src_id                        1 
_entity_src_gen.pdbx_alt_source_flag               sample 
_entity_src_gen.pdbx_seq_type                      ? 
_entity_src_gen.pdbx_beg_seq_num                   ? 
_entity_src_gen.pdbx_end_seq_num                   ? 
_entity_src_gen.gene_src_common_name               ? 
_entity_src_gen.gene_src_genus                     Escherichia 
_entity_src_gen.pdbx_gene_src_gene                 ? 
_entity_src_gen.gene_src_species                   ? 
_entity_src_gen.gene_src_strain                    ? 
_entity_src_gen.gene_src_tissue                    ? 
_entity_src_gen.gene_src_tissue_fraction           ? 
_entity_src_gen.gene_src_details                   ? 
_entity_src_gen.pdbx_gene_src_fragment             ? 
_entity_src_gen.pdbx_gene_src_scientific_name      'Escherichia coli' 
_entity_src_gen.pdbx_gene_src_ncbi_taxonomy_id     562 
_entity_src_gen.pdbx_gene_src_variant              ? 
_entity_src_gen.pdbx_gene_src_cell_line            ? 
_entity_src_gen.pdbx_gene_src_atcc                 ? 
_entity_src_gen.pdbx_gene_src_organ                ? 
_entity_src_gen.pdbx_gene_src_organelle            ? 
_entity_src_gen.pdbx_gene_src_cell                 ? 
_entity_src_gen.pdbx_gene_src_cellular_location    ? 
_entity_src_gen.host_org_common_name               ? 
_entity_src_gen.pdbx_host_org_scientific_name      'Escherichia coli BL21(DE3)' 
_entity_src_gen.pdbx_host_org_ncbi_taxonomy_id     469008 
_entity_src_gen.host_org_genus                     Escherichia 
_entity_src_gen.pdbx_host_org_gene                 ? 
_entity_src_gen.pdbx_host_org_organ                ? 
_entity_src_gen.host_org_species                   'Escherichia coli' 
_entity_src_gen.pdbx_host_org_tissue               ? 
_entity_src_gen.pdbx_host_org_tissue_fraction      ? 
_entity_src_gen.pdbx_host_org_strain               'BL21(DE3)' 
_entity_src_gen.pdbx_host_org_variant              ? 
_entity_src_gen.pdbx_host_org_cell_line            ? 
_entity_src_gen.pdbx_host_org_atcc                 ? 
_entity_src_gen.pdbx_host_org_culture_collection   ? 
_entity_src_gen.pdbx_host_org_cell                 ? 
_entity_src_gen.pdbx_host_org_organelle            ? 
_entity_src_gen.pdbx_host_org_cellular_location    ? 
_entity_src_gen.pdbx_host_org_vector_type          plasmid 
_entity_src_gen.pdbx_host_org_vector               ? 
_entity_src_gen.host_org_details                   ? 
_entity_src_gen.expression_system_id               ? 
_entity_src_gen.plasmid_name                       pET15b 
_entity_src_gen.plasmid_details                    ? 
_entity_src_gen.pdbx_description                   ? 
# 
loop_
_chem_comp.id 
_chem_comp.type 
_chem_comp.mon_nstd_flag 
_chem_comp.name 
_chem_comp.pdbx_synonyms 
_chem_comp.formula 
_chem_comp.formula_weight 
ALA 'L-peptide linking' y ALANINE         ? 'C3 H7 N O2'     89.093  
ARG 'L-peptide linking' y ARGININE        ? 'C6 H15 N4 O2 1' 175.209 
ASN 'L-peptide linking' y ASPARAGINE      ? 'C4 H8 N2 O3'    132.118 
ASP 'L-peptide linking' y 'ASPARTIC ACID' ? 'C4 H7 N O4'     133.103 
CYS 'L-peptide linking' y CYSTEINE        ? 'C3 H7 N O2 S'   121.158 
GLN 'L-peptide linking' y GLUTAMINE       ? 'C5 H10 N2 O3'   146.144 
GLU 'L-peptide linking' y 'GLUTAMIC ACID' ? 'C5 H9 N O4'     147.129 
GLY 'peptide linking'   y GLYCINE         ? 'C2 H5 N O2'     75.067  
HIS 'L-peptide linking' y HISTIDINE       ? 'C6 H10 N3 O2 1' 156.162 
HOH non-polymer         . WATER           ? 'H2 O'           18.015  
ILE 'L-peptide linking' y ISOLEUCINE      ? 'C6 H13 N O2'    131.173 
LEU 'L-peptide linking' y LEUCINE         ? 'C6 H13 N O2'    131.173 
LYS 'L-peptide linking' y LYSINE          ? 'C6 H15 N2 O2 1' 147.195 
MET 'L-peptide linking' y METHIONINE      ? 'C5 H11 N O2 S'  149.211 
MG  non-polymer         . 'MAGNESIUM ION' ? 'Mg 2'           24.305  
PHE 'L-peptide linking' y PHENYLALANINE   ? 'C9 H11 N O2'    165.189 
PRO 'L-peptide linking' y PROLINE         ? 'C5 H9 N O2'     115.130 
SER 'L-peptide linking' y SERINE          ? 'C3 H7 N O3'     105.093 
THR 'L-peptide linking' y THREONINE       ? 'C4 H9 N O3'     119.119 
TYR 'L-peptide linking' y TYROSINE        ? 'C9 H11 N O3'    181.189 
VAL 'L-peptide linking' y VALINE          ? 'C5 H11 N O2'    117.146 
# 
loop_
_pdbx_poly_seq_scheme.asym_id 
_pdbx_poly_seq_scheme.entity_id 
_pdbx_poly_seq_scheme.seq_id 
_pdbx_poly_seq_scheme.mon_id 
_pdbx_poly_seq_scheme.ndb_seq_num 
_pdbx_poly_seq_scheme.pdb_seq_num 
_pdbx_poly_seq_scheme.auth_seq_num 
_pdbx_poly_seq_scheme.pdb_mon_id 
_pdbx_poly_seq_scheme.auth_mon_id 
_pdbx_poly_seq_scheme.pdb_strand_id 
_pdbx_poly_seq_scheme.pdb_ins_code 
_pdbx_poly_seq_scheme.hetero 
A 1 1   HIS 1   157 157 HIS HIS A . n 
A 1 2   MET 2   158 158 MET MET A . n 
A 1 3   GLN 3   159 159 GLN GLN A . n 
A 1 4   ALA 4   160 160 ALA ALA A . n 
A 1 5   LEU 5   161 161 LEU LEU A . n 
A 1 6   LYS 6   162 162 LYS LYS A . n 
A 1 7   LYS 7   163 163 LYS LYS A . n 
A 1 8   TYR 8   164 164 TYR TYR A . n 
A 1 9   THR 9   165 165 THR THR A . n 
A 1 10  ILE 10  166 166 ILE ILE A . n 
A 1 11  ASP 11  167 167 ASP ASP A . n 
A 1 12  LEU 12  168 168 LEU LEU A . n 
A 1 13  THR 13  169 169 THR THR A . n 
A 1 14  GLU 14  170 170 GLU GLU A . n 
A 1 15  ARG 15  171 171 ARG ARG A . n 
A 1 16  ALA 16  172 172 ALA ALA A . n 
A 1 17  GLU 17  173 173 GLU GLU A . n 
A 1 18  GLN 18  174 174 GLN GLN A . n 
A 1 19  GLY 19  175 175 GLY GLY A . n 
A 1 20  LYS 20  176 176 LYS LYS A . n 
A 1 21  LEU 21  177 177 LEU LEU A . n 
A 1 22  ASP 22  178 178 ASP ASP A . n 
A 1 23  PRO 23  179 179 PRO PRO A . n 
A 1 24  VAL 24  180 180 VAL VAL A . n 
A 1 25  ILE 25  181 181 ILE ILE A . n 
A 1 26  GLY 26  182 182 GLY GLY A . n 
A 1 27  ARG 27  183 183 ARG ARG A . n 
A 1 28  ASP 28  184 184 ASP ASP A . n 
A 1 29  GLU 29  185 185 GLU GLU A . n 
A 1 30  GLU 30  186 186 GLU GLU A . n 
A 1 31  ILE 31  187 187 ILE ILE A . n 
A 1 32  ARG 32  188 188 ARG ARG A . n 
A 1 33  ARG 33  189 189 ARG ARG A . n 
A 1 34  THR 34  190 190 THR THR A . n 
A 1 35  ILE 35  191 191 ILE ILE A . n 
A 1 36  GLN 36  192 192 GLN GLN A . n 
A 1 37  VAL 37  193 193 VAL VAL A . n 
A 1 38  LEU 38  194 194 LEU LEU A . n 
A 1 39  GLN 39  195 195 GLN GLN A . n 
A 1 40  ARG 40  196 196 ARG ARG A . n 
A 1 41  ARG 41  197 197 ARG ARG A . n 
A 1 42  THR 42  198 198 THR THR A . n 
A 1 43  LYS 43  199 199 LYS LYS A . n 
A 1 44  ASN 44  200 200 ASN ASN A . n 
A 1 45  ASN 45  201 201 ASN ASN A . n 
A 1 46  PRO 46  202 202 PRO PRO A . n 
A 1 47  VAL 47  203 203 VAL VAL A . n 
A 1 48  LEU 48  204 204 LEU LEU A . n 
A 1 49  ILE 49  205 205 ILE ILE A . n 
A 1 50  GLY 50  206 206 GLY GLY A . n 
A 1 51  GLU 51  207 207 GLU GLU A . n 
A 1 52  PRO 52  208 208 PRO PRO A . n 
A 1 53  GLY 53  209 209 GLY GLY A . n 
A 1 54  VAL 54  210 210 VAL VAL A . n 
A 1 55  GLY 55  211 211 GLY GLY A . n 
A 1 56  LYS 56  212 212 LYS LYS A . n 
A 1 57  THR 57  213 213 THR THR A . n 
A 1 58  ALA 58  214 214 ALA ALA A . n 
A 1 59  ILE 59  215 215 ILE ILE A . n 
A 1 60  VAL 60  216 216 VAL VAL A . n 
A 1 61  GLU 61  217 217 GLU GLU A . n 
A 1 62  GLY 62  218 218 GLY GLY A . n 
A 1 63  LEU 63  219 219 LEU LEU A . n 
A 1 64  ALA 64  220 220 ALA ALA A . n 
A 1 65  GLN 65  221 221 GLN GLN A . n 
A 1 66  ARG 66  222 222 ARG ARG A . n 
A 1 67  ILE 67  223 223 ILE ILE A . n 
A 1 68  ILE 68  224 224 ILE ILE A . n 
A 1 69  ASN 69  225 225 ASN ASN A . n 
A 1 70  GLY 70  226 226 GLY GLY A . n 
A 1 71  GLU 71  227 227 GLU GLU A . n 
A 1 72  VAL 72  228 228 VAL VAL A . n 
A 1 73  PRO 73  229 229 PRO PRO A . n 
A 1 74  GLU 74  230 230 GLU GLU A . n 
A 1 75  GLY 75  231 231 GLY GLY A . n 
A 1 76  LEU 76  232 232 LEU LEU A . n 
A 1 77  LYS 77  233 233 LYS LYS A . n 
A 1 78  GLY 78  234 234 GLY GLY A . n 
A 1 79  ARG 79  235 235 ARG ARG A . n 
A 1 80  ARG 80  236 236 ARG ARG A . n 
A 1 81  VAL 81  237 237 VAL VAL A . n 
A 1 82  LEU 82  238 238 LEU LEU A . n 
A 1 83  ALA 83  239 239 ALA ALA A . n 
A 1 84  LEU 84  240 240 LEU LEU A . n 
A 1 85  ASP 85  241 241 ASP ASP A . n 
A 1 86  MET 86  242 242 MET MET A . n 
A 1 87  GLY 87  243 243 GLY GLY A . n 
A 1 88  ALA 88  244 244 ALA ALA A . n 
A 1 89  LEU 89  245 245 LEU LEU A . n 
A 1 90  VAL 90  246 246 VAL VAL A . n 
A 1 91  ALA 91  247 247 ALA ALA A . n 
A 1 92  GLY 92  248 248 GLY GLY A . n 
A 1 93  ALA 93  249 249 ALA ALA A . n 
A 1 94  LYS 94  250 250 LYS LYS A . n 
A 1 95  TYR 95  251 251 TYR TYR A . n 
A 1 96  ARG 96  252 252 ARG ARG A . n 
A 1 97  GLY 97  253 253 GLY GLY A . n 
A 1 98  GLU 98  254 254 GLU GLU A . n 
A 1 99  PHE 99  255 255 PHE PHE A . n 
A 1 100 GLU 100 256 256 GLU GLU A . n 
A 1 101 GLU 101 257 257 GLU GLU A . n 
A 1 102 ARG 102 258 258 ARG ARG A . n 
A 1 103 LEU 103 259 259 LEU LEU A . n 
A 1 104 LYS 104 260 260 LYS LYS A . n 
A 1 105 GLY 105 261 261 GLY GLY A . n 
A 1 106 VAL 106 262 262 VAL VAL A . n 
A 1 107 LEU 107 263 263 LEU LEU A . n 
A 1 108 ASN 108 264 264 ASN ASN A . n 
A 1 109 ASP 109 265 265 ASP ASP A . n 
A 1 110 LEU 110 266 266 LEU LEU A . n 
A 1 111 ALA 111 267 267 ALA ALA A . n 
A 1 112 LYS 112 268 268 LYS LYS A . n 
A 1 113 GLN 113 269 269 GLN GLN A . n 
A 1 114 GLU 114 270 270 GLU GLU A . n 
A 1 115 GLY 115 271 271 GLY GLY A . n 
A 1 116 ASN 116 272 272 ASN ASN A . n 
A 1 117 VAL 117 273 273 VAL VAL A . n 
A 1 118 ILE 118 274 274 ILE ILE A . n 
A 1 119 LEU 119 275 275 LEU LEU A . n 
A 1 120 PHE 120 276 276 PHE PHE A . n 
A 1 121 ILE 121 277 277 ILE ILE A . n 
A 1 122 ASP 122 278 278 ASP ASP A . n 
A 1 123 GLU 123 279 279 GLU GLU A . n 
A 1 124 LEU 124 280 280 LEU LEU A . n 
A 1 125 HIS 125 281 281 HIS HIS A . n 
A 1 126 THR 126 282 282 THR THR A . n 
A 1 127 MET 127 283 283 MET MET A . n 
A 1 128 VAL 128 284 284 VAL VAL A . n 
A 1 129 GLY 129 285 285 GLY GLY A . n 
A 1 130 ALA 130 286 286 ALA ALA A . n 
A 1 131 GLY 131 287 ?   ?   ?   A . n 
A 1 132 LYS 132 288 ?   ?   ?   A . n 
A 1 133 ALA 133 289 ?   ?   ?   A . n 
A 1 134 ASP 134 290 ?   ?   ?   A . n 
A 1 135 GLY 135 291 ?   ?   ?   A . n 
A 1 136 ALA 136 292 ?   ?   ?   A . n 
A 1 137 MET 137 293 293 MET MET A . n 
A 1 138 ASP 138 294 294 ASP ASP A . n 
A 1 139 ALA 139 295 295 ALA ALA A . n 
A 1 140 GLY 140 296 296 GLY GLY A . n 
A 1 141 ASN 141 297 297 ASN ASN A . n 
A 1 142 MET 142 298 298 MET MET A . n 
A 1 143 LEU 143 299 299 LEU LEU A . n 
A 1 144 LYS 144 300 300 LYS LYS A . n 
A 1 145 PRO 145 301 301 PRO PRO A . n 
A 1 146 ALA 146 302 302 ALA ALA A . n 
A 1 147 LEU 147 303 303 LEU LEU A . n 
A 1 148 ALA 148 304 304 ALA ALA A . n 
A 1 149 ARG 149 305 305 ARG ARG A . n 
A 1 150 GLY 150 306 306 GLY GLY A . n 
A 1 151 GLU 151 307 307 GLU GLU A . n 
A 1 152 LEU 152 308 308 LEU LEU A . n 
A 1 153 HIS 153 309 309 HIS HIS A . n 
A 1 154 CYS 154 310 310 CYS CYS A . n 
A 1 155 VAL 155 311 311 VAL VAL A . n 
A 1 156 GLY 156 312 312 GLY GLY A . n 
A 1 157 ALA 157 313 313 ALA ALA A . n 
A 1 158 THR 158 314 314 THR THR A . n 
A 1 159 THR 159 315 315 THR THR A . n 
A 1 160 LEU 160 316 316 LEU LEU A . n 
A 1 161 ASP 161 317 317 ASP ASP A . n 
A 1 162 GLU 162 318 318 GLU GLU A . n 
A 1 163 TYR 163 319 319 TYR TYR A . n 
A 1 164 ARG 164 320 320 ARG ARG A . n 
A 1 165 GLN 165 321 321 GLN GLN A . n 
A 1 166 TYR 166 322 322 TYR TYR A . n 
A 1 167 ILE 167 323 323 ILE ILE A . n 
A 1 168 GLU 168 324 324 GLU GLU A . n 
A 1 169 LYS 169 325 325 LYS LYS A . n 
A 1 170 ASP 170 326 326 ASP ASP A . n 
A 1 171 ALA 171 327 327 ALA ALA A . n 
A 1 172 ALA 172 328 328 ALA ALA A . n 
A 1 173 LEU 173 329 329 LEU LEU A . n 
A 1 174 GLU 174 330 330 GLU GLU A . n 
A 1 175 ARG 175 331 331 ARG ARG A . n 
A 1 176 ARG 176 332 332 ARG ARG A . n 
A 1 177 PHE 177 333 333 PHE PHE A . n 
A 1 178 GLN 178 334 334 GLN GLN A . n 
A 1 179 LYS 179 335 335 LYS LYS A . n 
A 1 180 VAL 180 336 336 VAL VAL A . n 
A 1 181 PHE 181 337 337 PHE PHE A . n 
A 1 182 VAL 182 338 338 VAL VAL A . n 
A 1 183 ALA 183 339 339 ALA ALA A . n 
A 1 184 GLU 184 340 340 GLU GLU A . n 
A 1 185 PRO 185 341 341 PRO PRO A . n 
A 1 186 SER 186 342 342 SER SER A . n 
A 1 187 VAL 187 343 343 VAL VAL A . n 
A 1 188 GLU 188 344 344 GLU GLU A . n 
A 1 189 ASP 189 345 345 ASP ASP A . n 
A 1 190 THR 190 346 346 THR THR A . n 
A 1 191 ILE 191 347 347 ILE ILE A . n 
A 1 192 ALA 192 348 348 ALA ALA A . n 
A 1 193 ILE 193 349 349 ILE ILE A . n 
A 1 194 LEU 194 350 350 LEU LEU A . n 
A 1 195 ARG 195 351 351 ARG ARG A . n 
# 
loop_
_pdbx_nonpoly_scheme.asym_id 
_pdbx_nonpoly_scheme.entity_id 
_pdbx_nonpoly_scheme.mon_id 
_pdbx_nonpoly_scheme.ndb_seq_num 
_pdbx_nonpoly_scheme.pdb_seq_num 
_pdbx_nonpoly_scheme.auth_seq_num 
_pdbx_nonpoly_scheme.pdb_mon_id 
_pdbx_nonpoly_scheme.auth_mon_id 
_pdbx_nonpoly_scheme.pdb_strand_id 
_pdbx_nonpoly_scheme.pdb_ins_code 
B 2 MG  1   1   1   MG  MG2 A . 
C 3 HOH 1   352 2   HOH HOH A . 
C 3 HOH 2   353 3   HOH HOH A . 
C 3 HOH 3   354 4   HOH HOH A . 
C 3 HOH 4   355 5   HOH HOH A . 
C 3 HOH 5   356 6   HOH HOH A . 
C 3 HOH 6   357 7   HOH HOH A . 
C 3 HOH 7   358 8   HOH HOH A . 
C 3 HOH 8   359 9   HOH HOH A . 
C 3 HOH 9   360 10  HOH HOH A . 
C 3 HOH 10  361 11  HOH HOH A . 
C 3 HOH 11  362 12  HOH HOH A . 
C 3 HOH 12  363 13  HOH HOH A . 
C 3 HOH 13  364 14  HOH HOH A . 
C 3 HOH 14  365 15  HOH HOH A . 
C 3 HOH 15  366 16  HOH HOH A . 
C 3 HOH 16  367 17  HOH HOH A . 
C 3 HOH 17  368 18  HOH HOH A . 
C 3 HOH 18  369 19  HOH HOH A . 
C 3 HOH 19  370 20  HOH HOH A . 
C 3 HOH 20  371 21  HOH HOH A . 
C 3 HOH 21  372 22  HOH HOH A . 
C 3 HOH 22  373 23  HOH HOH A . 
C 3 HOH 23  374 24  HOH HOH A . 
C 3 HOH 24  375 25  HOH HOH A . 
C 3 HOH 25  376 26  HOH HOH A . 
C 3 HOH 26  377 27  HOH HOH A . 
C 3 HOH 27  378 28  HOH HOH A . 
C 3 HOH 28  379 29  HOH HOH A . 
C 3 HOH 29  380 30  HOH HOH A . 
C 3 HOH 30  381 31  HOH HOH A . 
C 3 HOH 31  382 32  HOH HOH A . 
C 3 HOH 32  383 33  HOH HOH A . 
C 3 HOH 33  384 34  HOH HOH A . 
C 3 HOH 34  385 35  HOH HOH A . 
C 3 HOH 35  386 36  HOH HOH A . 
C 3 HOH 36  387 37  HOH HOH A . 
C 3 HOH 37  388 38  HOH HOH A . 
C 3 HOH 38  389 39  HOH HOH A . 
C 3 HOH 39  390 40  HOH HOH A . 
C 3 HOH 40  391 41  HOH HOH A . 
C 3 HOH 41  392 42  HOH HOH A . 
C 3 HOH 42  393 43  HOH HOH A . 
C 3 HOH 43  394 44  HOH HOH A . 
C 3 HOH 44  395 45  HOH HOH A . 
C 3 HOH 45  396 46  HOH HOH A . 
C 3 HOH 46  397 47  HOH HOH A . 
C 3 HOH 47  398 48  HOH HOH A . 
C 3 HOH 48  399 49  HOH HOH A . 
C 3 HOH 49  400 50  HOH HOH A . 
C 3 HOH 50  401 51  HOH HOH A . 
C 3 HOH 51  402 52  HOH HOH A . 
C 3 HOH 52  403 53  HOH HOH A . 
C 3 HOH 53  404 54  HOH HOH A . 
C 3 HOH 54  405 55  HOH HOH A . 
C 3 HOH 55  406 56  HOH HOH A . 
C 3 HOH 56  407 57  HOH HOH A . 
C 3 HOH 57  408 58  HOH HOH A . 
C 3 HOH 58  409 59  HOH HOH A . 
C 3 HOH 59  410 60  HOH HOH A . 
C 3 HOH 60  411 61  HOH HOH A . 
C 3 HOH 61  412 62  HOH HOH A . 
C 3 HOH 62  413 63  HOH HOH A . 
C 3 HOH 63  414 64  HOH HOH A . 
C 3 HOH 64  415 65  HOH HOH A . 
C 3 HOH 65  416 66  HOH HOH A . 
C 3 HOH 66  417 67  HOH HOH A . 
C 3 HOH 67  418 68  HOH HOH A . 
C 3 HOH 68  419 69  HOH HOH A . 
C 3 HOH 69  420 70  HOH HOH A . 
C 3 HOH 70  421 71  HOH HOH A . 
C 3 HOH 71  422 72  HOH HOH A . 
C 3 HOH 72  423 73  HOH HOH A . 
C 3 HOH 73  424 74  HOH HOH A . 
C 3 HOH 74  425 75  HOH HOH A . 
C 3 HOH 75  426 76  HOH HOH A . 
C 3 HOH 76  427 77  HOH HOH A . 
C 3 HOH 77  428 78  HOH HOH A . 
C 3 HOH 78  429 79  HOH HOH A . 
C 3 HOH 79  430 80  HOH HOH A . 
C 3 HOH 80  431 81  HOH HOH A . 
C 3 HOH 81  432 82  HOH HOH A . 
C 3 HOH 82  433 83  HOH HOH A . 
C 3 HOH 83  434 84  HOH HOH A . 
C 3 HOH 84  435 85  HOH HOH A . 
C 3 HOH 85  436 86  HOH HOH A . 
C 3 HOH 86  437 87  HOH HOH A . 
C 3 HOH 87  438 88  HOH HOH A . 
C 3 HOH 88  439 89  HOH HOH A . 
C 3 HOH 89  440 90  HOH HOH A . 
C 3 HOH 90  441 91  HOH HOH A . 
C 3 HOH 91  442 92  HOH HOH A . 
C 3 HOH 92  443 93  HOH HOH A . 
C 3 HOH 93  444 94  HOH HOH A . 
C 3 HOH 94  445 95  HOH HOH A . 
C 3 HOH 95  446 96  HOH HOH A . 
C 3 HOH 96  447 97  HOH HOH A . 
C 3 HOH 97  448 98  HOH HOH A . 
C 3 HOH 98  449 99  HOH HOH A . 
C 3 HOH 99  450 100 HOH HOH A . 
C 3 HOH 100 451 101 HOH HOH A . 
C 3 HOH 101 452 102 HOH HOH A . 
C 3 HOH 102 453 103 HOH HOH A . 
C 3 HOH 103 454 104 HOH HOH A . 
C 3 HOH 104 455 105 HOH HOH A . 
C 3 HOH 105 456 106 HOH HOH A . 
C 3 HOH 106 457 107 HOH HOH A . 
C 3 HOH 107 458 108 HOH HOH A . 
C 3 HOH 108 459 109 HOH HOH A . 
C 3 HOH 109 460 110 HOH HOH A . 
C 3 HOH 110 461 111 HOH HOH A . 
C 3 HOH 111 462 112 HOH HOH A . 
C 3 HOH 112 463 113 HOH HOH A . 
C 3 HOH 113 464 114 HOH HOH A . 
C 3 HOH 114 465 115 HOH HOH A . 
C 3 HOH 115 466 116 HOH HOH A . 
C 3 HOH 116 467 117 HOH HOH A . 
C 3 HOH 117 468 118 HOH HOH A . 
C 3 HOH 118 469 119 HOH HOH A . 
C 3 HOH 119 470 120 HOH HOH A . 
C 3 HOH 120 471 121 HOH HOH A . 
C 3 HOH 121 472 122 HOH HOH A . 
C 3 HOH 122 473 123 HOH HOH A . 
C 3 HOH 123 474 124 HOH HOH A . 
C 3 HOH 124 475 125 HOH HOH A . 
C 3 HOH 125 476 126 HOH HOH A . 
C 3 HOH 126 477 127 HOH HOH A . 
C 3 HOH 127 478 128 HOH HOH A . 
C 3 HOH 128 479 129 HOH HOH A . 
C 3 HOH 129 480 130 HOH HOH A . 
C 3 HOH 130 481 131 HOH HOH A . 
C 3 HOH 131 482 132 HOH HOH A . 
C 3 HOH 132 483 133 HOH HOH A . 
C 3 HOH 133 484 134 HOH HOH A . 
C 3 HOH 134 485 135 HOH HOH A . 
C 3 HOH 135 486 136 HOH HOH A . 
C 3 HOH 136 487 137 HOH HOH A . 
C 3 HOH 137 488 138 HOH HOH A . 
C 3 HOH 138 489 139 HOH HOH A . 
C 3 HOH 139 490 140 HOH HOH A . 
C 3 HOH 140 491 141 HOH HOH A . 
C 3 HOH 141 492 142 HOH HOH A . 
C 3 HOH 142 493 143 HOH HOH A . 
C 3 HOH 143 494 144 HOH HOH A . 
C 3 HOH 144 495 145 HOH HOH A . 
C 3 HOH 145 496 146 HOH HOH A . 
C 3 HOH 146 497 147 HOH HOH A . 
C 3 HOH 147 498 148 HOH HOH A . 
C 3 HOH 148 499 149 HOH HOH A . 
C 3 HOH 149 500 150 HOH HOH A . 
C 3 HOH 150 501 151 HOH HOH A . 
C 3 HOH 151 502 152 HOH HOH A . 
C 3 HOH 152 503 153 HOH HOH A . 
C 3 HOH 153 504 154 HOH HOH A . 
C 3 HOH 154 505 155 HOH HOH A . 
C 3 HOH 155 506 156 HOH HOH A . 
C 3 HOH 156 507 157 HOH HOH A . 
C 3 HOH 157 508 158 HOH HOH A . 
C 3 HOH 158 509 159 HOH HOH A . 
C 3 HOH 159 510 160 HOH HOH A . 
C 3 HOH 160 511 161 HOH HOH A . 
C 3 HOH 161 512 162 HOH HOH A . 
C 3 HOH 162 513 163 HOH HOH A . 
C 3 HOH 163 514 164 HOH HOH A . 
C 3 HOH 164 515 165 HOH HOH A . 
C 3 HOH 165 516 166 HOH HOH A . 
C 3 HOH 166 517 167 HOH HOH A . 
C 3 HOH 167 518 168 HOH HOH A . 
C 3 HOH 168 519 169 HOH HOH A . 
C 3 HOH 169 520 170 HOH HOH A . 
C 3 HOH 170 521 171 HOH HOH A . 
C 3 HOH 171 522 172 HOH HOH A . 
C 3 HOH 172 523 173 HOH HOH A . 
C 3 HOH 173 524 174 HOH HOH A . 
C 3 HOH 174 525 175 HOH HOH A . 
C 3 HOH 175 526 176 HOH HOH A . 
C 3 HOH 176 527 177 HOH HOH A . 
C 3 HOH 177 528 178 HOH HOH A . 
C 3 HOH 178 529 179 HOH HOH A . 
C 3 HOH 179 530 180 HOH HOH A . 
C 3 HOH 180 531 181 HOH HOH A . 
C 3 HOH 181 532 182 HOH HOH A . 
C 3 HOH 182 533 183 HOH HOH A . 
C 3 HOH 183 534 184 HOH HOH A . 
C 3 HOH 184 535 185 HOH HOH A . 
C 3 HOH 185 536 186 HOH HOH A . 
C 3 HOH 186 537 187 HOH HOH A . 
C 3 HOH 187 538 188 HOH HOH A . 
C 3 HOH 188 539 189 HOH HOH A . 
C 3 HOH 189 540 190 HOH HOH A . 
C 3 HOH 190 541 191 HOH HOH A . 
C 3 HOH 191 542 192 HOH HOH A . 
C 3 HOH 192 543 193 HOH HOH A . 
C 3 HOH 193 544 194 HOH HOH A . 
C 3 HOH 194 545 195 HOH HOH A . 
C 3 HOH 195 546 196 HOH HOH A . 
C 3 HOH 196 547 197 HOH HOH A . 
C 3 HOH 197 548 198 HOH HOH A . 
C 3 HOH 198 549 199 HOH HOH A . 
C 3 HOH 199 550 200 HOH HOH A . 
C 3 HOH 200 551 201 HOH HOH A . 
C 3 HOH 201 552 202 HOH HOH A . 
C 3 HOH 202 553 203 HOH HOH A . 
C 3 HOH 203 554 204 HOH HOH A . 
C 3 HOH 204 555 205 HOH HOH A . 
C 3 HOH 205 556 206 HOH HOH A . 
C 3 HOH 206 557 207 HOH HOH A . 
C 3 HOH 207 558 208 HOH HOH A . 
C 3 HOH 208 559 209 HOH HOH A . 
C 3 HOH 209 560 210 HOH HOH A . 
C 3 HOH 210 561 211 HOH HOH A . 
C 3 HOH 211 562 212 HOH HOH A . 
C 3 HOH 212 563 213 HOH HOH A . 
C 3 HOH 213 564 214 HOH HOH A . 
C 3 HOH 214 565 215 HOH HOH A . 
C 3 HOH 215 566 216 HOH HOH A . 
C 3 HOH 216 567 217 HOH HOH A . 
C 3 HOH 217 568 218 HOH HOH A . 
C 3 HOH 218 569 219 HOH HOH A . 
C 3 HOH 219 570 220 HOH HOH A . 
C 3 HOH 220 571 221 HOH HOH A . 
C 3 HOH 221 572 222 HOH HOH A . 
C 3 HOH 222 573 223 HOH HOH A . 
C 3 HOH 223 574 224 HOH HOH A . 
C 3 HOH 224 575 225 HOH HOH A . 
C 3 HOH 225 576 226 HOH HOH A . 
C 3 HOH 226 577 227 HOH HOH A . 
C 3 HOH 227 578 228 HOH HOH A . 
C 3 HOH 228 579 229 HOH HOH A . 
C 3 HOH 229 580 230 HOH HOH A . 
C 3 HOH 230 581 231 HOH HOH A . 
C 3 HOH 231 582 232 HOH HOH A . 
C 3 HOH 232 583 233 HOH HOH A . 
C 3 HOH 233 584 234 HOH HOH A . 
C 3 HOH 234 585 235 HOH HOH A . 
C 3 HOH 235 586 236 HOH HOH A . 
C 3 HOH 236 587 237 HOH HOH A . 
C 3 HOH 237 588 238 HOH HOH A . 
C 3 HOH 238 589 239 HOH HOH A . 
C 3 HOH 239 590 240 HOH HOH A . 
C 3 HOH 240 591 241 HOH HOH A . 
C 3 HOH 241 592 242 HOH HOH A . 
C 3 HOH 242 593 243 HOH HOH A . 
C 3 HOH 243 594 244 HOH HOH A . 
C 3 HOH 244 595 245 HOH HOH A . 
C 3 HOH 245 596 246 HOH HOH A . 
C 3 HOH 246 597 247 HOH HOH A . 
C 3 HOH 247 598 248 HOH HOH A . 
C 3 HOH 248 599 249 HOH HOH A . 
C 3 HOH 249 600 250 HOH HOH A . 
C 3 HOH 250 601 251 HOH HOH A . 
C 3 HOH 251 602 252 HOH HOH A . 
C 3 HOH 252 603 253 HOH HOH A . 
C 3 HOH 253 604 254 HOH HOH A . 
C 3 HOH 254 605 255 HOH HOH A . 
C 3 HOH 255 606 256 HOH HOH A . 
C 3 HOH 256 607 257 HOH HOH A . 
C 3 HOH 257 608 258 HOH HOH A . 
C 3 HOH 258 609 259 HOH HOH A . 
C 3 HOH 259 610 260 HOH HOH A . 
C 3 HOH 260 611 261 HOH HOH A . 
C 3 HOH 261 612 262 HOH HOH A . 
C 3 HOH 262 613 263 HOH HOH A . 
C 3 HOH 263 614 264 HOH HOH A . 
C 3 HOH 264 615 266 HOH HOH A . 
C 3 HOH 265 616 267 HOH HOH A . 
C 3 HOH 266 617 268 HOH HOH A . 
C 3 HOH 267 618 269 HOH HOH A . 
C 3 HOH 268 619 270 HOH HOH A . 
C 3 HOH 269 620 271 HOH HOH A . 
C 3 HOH 270 621 272 HOH HOH A . 
C 3 HOH 271 622 273 HOH HOH A . 
C 3 HOH 272 623 274 HOH HOH A . 
C 3 HOH 273 624 275 HOH HOH A . 
C 3 HOH 274 625 276 HOH HOH A . 
C 3 HOH 275 626 277 HOH HOH A . 
C 3 HOH 276 627 278 HOH HOH A . 
C 3 HOH 277 628 279 HOH HOH A . 
C 3 HOH 278 629 280 HOH HOH A . 
C 3 HOH 279 630 281 HOH HOH A . 
C 3 HOH 280 631 282 HOH HOH A . 
C 3 HOH 281 632 283 HOH HOH A . 
C 3 HOH 282 633 284 HOH HOH A . 
C 3 HOH 283 634 285 HOH HOH A . 
C 3 HOH 284 635 286 HOH HOH A . 
C 3 HOH 285 636 287 HOH HOH A . 
C 3 HOH 286 637 288 HOH HOH A . 
C 3 HOH 287 638 289 HOH HOH A . 
C 3 HOH 288 639 290 HOH HOH A . 
C 3 HOH 289 640 291 HOH HOH A . 
C 3 HOH 290 641 292 HOH HOH A . 
C 3 HOH 291 642 293 HOH HOH A . 
C 3 HOH 292 643 294 HOH HOH A . 
C 3 HOH 293 644 295 HOH HOH A . 
C 3 HOH 294 645 296 HOH HOH A . 
C 3 HOH 295 646 297 HOH HOH A . 
C 3 HOH 296 647 298 HOH HOH A . 
# 
loop_
_software.name 
_software.classification 
_software.version 
_software.citation_id 
_software.pdbx_ordinal 
SCALE     'data collection' . ? 1 
SCALEPACK 'data scaling'    . ? 2 
MADSYS    phasing           . ? 3 
CNS       refinement        . ? 4 
SCALE     'data reduction'  . ? 5 
# 
_cell.entry_id           1JBK 
_cell.length_a           38.488 
_cell.length_b           65.686 
_cell.length_c           79.087 
_cell.angle_alpha        90.00 
_cell.angle_beta         90.00 
_cell.angle_gamma        90.00 
_cell.Z_PDB              4 
_cell.pdbx_unique_axis   ? 
# 
_symmetry.entry_id                         1JBK 
_symmetry.space_group_name_H-M             'P 21 21 21' 
_symmetry.pdbx_full_space_group_name_H-M   ? 
_symmetry.cell_setting                     ? 
_symmetry.Int_Tables_number                19 
_symmetry.space_group_name_Hall            ? 
# 
_exptl.entry_id          1JBK 
_exptl.method            'X-RAY DIFFRACTION' 
_exptl.crystals_number   1 
# 
_exptl_crystal.id                    1 
_exptl_crystal.density_meas          ? 
_exptl_crystal.density_Matthews      2.32 
_exptl_crystal.density_percent_sol   47.01 
_exptl_crystal.description           ? 
_exptl_crystal.F_000                 ? 
_exptl_crystal.preparation           ? 
# 
_exptl_crystal_grow.crystal_id      1 
_exptl_crystal_grow.method          'VAPOR DIFFUSION, HANGING DROP' 
_exptl_crystal_grow.temp            298 
_exptl_crystal_grow.temp_details    ? 
_exptl_crystal_grow.pH              7.5 
_exptl_crystal_grow.pdbx_details    'ammonium sulfate, pH 7.5, VAPOR DIFFUSION, HANGING DROP, temperature 298K' 
_exptl_crystal_grow.pdbx_pH_range   . 
# 
loop_
_diffrn.id 
_diffrn.ambient_temp 
_diffrn.ambient_temp_details 
_diffrn.crystal_id 
1 100 ? 1 
2 ?   ? 1 
# 
_diffrn_detector.diffrn_id              1 
_diffrn_detector.detector               CCD 
_diffrn_detector.type                   'ADSC QUANTUM 4' 
_diffrn_detector.pdbx_collection_date   2001-01-01 
_diffrn_detector.details                ? 
# 
_diffrn_radiation.diffrn_id                        1 
_diffrn_radiation.wavelength_id                    1 
_diffrn_radiation.pdbx_monochromatic_or_laue_m_l   M 
_diffrn_radiation.monochromator                    'SAGITALLY FOCUSED Si(111)' 
_diffrn_radiation.pdbx_diffrn_protocol             MAD 
_diffrn_radiation.pdbx_scattering_type             x-ray 
# 
loop_
_diffrn_radiation_wavelength.id 
_diffrn_radiation_wavelength.wavelength 
_diffrn_radiation_wavelength.wt 
1 0.9786 1.0 
2 0.9784 1.0 
3 0.9632 1.0 
4 0.9941 1.0 
5 1.0    1.0 
# 
loop_
_diffrn_source.diffrn_id 
_diffrn_source.source 
_diffrn_source.type 
_diffrn_source.pdbx_synchrotron_site 
_diffrn_source.pdbx_synchrotron_beamline 
_diffrn_source.pdbx_wavelength 
_diffrn_source.pdbx_wavelength_list 
1 SYNCHROTRON 'APS BEAMLINE 14-BM-C' APS 14-BM-C ? '0.9786, 0.9784, 0.9632, 0.9941' 
2 SYNCHROTRON 'APS BEAMLINE 14-BM-D' APS 14-BM-D ? 1.0                              
# 
_reflns.entry_id                     1JBK 
_reflns.observed_criterion_sigma_I   0 
_reflns.observed_criterion_sigma_F   0 
_reflns.d_resolution_low             30 
_reflns.d_resolution_high            1.8 
_reflns.number_obs                   19159 
_reflns.number_all                   19159 
_reflns.percent_possible_obs         ? 
_reflns.pdbx_Rmerge_I_obs            0.039 
_reflns.pdbx_Rsym_value              ? 
_reflns.pdbx_netI_over_sigmaI        32.6 
_reflns.B_iso_Wilson_estimate        20 
_reflns.pdbx_redundancy              4.2 
_reflns.R_free_details               ? 
_reflns.limit_h_max                  ? 
_reflns.limit_h_min                  ? 
_reflns.limit_k_max                  ? 
_reflns.limit_k_min                  ? 
_reflns.limit_l_max                  ? 
_reflns.limit_l_min                  ? 
_reflns.observed_criterion_F_max     ? 
_reflns.observed_criterion_F_min     ? 
_reflns.pdbx_chi_squared             ? 
_reflns.pdbx_scaling_rejects         ? 
_reflns.pdbx_diffrn_id               1 
_reflns.pdbx_ordinal                 1 
# 
_reflns_shell.d_res_high             1.8 
_reflns_shell.d_res_low              1.88 
_reflns_shell.percent_possible_all   96.3 
_reflns_shell.Rmerge_I_obs           0.142 
_reflns_shell.pdbx_Rsym_value        0.142 
_reflns_shell.meanI_over_sigI_obs    11.9 
_reflns_shell.pdbx_redundancy        5.2 
_reflns_shell.percent_possible_obs   ? 
_reflns_shell.number_unique_all      ? 
_reflns_shell.number_measured_all    ? 
_reflns_shell.number_measured_obs    ? 
_reflns_shell.number_unique_obs      ? 
_reflns_shell.pdbx_chi_squared       ? 
_reflns_shell.pdbx_diffrn_id         ? 
_reflns_shell.pdbx_ordinal           1 
# 
_refine.entry_id                                 1JBK 
_refine.ls_number_reflns_obs                     13559 
_refine.ls_number_reflns_all                     13559 
_refine.pdbx_ls_sigma_I                          0 
_refine.pdbx_ls_sigma_F                          0 
_refine.pdbx_data_cutoff_high_absF               ? 
_refine.pdbx_data_cutoff_low_absF                ? 
_refine.ls_d_res_low                             30 
_refine.ls_d_res_high                            1.8 
_refine.ls_percent_reflns_obs                    ? 
_refine.ls_R_factor_obs                          0.225 
_refine.ls_R_factor_all                          0.225 
_refine.ls_R_factor_R_work                       0.222 
_refine.ls_R_factor_R_free                       0.247 
_refine.ls_R_factor_R_free_error                 ? 
_refine.ls_R_factor_R_free_error_details         ? 
_refine.ls_percent_reflns_R_free                 ? 
_refine.ls_number_reflns_R_free                  1107 
_refine.ls_number_parameters                     ? 
_refine.ls_number_restraints                     ? 
_refine.occupancy_min                            ? 
_refine.occupancy_max                            ? 
_refine.B_iso_mean                               ? 
_refine.aniso_B[1][1]                            ? 
_refine.aniso_B[2][2]                            ? 
_refine.aniso_B[3][3]                            ? 
_refine.aniso_B[1][2]                            ? 
_refine.aniso_B[1][3]                            ? 
_refine.aniso_B[2][3]                            ? 
_refine.solvent_model_details                    ? 
_refine.solvent_model_param_ksol                 ? 
_refine.solvent_model_param_bsol                 ? 
_refine.pdbx_ls_cross_valid_method               ? 
_refine.details                                  ? 
_refine.pdbx_starting_model                      ? 
_refine.pdbx_method_to_determine_struct          MAD 
_refine.pdbx_isotropic_thermal_model             ? 
_refine.pdbx_stereochemistry_target_values       'Engh & Huber' 
_refine.pdbx_stereochem_target_val_spec_case     ? 
_refine.pdbx_R_Free_selection_details            random 
_refine.pdbx_overall_ESU_R_Free                  ? 
_refine.overall_SU_B                             ? 
_refine.ls_redundancy_reflns_obs                 ? 
_refine.B_iso_min                                ? 
_refine.B_iso_max                                ? 
_refine.correlation_coeff_Fo_to_Fc               ? 
_refine.overall_SU_R_Cruickshank_DPI             ? 
_refine.overall_SU_R_free                        ? 
_refine.overall_SU_ML                            ? 
_refine.pdbx_overall_ESU_R                       ? 
_refine.pdbx_data_cutoff_high_rms_absF           ? 
_refine.correlation_coeff_Fo_to_Fc_free          ? 
_refine.pdbx_solvent_vdw_probe_radii             ? 
_refine.pdbx_solvent_ion_probe_radii             ? 
_refine.pdbx_solvent_shrinkage_radii             ? 
_refine.ls_wR_factor_R_free                      ? 
_refine.ls_wR_factor_R_work                      ? 
_refine.overall_FOM_free_R_set                   ? 
_refine.overall_FOM_work_R_set                   ? 
_refine.pdbx_refine_id                           'X-RAY DIFFRACTION' 
_refine.pdbx_diffrn_id                           1 
_refine.pdbx_TLS_residual_ADP_flag               ? 
_refine.pdbx_overall_phase_error                 ? 
_refine.pdbx_overall_SU_R_free_Cruickshank_DPI   ? 
_refine.pdbx_overall_SU_R_Blow_DPI               ? 
_refine.pdbx_overall_SU_R_free_Blow_DPI          ? 
# 
_refine_analyze.entry_id                        1JBK 
_refine_analyze.Luzzati_coordinate_error_obs    0.21 
_refine_analyze.Luzzati_sigma_a_obs             0.10 
_refine_analyze.Luzzati_d_res_low_obs           5 
_refine_analyze.Luzzati_coordinate_error_free   ? 
_refine_analyze.Luzzati_sigma_a_free            ? 
_refine_analyze.Luzzati_d_res_low_free          ? 
_refine_analyze.number_disordered_residues      ? 
_refine_analyze.occupancy_sum_hydrogen          ? 
_refine_analyze.occupancy_sum_non_hydrogen      ? 
_refine_analyze.pdbx_Luzzati_d_res_high_obs     ? 
_refine_analyze.pdbx_refine_id                  'X-RAY DIFFRACTION' 
# 
_refine_hist.pdbx_refine_id                   'X-RAY DIFFRACTION' 
_refine_hist.cycle_id                         LAST 
_refine_hist.pdbx_number_atoms_protein        1475 
_refine_hist.pdbx_number_atoms_nucleic_acid   0 
_refine_hist.pdbx_number_atoms_ligand         1 
_refine_hist.number_atoms_solvent             296 
_refine_hist.number_atoms_total               1772 
_refine_hist.d_res_high                       1.8 
_refine_hist.d_res_low                        30 
# 
loop_
_refine_ls_restr.type 
_refine_ls_restr.dev_ideal 
_refine_ls_restr.dev_ideal_target 
_refine_ls_restr.weight 
_refine_ls_restr.number 
_refine_ls_restr.pdbx_refine_id 
_refine_ls_restr.pdbx_restraint_function 
c_angle_deg        1.3   ? ? ? 'X-RAY DIFFRACTION' ? 
c_dihedral_angle_d 22.4  ? ? ? 'X-RAY DIFFRACTION' ? 
c_improper_angle_d 0.71  ? ? ? 'X-RAY DIFFRACTION' ? 
c_bond_d           0.005 ? ? ? 'X-RAY DIFFRACTION' ? 
# 
_struct.entry_id                  1JBK 
_struct.title                     'Crystal Structure of the First Nucelotide Binding Domain of ClpB' 
_struct.pdbx_model_details        ? 
_struct.pdbx_CASP_flag            ? 
_struct.pdbx_model_type_details   ? 
# 
_struct_keywords.entry_id        1JBK 
_struct_keywords.pdbx_keywords   CHAPERONE 
_struct_keywords.text            'Beta barrel, CHAPERONE' 
# 
loop_
_struct_asym.id 
_struct_asym.pdbx_blank_PDB_chainid_flag 
_struct_asym.pdbx_modified 
_struct_asym.entity_id 
_struct_asym.details 
A N N 1 ? 
B N N 2 ? 
C N N 3 ? 
# 
_struct_ref.id                         1 
_struct_ref.db_name                    UNP 
_struct_ref.db_code                    CLPB_ECOLI 
_struct_ref.entity_id                  1 
_struct_ref.pdbx_db_accession          P63284 
_struct_ref.pdbx_align_begin           159 
_struct_ref.pdbx_seq_one_letter_code   
;QALKKYTIDLTERAEQGKLDPVIGRDEEIRRTIQVLQRRTKNNPVLIGEPGVGKTAIVEGLAQRIINGEVPEGLKGRRVL
ALDMGALVAGAKYRGEFEERLKGVLNDLAKQEGNVILFIDELHTMVGAGKADGAMDAGNMLKPALARGELHCVGATTLDE
YRQYIEKDAALERRFQKVFVAEPSVEDTIAILR
;
_struct_ref.pdbx_db_isoform            ? 
# 
_struct_ref_seq.align_id                      1 
_struct_ref_seq.ref_id                        1 
_struct_ref_seq.pdbx_PDB_id_code              1JBK 
_struct_ref_seq.pdbx_strand_id                A 
_struct_ref_seq.seq_align_beg                 3 
_struct_ref_seq.pdbx_seq_align_beg_ins_code   ? 
_struct_ref_seq.seq_align_end                 195 
_struct_ref_seq.pdbx_seq_align_end_ins_code   ? 
_struct_ref_seq.pdbx_db_accession             P63284 
_struct_ref_seq.db_align_beg                  159 
_struct_ref_seq.pdbx_db_align_beg_ins_code    ? 
_struct_ref_seq.db_align_end                  351 
_struct_ref_seq.pdbx_db_align_end_ins_code    ? 
_struct_ref_seq.pdbx_auth_seq_align_beg       159 
_struct_ref_seq.pdbx_auth_seq_align_end       351 
# 
loop_
_struct_ref_seq_dif.align_id 
_struct_ref_seq_dif.pdbx_pdb_id_code 
_struct_ref_seq_dif.mon_id 
_struct_ref_seq_dif.pdbx_pdb_strand_id 
_struct_ref_seq_dif.seq_num 
_struct_ref_seq_dif.pdbx_pdb_ins_code 
_struct_ref_seq_dif.pdbx_seq_db_name 
_struct_ref_seq_dif.pdbx_seq_db_accession_code 
_struct_ref_seq_dif.db_mon_id 
_struct_ref_seq_dif.pdbx_seq_db_seq_num 
_struct_ref_seq_dif.details 
_struct_ref_seq_dif.pdbx_auth_seq_num 
_struct_ref_seq_dif.pdbx_ordinal 
1 1JBK HIS A 1 ? UNP P63284 ? ? 'expression tag' 157 1 
1 1JBK MET A 2 ? UNP P63284 ? ? 'expression tag' 158 2 
# 
_pdbx_struct_assembly.id                   1 
_pdbx_struct_assembly.details              author_defined_assembly 
_pdbx_struct_assembly.method_details       ? 
_pdbx_struct_assembly.oligomeric_details   monomeric 
_pdbx_struct_assembly.oligomeric_count     1 
# 
_pdbx_struct_assembly_gen.assembly_id       1 
_pdbx_struct_assembly_gen.oper_expression   1 
_pdbx_struct_assembly_gen.asym_id_list      A,B,C 
# 
_pdbx_struct_oper_list.id                   1 
_pdbx_struct_oper_list.type                 'identity operation' 
_pdbx_struct_oper_list.name                 1_555 
_pdbx_struct_oper_list.symmetry_operation   x,y,z 
_pdbx_struct_oper_list.matrix[1][1]         1.0000000000 
_pdbx_struct_oper_list.matrix[1][2]         0.0000000000 
_pdbx_struct_oper_list.matrix[1][3]         0.0000000000 
_pdbx_struct_oper_list.vector[1]            0.0000000000 
_pdbx_struct_oper_list.matrix[2][1]         0.0000000000 
_pdbx_struct_oper_list.matrix[2][2]         1.0000000000 
_pdbx_struct_oper_list.matrix[2][3]         0.0000000000 
_pdbx_struct_oper_list.vector[2]            0.0000000000 
_pdbx_struct_oper_list.matrix[3][1]         0.0000000000 
_pdbx_struct_oper_list.matrix[3][2]         0.0000000000 
_pdbx_struct_oper_list.matrix[3][3]         1.0000000000 
_pdbx_struct_oper_list.vector[3]            0.0000000000 
# 
_struct_biol.id                    1 
_struct_biol.pdbx_parent_biol_id   ? 
_struct_biol.details               ? 
# 
loop_
_struct_conf.conf_type_id 
_struct_conf.id 
_struct_conf.pdbx_PDB_helix_id 
_struct_conf.beg_label_comp_id 
_struct_conf.beg_label_asym_id 
_struct_conf.beg_label_seq_id 
_struct_conf.pdbx_beg_PDB_ins_code 
_struct_conf.end_label_comp_id 
_struct_conf.end_label_asym_id 
_struct_conf.end_label_seq_id 
_struct_conf.pdbx_end_PDB_ins_code 
_struct_conf.beg_auth_comp_id 
_struct_conf.beg_auth_asym_id 
_struct_conf.beg_auth_seq_id 
_struct_conf.end_auth_comp_id 
_struct_conf.end_auth_asym_id 
_struct_conf.end_auth_seq_id 
_struct_conf.pdbx_PDB_helix_class 
_struct_conf.details 
_struct_conf.pdbx_PDB_helix_length 
HELX_P HELX_P1  1  MET A 2   ? TYR A 8   ? MET A 158 TYR A 164 1 ? 7  
HELX_P HELX_P2  2  LEU A 12  ? GLN A 18  ? LEU A 168 GLN A 174 1 ? 7  
HELX_P HELX_P3  3  ARG A 27  ? GLN A 39  ? ARG A 183 GLN A 195 1 ? 13 
HELX_P HELX_P4  4  GLY A 55  ? GLY A 70  ? GLY A 211 GLY A 226 1 ? 16 
HELX_P HELX_P5  5  PRO A 73  ? LYS A 77  ? PRO A 229 LYS A 233 5 ? 5  
HELX_P HELX_P6  6  ASP A 85  ? ALA A 91  ? ASP A 241 ALA A 247 1 ? 7  
HELX_P HELX_P7  7  TYR A 95  ? GLN A 113 ? TYR A 251 GLN A 269 1 ? 19 
HELX_P HELX_P8  8  LEU A 124 ? VAL A 128 ? LEU A 280 VAL A 284 5 ? 5  
HELX_P HELX_P9  9  ALA A 139 ? ARG A 149 ? ALA A 295 ARG A 305 1 ? 11 
HELX_P HELX_P10 10 THR A 159 ? ILE A 167 ? THR A 315 ILE A 323 1 ? 9  
HELX_P HELX_P11 11 ASP A 170 ? ARG A 175 ? ASP A 326 ARG A 331 1 ? 6  
HELX_P HELX_P12 12 SER A 186 ? ALA A 192 ? SER A 342 ALA A 348 1 ? 7  
# 
_struct_conf_type.id          HELX_P 
_struct_conf_type.criteria    ? 
_struct_conf_type.reference   ? 
# 
_struct_sheet.id               A 
_struct_sheet.type             ? 
_struct_sheet.number_strands   6 
_struct_sheet.details          ? 
# 
loop_
_struct_sheet_order.sheet_id 
_struct_sheet_order.range_id_1 
_struct_sheet_order.range_id_2 
_struct_sheet_order.offset 
_struct_sheet_order.sense 
A 1 2 ? anti-parallel 
A 2 3 ? parallel      
A 3 4 ? parallel      
A 4 5 ? parallel      
A 5 6 ? parallel      
# 
loop_
_struct_sheet_range.sheet_id 
_struct_sheet_range.id 
_struct_sheet_range.beg_label_comp_id 
_struct_sheet_range.beg_label_asym_id 
_struct_sheet_range.beg_label_seq_id 
_struct_sheet_range.pdbx_beg_PDB_ins_code 
_struct_sheet_range.end_label_comp_id 
_struct_sheet_range.end_label_asym_id 
_struct_sheet_range.end_label_seq_id 
_struct_sheet_range.pdbx_end_PDB_ins_code 
_struct_sheet_range.beg_auth_comp_id 
_struct_sheet_range.beg_auth_asym_id 
_struct_sheet_range.beg_auth_seq_id 
_struct_sheet_range.end_auth_comp_id 
_struct_sheet_range.end_auth_asym_id 
_struct_sheet_range.end_auth_seq_id 
A 1 THR A 9   ? ASP A 11  ? THR A 165 ASP A 167 
A 2 ARG A 80  ? LEU A 84  ? ARG A 236 LEU A 240 
A 3 VAL A 117 ? ASP A 122 ? VAL A 273 ASP A 278 
A 4 CYS A 154 ? THR A 158 ? CYS A 310 THR A 314 
A 5 ASN A 45  ? ILE A 49  ? ASN A 201 ILE A 205 
A 6 PHE A 177 ? PHE A 181 ? PHE A 333 PHE A 337 
# 
loop_
_pdbx_struct_sheet_hbond.sheet_id 
_pdbx_struct_sheet_hbond.range_id_1 
_pdbx_struct_sheet_hbond.range_id_2 
_pdbx_struct_sheet_hbond.range_1_label_atom_id 
_pdbx_struct_sheet_hbond.range_1_label_comp_id 
_pdbx_struct_sheet_hbond.range_1_label_asym_id 
_pdbx_struct_sheet_hbond.range_1_label_seq_id 
_pdbx_struct_sheet_hbond.range_1_PDB_ins_code 
_pdbx_struct_sheet_hbond.range_1_auth_atom_id 
_pdbx_struct_sheet_hbond.range_1_auth_comp_id 
_pdbx_struct_sheet_hbond.range_1_auth_asym_id 
_pdbx_struct_sheet_hbond.range_1_auth_seq_id 
_pdbx_struct_sheet_hbond.range_2_label_atom_id 
_pdbx_struct_sheet_hbond.range_2_label_comp_id 
_pdbx_struct_sheet_hbond.range_2_label_asym_id 
_pdbx_struct_sheet_hbond.range_2_label_seq_id 
_pdbx_struct_sheet_hbond.range_2_PDB_ins_code 
_pdbx_struct_sheet_hbond.range_2_auth_atom_id 
_pdbx_struct_sheet_hbond.range_2_auth_comp_id 
_pdbx_struct_sheet_hbond.range_2_auth_asym_id 
_pdbx_struct_sheet_hbond.range_2_auth_seq_id 
A 1 2 O ILE A 10  ? O ILE A 166 N ALA A 83  ? N ALA A 239 
A 2 3 O ARG A 80  ? O ARG A 236 N ILE A 118 ? N ILE A 274 
A 3 4 N ILE A 121 ? N ILE A 277 O VAL A 155 ? O VAL A 311 
A 4 5 N GLY A 156 ? N GLY A 312 O PRO A 46  ? O PRO A 202 
A 5 6 N VAL A 47  ? N VAL A 203 O GLN A 178 ? O GLN A 334 
# 
_struct_site.id                   AC1 
_struct_site.pdbx_evidence_code   Software 
_struct_site.pdbx_auth_asym_id    A 
_struct_site.pdbx_auth_comp_id    MG 
_struct_site.pdbx_auth_seq_id     1 
_struct_site.pdbx_auth_ins_code   ? 
_struct_site.pdbx_num_residues    3 
_struct_site.details              'BINDING SITE FOR RESIDUE MG A 1' 
# 
loop_
_struct_site_gen.id 
_struct_site_gen.site_id 
_struct_site_gen.pdbx_num_res 
_struct_site_gen.label_comp_id 
_struct_site_gen.label_asym_id 
_struct_site_gen.label_seq_id 
_struct_site_gen.pdbx_auth_ins_code 
_struct_site_gen.auth_comp_id 
_struct_site_gen.auth_asym_id 
_struct_site_gen.auth_seq_id 
_struct_site_gen.label_atom_id 
_struct_site_gen.label_alt_id 
_struct_site_gen.symmetry 
_struct_site_gen.details 
1 AC1 3 GLY A 53 ? GLY A 209 . ? 1_555 ? 
2 AC1 3 GLY A 55 ? GLY A 211 . ? 1_555 ? 
3 AC1 3 LYS A 56 ? LYS A 212 . ? 1_555 ? 
# 
loop_
_pdbx_validate_torsion.id 
_pdbx_validate_torsion.PDB_model_num 
_pdbx_validate_torsion.auth_comp_id 
_pdbx_validate_torsion.auth_asym_id 
_pdbx_validate_torsion.auth_seq_id 
_pdbx_validate_torsion.PDB_ins_code 
_pdbx_validate_torsion.label_alt_id 
_pdbx_validate_torsion.phi 
_pdbx_validate_torsion.psi 
1 1 GLU A 227 ? ? -85.38 44.12  
2 1 LYS A 250 ? ? 63.80  -48.75 
# 
loop_
_pdbx_unobs_or_zero_occ_residues.id 
_pdbx_unobs_or_zero_occ_residues.PDB_model_num 
_pdbx_unobs_or_zero_occ_residues.polymer_flag 
_pdbx_unobs_or_zero_occ_residues.occupancy_flag 
_pdbx_unobs_or_zero_occ_residues.auth_asym_id 
_pdbx_unobs_or_zero_occ_residues.auth_comp_id 
_pdbx_unobs_or_zero_occ_residues.auth_seq_id 
_pdbx_unobs_or_zero_occ_residues.PDB_ins_code 
_pdbx_unobs_or_zero_occ_residues.label_asym_id 
_pdbx_unobs_or_zero_occ_residues.label_comp_id 
_pdbx_unobs_or_zero_occ_residues.label_seq_id 
1 1 Y 1 A GLY 287 ? A GLY 131 
2 1 Y 1 A LYS 288 ? A LYS 132 
3 1 Y 1 A ALA 289 ? A ALA 133 
4 1 Y 1 A ASP 290 ? A ASP 134 
5 1 Y 1 A GLY 291 ? A GLY 135 
6 1 Y 1 A ALA 292 ? A ALA 136 
# 
loop_
_chem_comp_atom.comp_id 
_chem_comp_atom.atom_id 
_chem_comp_atom.type_symbol 
_chem_comp_atom.pdbx_aromatic_flag 
_chem_comp_atom.pdbx_stereo_config 
_chem_comp_atom.pdbx_ordinal 
ALA N    N  N N 1   
ALA CA   C  N S 2   
ALA C    C  N N 3   
ALA O    O  N N 4   
ALA CB   C  N N 5   
ALA OXT  O  N N 6   
ALA H    H  N N 7   
ALA H2   H  N N 8   
ALA HA   H  N N 9   
ALA HB1  H  N N 10  
ALA HB2  H  N N 11  
ALA HB3  H  N N 12  
ALA HXT  H  N N 13  
ARG N    N  N N 14  
ARG CA   C  N S 15  
ARG C    C  N N 16  
ARG O    O  N N 17  
ARG CB   C  N N 18  
ARG CG   C  N N 19  
ARG CD   C  N N 20  
ARG NE   N  N N 21  
ARG CZ   C  N N 22  
ARG NH1  N  N N 23  
ARG NH2  N  N N 24  
ARG OXT  O  N N 25  
ARG H    H  N N 26  
ARG H2   H  N N 27  
ARG HA   H  N N 28  
ARG HB2  H  N N 29  
ARG HB3  H  N N 30  
ARG HG2  H  N N 31  
ARG HG3  H  N N 32  
ARG HD2  H  N N 33  
ARG HD3  H  N N 34  
ARG HE   H  N N 35  
ARG HH11 H  N N 36  
ARG HH12 H  N N 37  
ARG HH21 H  N N 38  
ARG HH22 H  N N 39  
ARG HXT  H  N N 40  
ASN N    N  N N 41  
ASN CA   C  N S 42  
ASN C    C  N N 43  
ASN O    O  N N 44  
ASN CB   C  N N 45  
ASN CG   C  N N 46  
ASN OD1  O  N N 47  
ASN ND2  N  N N 48  
ASN OXT  O  N N 49  
ASN H    H  N N 50  
ASN H2   H  N N 51  
ASN HA   H  N N 52  
ASN HB2  H  N N 53  
ASN HB3  H  N N 54  
ASN HD21 H  N N 55  
ASN HD22 H  N N 56  
ASN HXT  H  N N 57  
ASP N    N  N N 58  
ASP CA   C  N S 59  
ASP C    C  N N 60  
ASP O    O  N N 61  
ASP CB   C  N N 62  
ASP CG   C  N N 63  
ASP OD1  O  N N 64  
ASP OD2  O  N N 65  
ASP OXT  O  N N 66  
ASP H    H  N N 67  
ASP H2   H  N N 68  
ASP HA   H  N N 69  
ASP HB2  H  N N 70  
ASP HB3  H  N N 71  
ASP HD2  H  N N 72  
ASP HXT  H  N N 73  
CYS N    N  N N 74  
CYS CA   C  N R 75  
CYS C    C  N N 76  
CYS O    O  N N 77  
CYS CB   C  N N 78  
CYS SG   S  N N 79  
CYS OXT  O  N N 80  
CYS H    H  N N 81  
CYS H2   H  N N 82  
CYS HA   H  N N 83  
CYS HB2  H  N N 84  
CYS HB3  H  N N 85  
CYS HG   H  N N 86  
CYS HXT  H  N N 87  
GLN N    N  N N 88  
GLN CA   C  N S 89  
GLN C    C  N N 90  
GLN O    O  N N 91  
GLN CB   C  N N 92  
GLN CG   C  N N 93  
GLN CD   C  N N 94  
GLN OE1  O  N N 95  
GLN NE2  N  N N 96  
GLN OXT  O  N N 97  
GLN H    H  N N 98  
GLN H2   H  N N 99  
GLN HA   H  N N 100 
GLN HB2  H  N N 101 
GLN HB3  H  N N 102 
GLN HG2  H  N N 103 
GLN HG3  H  N N 104 
GLN HE21 H  N N 105 
GLN HE22 H  N N 106 
GLN HXT  H  N N 107 
GLU N    N  N N 108 
GLU CA   C  N S 109 
GLU C    C  N N 110 
GLU O    O  N N 111 
GLU CB   C  N N 112 
GLU CG   C  N N 113 
GLU CD   C  N N 114 
GLU OE1  O  N N 115 
GLU OE2  O  N N 116 
GLU OXT  O  N N 117 
GLU H    H  N N 118 
GLU H2   H  N N 119 
GLU HA   H  N N 120 
GLU HB2  H  N N 121 
GLU HB3  H  N N 122 
GLU HG2  H  N N 123 
GLU HG3  H  N N 124 
GLU HE2  H  N N 125 
GLU HXT  H  N N 126 
GLY N    N  N N 127 
GLY CA   C  N N 128 
GLY C    C  N N 129 
GLY O    O  N N 130 
GLY OXT  O  N N 131 
GLY H    H  N N 132 
GLY H2   H  N N 133 
GLY HA2  H  N N 134 
GLY HA3  H  N N 135 
GLY HXT  H  N N 136 
HIS N    N  N N 137 
HIS CA   C  N S 138 
HIS C    C  N N 139 
HIS O    O  N N 140 
HIS CB   C  N N 141 
HIS CG   C  Y N 142 
HIS ND1  N  Y N 143 
HIS CD2  C  Y N 144 
HIS CE1  C  Y N 145 
HIS NE2  N  Y N 146 
HIS OXT  O  N N 147 
HIS H    H  N N 148 
HIS H2   H  N N 149 
HIS HA   H  N N 150 
HIS HB2  H  N N 151 
HIS HB3  H  N N 152 
HIS HD1  H  N N 153 
HIS HD2  H  N N 154 
HIS HE1  H  N N 155 
HIS HE2  H  N N 156 
HIS HXT  H  N N 157 
HOH O    O  N N 158 
HOH H1   H  N N 159 
HOH H2   H  N N 160 
ILE N    N  N N 161 
ILE CA   C  N S 162 
ILE C    C  N N 163 
ILE O    O  N N 164 
ILE CB   C  N S 165 
ILE CG1  C  N N 166 
ILE CG2  C  N N 167 
ILE CD1  C  N N 168 
ILE OXT  O  N N 169 
ILE H    H  N N 170 
ILE H2   H  N N 171 
ILE HA   H  N N 172 
ILE HB   H  N N 173 
ILE HG12 H  N N 174 
ILE HG13 H  N N 175 
ILE HG21 H  N N 176 
ILE HG22 H  N N 177 
ILE HG23 H  N N 178 
ILE HD11 H  N N 179 
ILE HD12 H  N N 180 
ILE HD13 H  N N 181 
ILE HXT  H  N N 182 
LEU N    N  N N 183 
LEU CA   C  N S 184 
LEU C    C  N N 185 
LEU O    O  N N 186 
LEU CB   C  N N 187 
LEU CG   C  N N 188 
LEU CD1  C  N N 189 
LEU CD2  C  N N 190 
LEU OXT  O  N N 191 
LEU H    H  N N 192 
LEU H2   H  N N 193 
LEU HA   H  N N 194 
LEU HB2  H  N N 195 
LEU HB3  H  N N 196 
LEU HG   H  N N 197 
LEU HD11 H  N N 198 
LEU HD12 H  N N 199 
LEU HD13 H  N N 200 
LEU HD21 H  N N 201 
LEU HD22 H  N N 202 
LEU HD23 H  N N 203 
LEU HXT  H  N N 204 
LYS N    N  N N 205 
LYS CA   C  N S 206 
LYS C    C  N N 207 
LYS O    O  N N 208 
LYS CB   C  N N 209 
LYS CG   C  N N 210 
LYS CD   C  N N 211 
LYS CE   C  N N 212 
LYS NZ   N  N N 213 
LYS OXT  O  N N 214 
LYS H    H  N N 215 
LYS H2   H  N N 216 
LYS HA   H  N N 217 
LYS HB2  H  N N 218 
LYS HB3  H  N N 219 
LYS HG2  H  N N 220 
LYS HG3  H  N N 221 
LYS HD2  H  N N 222 
LYS HD3  H  N N 223 
LYS HE2  H  N N 224 
LYS HE3  H  N N 225 
LYS HZ1  H  N N 226 
LYS HZ2  H  N N 227 
LYS HZ3  H  N N 228 
LYS HXT  H  N N 229 
MET N    N  N N 230 
MET CA   C  N S 231 
MET C    C  N N 232 
MET O    O  N N 233 
MET CB   C  N N 234 
MET CG   C  N N 235 
MET SD   S  N N 236 
MET CE   C  N N 237 
MET OXT  O  N N 238 
MET H    H  N N 239 
MET H2   H  N N 240 
MET HA   H  N N 241 
MET HB2  H  N N 242 
MET HB3  H  N N 243 
MET HG2  H  N N 244 
MET HG3  H  N N 245 
MET HE1  H  N N 246 
MET HE2  H  N N 247 
MET HE3  H  N N 248 
MET HXT  H  N N 249 
MG  MG   MG N N 250 
PHE N    N  N N 251 
PHE CA   C  N S 252 
PHE C    C  N N 253 
PHE O    O  N N 254 
PHE CB   C  N N 255 
PHE CG   C  Y N 256 
PHE CD1  C  Y N 257 
PHE CD2  C  Y N 258 
PHE CE1  C  Y N 259 
PHE CE2  C  Y N 260 
PHE CZ   C  Y N 261 
PHE OXT  O  N N 262 
PHE H    H  N N 263 
PHE H2   H  N N 264 
PHE HA   H  N N 265 
PHE HB2  H  N N 266 
PHE HB3  H  N N 267 
PHE HD1  H  N N 268 
PHE HD2  H  N N 269 
PHE HE1  H  N N 270 
PHE HE2  H  N N 271 
PHE HZ   H  N N 272 
PHE HXT  H  N N 273 
PRO N    N  N N 274 
PRO CA   C  N S 275 
PRO C    C  N N 276 
PRO O    O  N N 277 
PRO CB   C  N N 278 
PRO CG   C  N N 279 
PRO CD   C  N N 280 
PRO OXT  O  N N 281 
PRO H    H  N N 282 
PRO HA   H  N N 283 
PRO HB2  H  N N 284 
PRO HB3  H  N N 285 
PRO HG2  H  N N 286 
PRO HG3  H  N N 287 
PRO HD2  H  N N 288 
PRO HD3  H  N N 289 
PRO HXT  H  N N 290 
SER N    N  N N 291 
SER CA   C  N S 292 
SER C    C  N N 293 
SER O    O  N N 294 
SER CB   C  N N 295 
SER OG   O  N N 296 
SER OXT  O  N N 297 
SER H    H  N N 298 
SER H2   H  N N 299 
SER HA   H  N N 300 
SER HB2  H  N N 301 
SER HB3  H  N N 302 
SER HG   H  N N 303 
SER HXT  H  N N 304 
THR N    N  N N 305 
THR CA   C  N S 306 
THR C    C  N N 307 
THR O    O  N N 308 
THR CB   C  N R 309 
THR OG1  O  N N 310 
THR CG2  C  N N 311 
THR OXT  O  N N 312 
THR H    H  N N 313 
THR H2   H  N N 314 
THR HA   H  N N 315 
THR HB   H  N N 316 
THR HG1  H  N N 317 
THR HG21 H  N N 318 
THR HG22 H  N N 319 
THR HG23 H  N N 320 
THR HXT  H  N N 321 
TYR N    N  N N 322 
TYR CA   C  N S 323 
TYR C    C  N N 324 
TYR O    O  N N 325 
TYR CB   C  N N 326 
TYR CG   C  Y N 327 
TYR CD1  C  Y N 328 
TYR CD2  C  Y N 329 
TYR CE1  C  Y N 330 
TYR CE2  C  Y N 331 
TYR CZ   C  Y N 332 
TYR OH   O  N N 333 
TYR OXT  O  N N 334 
TYR H    H  N N 335 
TYR H2   H  N N 336 
TYR HA   H  N N 337 
TYR HB2  H  N N 338 
TYR HB3  H  N N 339 
TYR HD1  H  N N 340 
TYR HD2  H  N N 341 
TYR HE1  H  N N 342 
TYR HE2  H  N N 343 
TYR HH   H  N N 344 
TYR HXT  H  N N 345 
VAL N    N  N N 346 
VAL CA   C  N S 347 
VAL C    C  N N 348 
VAL O    O  N N 349 
VAL CB   C  N N 350 
VAL CG1  C  N N 351 
VAL CG2  C  N N 352 
VAL OXT  O  N N 353 
VAL H    H  N N 354 
VAL H2   H  N N 355 
VAL HA   H  N N 356 
VAL HB   H  N N 357 
VAL HG11 H  N N 358 
VAL HG12 H  N N 359 
VAL HG13 H  N N 360 
VAL HG21 H  N N 361 
VAL HG22 H  N N 362 
VAL HG23 H  N N 363 
VAL HXT  H  N N 364 
# 
loop_
_chem_comp_bond.comp_id 
_chem_comp_bond.atom_id_1 
_chem_comp_bond.atom_id_2 
_chem_comp_bond.value_order 
_chem_comp_bond.pdbx_aromatic_flag 
_chem_comp_bond.pdbx_stereo_config 
_chem_comp_bond.pdbx_ordinal 
ALA N   CA   sing N N 1   
ALA N   H    sing N N 2   
ALA N   H2   sing N N 3   
ALA CA  C    sing N N 4   
ALA CA  CB   sing N N 5   
ALA CA  HA   sing N N 6   
ALA C   O    doub N N 7   
ALA C   OXT  sing N N 8   
ALA CB  HB1  sing N N 9   
ALA CB  HB2  sing N N 10  
ALA CB  HB3  sing N N 11  
ALA OXT HXT  sing N N 12  
ARG N   CA   sing N N 13  
ARG N   H    sing N N 14  
ARG N   H2   sing N N 15  
ARG CA  C    sing N N 16  
ARG CA  CB   sing N N 17  
ARG CA  HA   sing N N 18  
ARG C   O    doub N N 19  
ARG C   OXT  sing N N 20  
ARG CB  CG   sing N N 21  
ARG CB  HB2  sing N N 22  
ARG CB  HB3  sing N N 23  
ARG CG  CD   sing N N 24  
ARG CG  HG2  sing N N 25  
ARG CG  HG3  sing N N 26  
ARG CD  NE   sing N N 27  
ARG CD  HD2  sing N N 28  
ARG CD  HD3  sing N N 29  
ARG NE  CZ   sing N N 30  
ARG NE  HE   sing N N 31  
ARG CZ  NH1  sing N N 32  
ARG CZ  NH2  doub N N 33  
ARG NH1 HH11 sing N N 34  
ARG NH1 HH12 sing N N 35  
ARG NH2 HH21 sing N N 36  
ARG NH2 HH22 sing N N 37  
ARG OXT HXT  sing N N 38  
ASN N   CA   sing N N 39  
ASN N   H    sing N N 40  
ASN N   H2   sing N N 41  
ASN CA  C    sing N N 42  
ASN CA  CB   sing N N 43  
ASN CA  HA   sing N N 44  
ASN C   O    doub N N 45  
ASN C   OXT  sing N N 46  
ASN CB  CG   sing N N 47  
ASN CB  HB2  sing N N 48  
ASN CB  HB3  sing N N 49  
ASN CG  OD1  doub N N 50  
ASN CG  ND2  sing N N 51  
ASN ND2 HD21 sing N N 52  
ASN ND2 HD22 sing N N 53  
ASN OXT HXT  sing N N 54  
ASP N   CA   sing N N 55  
ASP N   H    sing N N 56  
ASP N   H2   sing N N 57  
ASP CA  C    sing N N 58  
ASP CA  CB   sing N N 59  
ASP CA  HA   sing N N 60  
ASP C   O    doub N N 61  
ASP C   OXT  sing N N 62  
ASP CB  CG   sing N N 63  
ASP CB  HB2  sing N N 64  
ASP CB  HB3  sing N N 65  
ASP CG  OD1  doub N N 66  
ASP CG  OD2  sing N N 67  
ASP OD2 HD2  sing N N 68  
ASP OXT HXT  sing N N 69  
CYS N   CA   sing N N 70  
CYS N   H    sing N N 71  
CYS N   H2   sing N N 72  
CYS CA  C    sing N N 73  
CYS CA  CB   sing N N 74  
CYS CA  HA   sing N N 75  
CYS C   O    doub N N 76  
CYS C   OXT  sing N N 77  
CYS CB  SG   sing N N 78  
CYS CB  HB2  sing N N 79  
CYS CB  HB3  sing N N 80  
CYS SG  HG   sing N N 81  
CYS OXT HXT  sing N N 82  
GLN N   CA   sing N N 83  
GLN N   H    sing N N 84  
GLN N   H2   sing N N 85  
GLN CA  C    sing N N 86  
GLN CA  CB   sing N N 87  
GLN CA  HA   sing N N 88  
GLN C   O    doub N N 89  
GLN C   OXT  sing N N 90  
GLN CB  CG   sing N N 91  
GLN CB  HB2  sing N N 92  
GLN CB  HB3  sing N N 93  
GLN CG  CD   sing N N 94  
GLN CG  HG2  sing N N 95  
GLN CG  HG3  sing N N 96  
GLN CD  OE1  doub N N 97  
GLN CD  NE2  sing N N 98  
GLN NE2 HE21 sing N N 99  
GLN NE2 HE22 sing N N 100 
GLN OXT HXT  sing N N 101 
GLU N   CA   sing N N 102 
GLU N   H    sing N N 103 
GLU N   H2   sing N N 104 
GLU CA  C    sing N N 105 
GLU CA  CB   sing N N 106 
GLU CA  HA   sing N N 107 
GLU C   O    doub N N 108 
GLU C   OXT  sing N N 109 
GLU CB  CG   sing N N 110 
GLU CB  HB2  sing N N 111 
GLU CB  HB3  sing N N 112 
GLU CG  CD   sing N N 113 
GLU CG  HG2  sing N N 114 
GLU CG  HG3  sing N N 115 
GLU CD  OE1  doub N N 116 
GLU CD  OE2  sing N N 117 
GLU OE2 HE2  sing N N 118 
GLU OXT HXT  sing N N 119 
GLY N   CA   sing N N 120 
GLY N   H    sing N N 121 
GLY N   H2   sing N N 122 
GLY CA  C    sing N N 123 
GLY CA  HA2  sing N N 124 
GLY CA  HA3  sing N N 125 
GLY C   O    doub N N 126 
GLY C   OXT  sing N N 127 
GLY OXT HXT  sing N N 128 
HIS N   CA   sing N N 129 
HIS N   H    sing N N 130 
HIS N   H2   sing N N 131 
HIS CA  C    sing N N 132 
HIS CA  CB   sing N N 133 
HIS CA  HA   sing N N 134 
HIS C   O    doub N N 135 
HIS C   OXT  sing N N 136 
HIS CB  CG   sing N N 137 
HIS CB  HB2  sing N N 138 
HIS CB  HB3  sing N N 139 
HIS CG  ND1  sing Y N 140 
HIS CG  CD2  doub Y N 141 
HIS ND1 CE1  doub Y N 142 
HIS ND1 HD1  sing N N 143 
HIS CD2 NE2  sing Y N 144 
HIS CD2 HD2  sing N N 145 
HIS CE1 NE2  sing Y N 146 
HIS CE1 HE1  sing N N 147 
HIS NE2 HE2  sing N N 148 
HIS OXT HXT  sing N N 149 
HOH O   H1   sing N N 150 
HOH O   H2   sing N N 151 
ILE N   CA   sing N N 152 
ILE N   H    sing N N 153 
ILE N   H2   sing N N 154 
ILE CA  C    sing N N 155 
ILE CA  CB   sing N N 156 
ILE CA  HA   sing N N 157 
ILE C   O    doub N N 158 
ILE C   OXT  sing N N 159 
ILE CB  CG1  sing N N 160 
ILE CB  CG2  sing N N 161 
ILE CB  HB   sing N N 162 
ILE CG1 CD1  sing N N 163 
ILE CG1 HG12 sing N N 164 
ILE CG1 HG13 sing N N 165 
ILE CG2 HG21 sing N N 166 
ILE CG2 HG22 sing N N 167 
ILE CG2 HG23 sing N N 168 
ILE CD1 HD11 sing N N 169 
ILE CD1 HD12 sing N N 170 
ILE CD1 HD13 sing N N 171 
ILE OXT HXT  sing N N 172 
LEU N   CA   sing N N 173 
LEU N   H    sing N N 174 
LEU N   H2   sing N N 175 
LEU CA  C    sing N N 176 
LEU CA  CB   sing N N 177 
LEU CA  HA   sing N N 178 
LEU C   O    doub N N 179 
LEU C   OXT  sing N N 180 
LEU CB  CG   sing N N 181 
LEU CB  HB2  sing N N 182 
LEU CB  HB3  sing N N 183 
LEU CG  CD1  sing N N 184 
LEU CG  CD2  sing N N 185 
LEU CG  HG   sing N N 186 
LEU CD1 HD11 sing N N 187 
LEU CD1 HD12 sing N N 188 
LEU CD1 HD13 sing N N 189 
LEU CD2 HD21 sing N N 190 
LEU CD2 HD22 sing N N 191 
LEU CD2 HD23 sing N N 192 
LEU OXT HXT  sing N N 193 
LYS N   CA   sing N N 194 
LYS N   H    sing N N 195 
LYS N   H2   sing N N 196 
LYS CA  C    sing N N 197 
LYS CA  CB   sing N N 198 
LYS CA  HA   sing N N 199 
LYS C   O    doub N N 200 
LYS C   OXT  sing N N 201 
LYS CB  CG   sing N N 202 
LYS CB  HB2  sing N N 203 
LYS CB  HB3  sing N N 204 
LYS CG  CD   sing N N 205 
LYS CG  HG2  sing N N 206 
LYS CG  HG3  sing N N 207 
LYS CD  CE   sing N N 208 
LYS CD  HD2  sing N N 209 
LYS CD  HD3  sing N N 210 
LYS CE  NZ   sing N N 211 
LYS CE  HE2  sing N N 212 
LYS CE  HE3  sing N N 213 
LYS NZ  HZ1  sing N N 214 
LYS NZ  HZ2  sing N N 215 
LYS NZ  HZ3  sing N N 216 
LYS OXT HXT  sing N N 217 
MET N   CA   sing N N 218 
MET N   H    sing N N 219 
MET N   H2   sing N N 220 
MET CA  C    sing N N 221 
MET CA  CB   sing N N 222 
MET CA  HA   sing N N 223 
MET C   O    doub N N 224 
MET C   OXT  sing N N 225 
MET CB  CG   sing N N 226 
MET CB  HB2  sing N N 227 
MET CB  HB3  sing N N 228 
MET CG  SD   sing N N 229 
MET CG  HG2  sing N N 230 
MET CG  HG3  sing N N 231 
MET SD  CE   sing N N 232 
MET CE  HE1  sing N N 233 
MET CE  HE2  sing N N 234 
MET CE  HE3  sing N N 235 
MET OXT HXT  sing N N 236 
PHE N   CA   sing N N 237 
PHE N   H    sing N N 238 
PHE N   H2   sing N N 239 
PHE CA  C    sing N N 240 
PHE CA  CB   sing N N 241 
PHE CA  HA   sing N N 242 
PHE C   O    doub N N 243 
PHE C   OXT  sing N N 244 
PHE CB  CG   sing N N 245 
PHE CB  HB2  sing N N 246 
PHE CB  HB3  sing N N 247 
PHE CG  CD1  doub Y N 248 
PHE CG  CD2  sing Y N 249 
PHE CD1 CE1  sing Y N 250 
PHE CD1 HD1  sing N N 251 
PHE CD2 CE2  doub Y N 252 
PHE CD2 HD2  sing N N 253 
PHE CE1 CZ   doub Y N 254 
PHE CE1 HE1  sing N N 255 
PHE CE2 CZ   sing Y N 256 
PHE CE2 HE2  sing N N 257 
PHE CZ  HZ   sing N N 258 
PHE OXT HXT  sing N N 259 
PRO N   CA   sing N N 260 
PRO N   CD   sing N N 261 
PRO N   H    sing N N 262 
PRO CA  C    sing N N 263 
PRO CA  CB   sing N N 264 
PRO CA  HA   sing N N 265 
PRO C   O    doub N N 266 
PRO C   OXT  sing N N 267 
PRO CB  CG   sing N N 268 
PRO CB  HB2  sing N N 269 
PRO CB  HB3  sing N N 270 
PRO CG  CD   sing N N 271 
PRO CG  HG2  sing N N 272 
PRO CG  HG3  sing N N 273 
PRO CD  HD2  sing N N 274 
PRO CD  HD3  sing N N 275 
PRO OXT HXT  sing N N 276 
SER N   CA   sing N N 277 
SER N   H    sing N N 278 
SER N   H2   sing N N 279 
SER CA  C    sing N N 280 
SER CA  CB   sing N N 281 
SER CA  HA   sing N N 282 
SER C   O    doub N N 283 
SER C   OXT  sing N N 284 
SER CB  OG   sing N N 285 
SER CB  HB2  sing N N 286 
SER CB  HB3  sing N N 287 
SER OG  HG   sing N N 288 
SER OXT HXT  sing N N 289 
THR N   CA   sing N N 290 
THR N   H    sing N N 291 
THR N   H2   sing N N 292 
THR CA  C    sing N N 293 
THR CA  CB   sing N N 294 
THR CA  HA   sing N N 295 
THR C   O    doub N N 296 
THR C   OXT  sing N N 297 
THR CB  OG1  sing N N 298 
THR CB  CG2  sing N N 299 
THR CB  HB   sing N N 300 
THR OG1 HG1  sing N N 301 
THR CG2 HG21 sing N N 302 
THR CG2 HG22 sing N N 303 
THR CG2 HG23 sing N N 304 
THR OXT HXT  sing N N 305 
TYR N   CA   sing N N 306 
TYR N   H    sing N N 307 
TYR N   H2   sing N N 308 
TYR CA  C    sing N N 309 
TYR CA  CB   sing N N 310 
TYR CA  HA   sing N N 311 
TYR C   O    doub N N 312 
TYR C   OXT  sing N N 313 
TYR CB  CG   sing N N 314 
TYR CB  HB2  sing N N 315 
TYR CB  HB3  sing N N 316 
TYR CG  CD1  doub Y N 317 
TYR CG  CD2  sing Y N 318 
TYR CD1 CE1  sing Y N 319 
TYR CD1 HD1  sing N N 320 
TYR CD2 CE2  doub Y N 321 
TYR CD2 HD2  sing N N 322 
TYR CE1 CZ   doub Y N 323 
TYR CE1 HE1  sing N N 324 
TYR CE2 CZ   sing Y N 325 
TYR CE2 HE2  sing N N 326 
TYR CZ  OH   sing N N 327 
TYR OH  HH   sing N N 328 
TYR OXT HXT  sing N N 329 
VAL N   CA   sing N N 330 
VAL N   H    sing N N 331 
VAL N   H2   sing N N 332 
VAL CA  C    sing N N 333 
VAL CA  CB   sing N N 334 
VAL CA  HA   sing N N 335 
VAL C   O    doub N N 336 
VAL C   OXT  sing N N 337 
VAL CB  CG1  sing N N 338 
VAL CB  CG2  sing N N 339 
VAL CB  HB   sing N N 340 
VAL CG1 HG11 sing N N 341 
VAL CG1 HG12 sing N N 342 
VAL CG1 HG13 sing N N 343 
VAL CG2 HG21 sing N N 344 
VAL CG2 HG22 sing N N 345 
VAL CG2 HG23 sing N N 346 
VAL OXT HXT  sing N N 347 
# 
_atom_sites.entry_id                    1JBK 
_atom_sites.fract_transf_matrix[1][1]   0.01202977 
_atom_sites.fract_transf_matrix[1][2]   -0.01847779 
_atom_sites.fract_transf_matrix[1][3]   0.01374482 
_atom_sites.fract_transf_matrix[2][1]   0.01085202 
_atom_sites.fract_transf_matrix[2][2]   0.00994868 
_atom_sites.fract_transf_matrix[2][3]   0.00387654 
_atom_sites.fract_transf_matrix[3][1]   -0.00666076 
_atom_sites.fract_transf_matrix[3][2]   0.00327728 
_atom_sites.fract_transf_matrix[3][3]   0.01023545 
_atom_sites.fract_transf_vector[1]      0.226551 
_atom_sites.fract_transf_vector[2]      0.441712 
_atom_sites.fract_transf_vector[3]      0.597328 
# 
loop_
_atom_type.symbol 
C  
MG 
N  
O  
S  
# 
loop_
_atom_site.group_PDB 
_atom_site.id 
_atom_site.type_symbol 
_atom_site.label_atom_id 
_atom_site.label_alt_id 
_atom_site.label_comp_id 
_atom_site.label_asym_id 
_atom_site.label_entity_id 
_atom_site.label_seq_id 
_atom_site.pdbx_PDB_ins_code 
_atom_site.Cartn_x 
_atom_site.Cartn_y 
_atom_site.Cartn_z 
_atom_site.occupancy 
_atom_site.B_iso_or_equiv 
_atom_site.pdbx_formal_charge 
_atom_site.auth_seq_id 
_atom_site.auth_comp_id 
_atom_site.auth_asym_id 
_atom_site.auth_atom_id 
_atom_site.pdbx_PDB_model_num 
ATOM   1    N  N   . HIS A 1 1   ? 16.731  -8.134  13.467  1.00 35.79 ? 157 HIS A N   1 
ATOM   2    C  CA  . HIS A 1 1   ? 15.734  -7.045  13.641  1.00 37.64 ? 157 HIS A CA  1 
ATOM   3    C  C   . HIS A 1 1   ? 14.912  -6.920  12.362  1.00 31.98 ? 157 HIS A C   1 
ATOM   4    O  O   . HIS A 1 1   ? 15.394  -7.240  11.277  1.00 30.66 ? 157 HIS A O   1 
ATOM   5    C  CB  . HIS A 1 1   ? 16.449  -5.724  13.941  1.00 54.94 ? 157 HIS A CB  1 
ATOM   6    C  CG  . HIS A 1 1   ? 15.577  -4.693  14.587  1.00 63.53 ? 157 HIS A CG  1 
ATOM   7    N  ND1 . HIS A 1 1   ? 15.732  -4.296  15.897  1.00 67.08 ? 157 HIS A ND1 1 
ATOM   8    C  CD2 . HIS A 1 1   ? 14.529  -3.977  14.102  1.00 67.65 ? 157 HIS A CD2 1 
ATOM   9    C  CE1 . HIS A 1 1   ? 14.825  -3.381  16.193  1.00 68.08 ? 157 HIS A CE1 1 
ATOM   10   N  NE2 . HIS A 1 1   ? 14.082  -3.173  15.116  1.00 68.65 ? 157 HIS A NE2 1 
ATOM   11   N  N   . MET A 1 2   ? 13.675  -6.456  12.498  1.00 25.04 ? 158 MET A N   1 
ATOM   12   C  CA  . MET A 1 2   ? 12.772  -6.300  11.359  1.00 23.02 ? 158 MET A CA  1 
ATOM   13   C  C   . MET A 1 2   ? 12.373  -7.654  10.772  1.00 20.06 ? 158 MET A C   1 
ATOM   14   O  O   . MET A 1 2   ? 12.117  -7.771  9.569   1.00 19.45 ? 158 MET A O   1 
ATOM   15   C  CB  . MET A 1 2   ? 13.428  -5.438  10.273  1.00 27.59 ? 158 MET A CB  1 
ATOM   16   C  CG  . MET A 1 2   ? 13.889  -4.080  10.764  1.00 30.31 ? 158 MET A CG  1 
ATOM   17   S  SD  . MET A 1 2   ? 12.532  -3.177  11.504  1.00 31.59 ? 158 MET A SD  1 
ATOM   18   C  CE  . MET A 1 2   ? 13.204  -1.522  11.575  1.00 34.57 ? 158 MET A CE  1 
ATOM   19   N  N   . GLN A 1 3   ? 12.315  -8.672  11.625  1.00 20.14 ? 159 GLN A N   1 
ATOM   20   C  CA  . GLN A 1 3   ? 11.947  -10.019 11.192  1.00 18.93 ? 159 GLN A CA  1 
ATOM   21   C  C   . GLN A 1 3   ? 10.547  -10.061 10.590  1.00 17.38 ? 159 GLN A C   1 
ATOM   22   O  O   . GLN A 1 3   ? 10.310  -10.759 9.602   1.00 16.91 ? 159 GLN A O   1 
ATOM   23   C  CB  . GLN A 1 3   ? 12.019  -10.992 12.373  1.00 19.29 ? 159 GLN A CB  1 
ATOM   24   C  CG  . GLN A 1 3   ? 11.518  -12.400 12.059  1.00 21.04 ? 159 GLN A CG  1 
ATOM   25   C  CD  . GLN A 1 3   ? 12.436  -13.160 11.119  1.00 21.96 ? 159 GLN A CD  1 
ATOM   26   O  OE1 . GLN A 1 3   ? 13.407  -12.608 10.597  1.00 22.79 ? 159 GLN A OE1 1 
ATOM   27   N  NE2 . GLN A 1 3   ? 12.132  -14.436 10.899  1.00 20.13 ? 159 GLN A NE2 1 
ATOM   28   N  N   . ALA A 1 4   ? 9.619   -9.324  11.196  1.00 17.16 ? 160 ALA A N   1 
ATOM   29   C  CA  . ALA A 1 4   ? 8.239   -9.284  10.715  1.00 15.83 ? 160 ALA A CA  1 
ATOM   30   C  C   . ALA A 1 4   ? 8.154   -8.744  9.290   1.00 14.16 ? 160 ALA A C   1 
ATOM   31   O  O   . ALA A 1 4   ? 7.375   -9.238  8.480   1.00 12.44 ? 160 ALA A O   1 
ATOM   32   C  CB  . ALA A 1 4   ? 7.381   -8.431  11.653  1.00 22.74 ? 160 ALA A CB  1 
ATOM   33   N  N   . LEU A 1 5   ? 8.948   -7.725  8.984   1.00 13.39 ? 161 LEU A N   1 
ATOM   34   C  CA  . LEU A 1 5   ? 8.928   -7.156  7.644   1.00 13.54 ? 161 LEU A CA  1 
ATOM   35   C  C   . LEU A 1 5   ? 9.462   -8.147  6.619   1.00 12.99 ? 161 LEU A C   1 
ATOM   36   O  O   . LEU A 1 5   ? 8.876   -8.325  5.556   1.00 11.01 ? 161 LEU A O   1 
ATOM   37   C  CB  . LEU A 1 5   ? 9.740   -5.860  7.602   1.00 16.88 ? 161 LEU A CB  1 
ATOM   38   C  CG  . LEU A 1 5   ? 9.158   -4.685  8.394   1.00 16.12 ? 161 LEU A CG  1 
ATOM   39   C  CD1 . LEU A 1 5   ? 9.970   -3.422  8.120   1.00 18.91 ? 161 LEU A CD1 1 
ATOM   40   C  CD2 . LEU A 1 5   ? 7.707   -4.472  7.997   1.00 18.57 ? 161 LEU A CD2 1 
ATOM   41   N  N   . LYS A 1 6   ? 10.569  -8.806  6.939   1.00 17.06 ? 162 LYS A N   1 
ATOM   42   C  CA  . LYS A 1 6   ? 11.149  -9.775  6.021   1.00 23.25 ? 162 LYS A CA  1 
ATOM   43   C  C   . LYS A 1 6   ? 10.199  -10.944 5.769   1.00 18.08 ? 162 LYS A C   1 
ATOM   44   O  O   . LYS A 1 6   ? 10.048  -11.407 4.642   1.00 15.35 ? 162 LYS A O   1 
ATOM   45   C  CB  . LYS A 1 6   ? 12.470  -10.297 6.588   1.00 44.40 ? 162 LYS A CB  1 
ATOM   46   C  CG  . LYS A 1 6   ? 13.681  -10.040 5.699   1.00 57.60 ? 162 LYS A CG  1 
ATOM   47   C  CD  . LYS A 1 6   ? 13.956  -8.550  5.533   1.00 64.97 ? 162 LYS A CD  1 
ATOM   48   C  CE  . LYS A 1 6   ? 15.178  -8.306  4.662   1.00 67.53 ? 162 LYS A CE  1 
ATOM   49   N  NZ  . LYS A 1 6   ? 15.486  -6.855  4.523   1.00 69.48 ? 162 LYS A NZ  1 
ATOM   50   N  N   . LYS A 1 7   ? 9.552   -11.410 6.830   1.00 13.27 ? 163 LYS A N   1 
ATOM   51   C  CA  . LYS A 1 7   ? 8.634   -12.536 6.736   1.00 11.50 ? 163 LYS A CA  1 
ATOM   52   C  C   . LYS A 1 7   ? 7.280   -12.250 6.109   1.00 10.05 ? 163 LYS A C   1 
ATOM   53   O  O   . LYS A 1 7   ? 6.792   -13.035 5.301   1.00 9.96  ? 163 LYS A O   1 
ATOM   54   C  CB  . LYS A 1 7   ? 8.388   -13.126 8.128   1.00 14.91 ? 163 LYS A CB  1 
ATOM   55   C  CG  . LYS A 1 7   ? 9.574   -13.850 8.738   1.00 17.45 ? 163 LYS A CG  1 
ATOM   56   C  CD  . LYS A 1 7   ? 9.735   -15.237 8.150   1.00 15.02 ? 163 LYS A CD  1 
ATOM   57   C  CE  . LYS A 1 7   ? 8.538   -16.118 8.480   1.00 19.65 ? 163 LYS A CE  1 
ATOM   58   N  NZ  . LYS A 1 7   ? 8.741   -17.518 8.015   1.00 21.61 ? 163 LYS A NZ  1 
ATOM   59   N  N   . TYR A 1 8   ? 6.690   -11.115 6.452   1.00 8.11  ? 164 TYR A N   1 
ATOM   60   C  CA  . TYR A 1 8   ? 5.350   -10.826 5.998   1.00 9.86  ? 164 TYR A CA  1 
ATOM   61   C  C   . TYR A 1 8   ? 5.118   -9.720  4.986   1.00 8.43  ? 164 TYR A C   1 
ATOM   62   O  O   . TYR A 1 8   ? 3.992   -9.277  4.831   1.00 10.35 ? 164 TYR A O   1 
ATOM   63   C  CB  . TYR A 1 8   ? 4.478   -10.629 7.245   1.00 8.91  ? 164 TYR A CB  1 
ATOM   64   C  CG  . TYR A 1 8   ? 4.646   -11.792 8.215   1.00 9.06  ? 164 TYR A CG  1 
ATOM   65   C  CD1 . TYR A 1 8   ? 5.172   -11.606 9.498   1.00 10.61 ? 164 TYR A CD1 1 
ATOM   66   C  CD2 . TYR A 1 8   ? 4.321   -13.092 7.823   1.00 9.62  ? 164 TYR A CD2 1 
ATOM   67   C  CE1 . TYR A 1 8   ? 5.369   -12.693 10.361  1.00 10.61 ? 164 TYR A CE1 1 
ATOM   68   C  CE2 . TYR A 1 8   ? 4.518   -14.184 8.675   1.00 8.24  ? 164 TYR A CE2 1 
ATOM   69   C  CZ  . TYR A 1 8   ? 5.041   -13.977 9.937   1.00 8.87  ? 164 TYR A CZ  1 
ATOM   70   O  OH  . TYR A 1 8   ? 5.250   -15.047 10.775  1.00 9.17  ? 164 TYR A OH  1 
ATOM   71   N  N   . THR A 1 9   ? 6.172   -9.263  4.313   1.00 8.60  ? 165 THR A N   1 
ATOM   72   C  CA  . THR A 1 9   ? 6.015   -8.246  3.270   1.00 8.23  ? 165 THR A CA  1 
ATOM   73   C  C   . THR A 1 9   ? 6.915   -8.609  2.110   1.00 8.82  ? 165 THR A C   1 
ATOM   74   O  O   . THR A 1 9   ? 7.862   -9.393  2.267   1.00 8.61  ? 165 THR A O   1 
ATOM   75   C  CB  . THR A 1 9   ? 6.405   -6.815  3.720   1.00 9.12  ? 165 THR A CB  1 
ATOM   76   O  OG1 . THR A 1 9   ? 7.819   -6.742  3.939   1.00 9.93  ? 165 THR A OG1 1 
ATOM   77   C  CG2 . THR A 1 9   ? 5.652   -6.427  4.988   1.00 8.45  ? 165 THR A CG2 1 
ATOM   78   N  N   . ILE A 1 10  ? 6.602   -8.052  0.948   1.00 9.12  ? 166 ILE A N   1 
ATOM   79   C  CA  . ILE A 1 10  ? 7.399   -8.267  -0.255  1.00 9.54  ? 166 ILE A CA  1 
ATOM   80   C  C   . ILE A 1 10  ? 7.986   -6.901  -0.607  1.00 9.00  ? 166 ILE A C   1 
ATOM   81   O  O   . ILE A 1 10  ? 7.258   -5.922  -0.770  1.00 8.45  ? 166 ILE A O   1 
ATOM   82   C  CB  . ILE A 1 10  ? 6.530   -8.790  -1.409  1.00 8.41  ? 166 ILE A CB  1 
ATOM   83   C  CG1 . ILE A 1 10  ? 6.038   -10.207 -1.084  1.00 11.09 ? 166 ILE A CG1 1 
ATOM   84   C  CG2 . ILE A 1 10  ? 7.341   -8.806  -2.708  1.00 9.37  ? 166 ILE A CG2 1 
ATOM   85   C  CD1 . ILE A 1 10  ? 4.975   -10.727 -2.050  1.00 14.57 ? 166 ILE A CD1 1 
ATOM   86   N  N   . ASP A 1 11  ? 9.308   -6.826  -0.697  1.00 11.39 ? 167 ASP A N   1 
ATOM   87   C  CA  . ASP A 1 11  ? 9.954   -5.554  -1.006  1.00 10.88 ? 167 ASP A CA  1 
ATOM   88   C  C   . ASP A 1 11  ? 9.841   -5.234  -2.494  1.00 10.63 ? 167 ASP A C   1 
ATOM   89   O  O   . ASP A 1 11  ? 10.610  -5.747  -3.313  1.00 8.09  ? 167 ASP A O   1 
ATOM   90   C  CB  . ASP A 1 11  ? 11.431  -5.597  -0.606  1.00 12.64 ? 167 ASP A CB  1 
ATOM   91   C  CG  . ASP A 1 11  ? 12.065  -4.220  -0.572  1.00 15.55 ? 167 ASP A CG  1 
ATOM   92   O  OD1 . ASP A 1 11  ? 11.635  -3.351  -1.357  1.00 12.28 ? 167 ASP A OD1 1 
ATOM   93   O  OD2 . ASP A 1 11  ? 12.998  -4.008  0.234   1.00 14.98 ? 167 ASP A OD2 1 
ATOM   94   N  N   . LEU A 1 12  ? 8.890   -4.377  -2.848  1.00 9.27  ? 168 LEU A N   1 
ATOM   95   C  CA  . LEU A 1 12  ? 8.708   -4.016  -4.250  1.00 8.83  ? 168 LEU A CA  1 
ATOM   96   C  C   . LEU A 1 12  ? 9.839   -3.138  -4.790  1.00 8.32  ? 168 LEU A C   1 
ATOM   97   O  O   . LEU A 1 12  ? 10.192  -3.233  -5.965  1.00 8.10  ? 168 LEU A O   1 
ATOM   98   C  CB  . LEU A 1 12  ? 7.359   -3.325  -4.447  1.00 7.71  ? 168 LEU A CB  1 
ATOM   99   C  CG  . LEU A 1 12  ? 6.148   -4.196  -4.108  1.00 6.63  ? 168 LEU A CG  1 
ATOM   100  C  CD1 . LEU A 1 12  ? 4.877   -3.398  -4.375  1.00 8.45  ? 168 LEU A CD1 1 
ATOM   101  C  CD2 . LEU A 1 12  ? 6.155   -5.463  -4.973  1.00 6.37  ? 168 LEU A CD2 1 
ATOM   102  N  N   . THR A 1 13  ? 10.407  -2.283  -3.946  1.00 9.66  ? 169 THR A N   1 
ATOM   103  C  CA  . THR A 1 13  ? 11.513  -1.453  -4.400  1.00 9.61  ? 169 THR A CA  1 
ATOM   104  C  C   . THR A 1 13  ? 12.697  -2.362  -4.720  1.00 10.38 ? 169 THR A C   1 
ATOM   105  O  O   . THR A 1 13  ? 13.468  -2.078  -5.635  1.00 9.16  ? 169 THR A O   1 
ATOM   106  C  CB  . THR A 1 13  ? 11.924  -0.384  -3.356  1.00 13.11 ? 169 THR A CB  1 
ATOM   107  O  OG1 . THR A 1 13  ? 11.538  -0.801  -2.041  1.00 12.30 ? 169 THR A OG1 1 
ATOM   108  C  CG2 . THR A 1 13  ? 11.255  0.944   -3.681  1.00 10.39 ? 169 THR A CG2 1 
ATOM   109  N  N   . GLU A 1 14  ? 12.830  -3.460  -3.977  1.00 10.32 ? 170 GLU A N   1 
ATOM   110  C  CA  . GLU A 1 14  ? 13.907  -4.413  -4.223  1.00 12.58 ? 170 GLU A CA  1 
ATOM   111  C  C   . GLU A 1 14  ? 13.639  -5.128  -5.543  1.00 11.31 ? 170 GLU A C   1 
ATOM   112  O  O   . GLU A 1 14  ? 14.560  -5.349  -6.328  1.00 12.19 ? 170 GLU A O   1 
ATOM   113  C  CB  . GLU A 1 14  ? 14.009  -5.443  -3.091  1.00 19.53 ? 170 GLU A CB  1 
ATOM   114  C  CG  . GLU A 1 14  ? 15.099  -6.478  -3.345  1.00 24.48 ? 170 GLU A CG  1 
ATOM   115  C  CD  . GLU A 1 14  ? 15.185  -7.536  -2.270  1.00 29.24 ? 170 GLU A CD  1 
ATOM   116  O  OE1 . GLU A 1 14  ? 14.186  -8.248  -2.048  1.00 29.21 ? 170 GLU A OE1 1 
ATOM   117  O  OE2 . GLU A 1 14  ? 16.259  -7.660  -1.647  1.00 32.56 ? 170 GLU A OE2 1 
ATOM   118  N  N   . ARG A 1 15  ? 12.381  -5.491  -5.796  1.00 11.53 ? 171 ARG A N   1 
ATOM   119  C  CA  . ARG A 1 15  ? 12.051  -6.156  -7.053  1.00 9.23  ? 171 ARG A CA  1 
ATOM   120  C  C   . ARG A 1 15  ? 12.392  -5.227  -8.212  1.00 9.32  ? 171 ARG A C   1 
ATOM   121  O  O   . ARG A 1 15  ? 12.860  -5.677  -9.257  1.00 10.15 ? 171 ARG A O   1 
ATOM   122  C  CB  . ARG A 1 15  ? 10.565  -6.548  -7.109  1.00 13.98 ? 171 ARG A CB  1 
ATOM   123  C  CG  . ARG A 1 15  ? 10.208  -7.764  -6.248  1.00 14.25 ? 171 ARG A CG  1 
ATOM   124  C  CD  . ARG A 1 15  ? 8.777   -8.249  -6.504  1.00 17.77 ? 171 ARG A CD  1 
ATOM   125  N  NE  . ARG A 1 15  ? 8.620   -8.995  -7.755  1.00 20.15 ? 171 ARG A NE  1 
ATOM   126  C  CZ  . ARG A 1 15  ? 9.073   -10.230 -7.952  1.00 21.86 ? 171 ARG A CZ  1 
ATOM   127  N  NH1 . ARG A 1 15  ? 9.720   -10.868 -6.982  1.00 22.89 ? 171 ARG A NH1 1 
ATOM   128  N  NH2 . ARG A 1 15  ? 8.870   -10.833 -9.115  1.00 24.23 ? 171 ARG A NH2 1 
ATOM   129  N  N   . ALA A 1 16  ? 12.161  -3.928  -8.030  1.00 8.86  ? 172 ALA A N   1 
ATOM   130  C  CA  . ALA A 1 16  ? 12.483  -2.964  -9.079  1.00 9.40  ? 172 ALA A CA  1 
ATOM   131  C  C   . ALA A 1 16  ? 14.000  -2.890  -9.258  1.00 12.97 ? 172 ALA A C   1 
ATOM   132  O  O   . ALA A 1 16  ? 14.495  -2.829  -10.385 1.00 12.10 ? 172 ALA A O   1 
ATOM   133  C  CB  . ALA A 1 16  ? 11.930  -1.584  -8.728  1.00 7.47  ? 172 ALA A CB  1 
ATOM   134  N  N   . GLU A 1 17  ? 14.737  -2.888  -8.148  1.00 14.21 ? 173 GLU A N   1 
ATOM   135  C  CA  . GLU A 1 17  ? 16.199  -2.827  -8.210  1.00 15.39 ? 173 GLU A CA  1 
ATOM   136  C  C   . GLU A 1 17  ? 16.737  -4.046  -8.959  1.00 15.91 ? 173 GLU A C   1 
ATOM   137  O  O   . GLU A 1 17  ? 17.804  -3.991  -9.575  1.00 15.07 ? 173 GLU A O   1 
ATOM   138  C  CB  . GLU A 1 17  ? 16.799  -2.794  -6.799  1.00 16.91 ? 173 GLU A CB  1 
ATOM   139  C  CG  . GLU A 1 17  ? 16.319  -1.644  -5.933  1.00 19.38 ? 173 GLU A CG  1 
ATOM   140  C  CD  . GLU A 1 17  ? 16.999  -1.609  -4.570  1.00 22.90 ? 173 GLU A CD  1 
ATOM   141  O  OE1 . GLU A 1 17  ? 17.214  -2.694  -3.990  1.00 22.93 ? 173 GLU A OE1 1 
ATOM   142  O  OE2 . GLU A 1 17  ? 17.303  -0.501  -4.074  1.00 22.35 ? 173 GLU A OE2 1 
ATOM   143  N  N   . GLN A 1 18  ? 15.990  -5.144  -8.901  1.00 10.60 ? 174 GLN A N   1 
ATOM   144  C  CA  . GLN A 1 18  ? 16.383  -6.383  -9.559  1.00 13.05 ? 174 GLN A CA  1 
ATOM   145  C  C   . GLN A 1 18  ? 15.867  -6.471  -10.993 1.00 10.27 ? 174 GLN A C   1 
ATOM   146  O  O   . GLN A 1 18  ? 16.174  -7.426  -11.701 1.00 11.63 ? 174 GLN A O   1 
ATOM   147  C  CB  . GLN A 1 18  ? 15.879  -7.578  -8.750  1.00 21.58 ? 174 GLN A CB  1 
ATOM   148  C  CG  . GLN A 1 18  ? 16.336  -7.551  -7.302  1.00 28.19 ? 174 GLN A CG  1 
ATOM   149  C  CD  . GLN A 1 18  ? 17.199  -8.735  -6.937  1.00 34.50 ? 174 GLN A CD  1 
ATOM   150  O  OE1 . GLN A 1 18  ? 18.187  -9.029  -7.613  1.00 35.27 ? 174 GLN A OE1 1 
ATOM   151  N  NE2 . GLN A 1 18  ? 16.838  -9.421  -5.854  1.00 35.35 ? 174 GLN A NE2 1 
ATOM   152  N  N   . GLY A 1 19  ? 15.086  -5.478  -11.413 1.00 11.84 ? 175 GLY A N   1 
ATOM   153  C  CA  . GLY A 1 19  ? 14.558  -5.455  -12.767 1.00 13.78 ? 175 GLY A CA  1 
ATOM   154  C  C   . GLY A 1 19  ? 13.429  -6.438  -12.987 1.00 12.77 ? 175 GLY A C   1 
ATOM   155  O  O   . GLY A 1 19  ? 13.097  -6.770  -14.127 1.00 13.85 ? 175 GLY A O   1 
ATOM   156  N  N   . LYS A 1 20  ? 12.821  -6.886  -11.893 1.00 11.91 ? 176 LYS A N   1 
ATOM   157  C  CA  . LYS A 1 20  ? 11.738  -7.864  -11.954 1.00 10.70 ? 176 LYS A CA  1 
ATOM   158  C  C   . LYS A 1 20  ? 10.332  -7.301  -12.176 1.00 12.27 ? 176 LYS A C   1 
ATOM   159  O  O   . LYS A 1 20  ? 9.381   -8.060  -12.393 1.00 13.56 ? 176 LYS A O   1 
ATOM   160  C  CB  . LYS A 1 20  ? 11.734  -8.704  -10.677 1.00 16.31 ? 176 LYS A CB  1 
ATOM   161  C  CG  . LYS A 1 20  ? 12.995  -9.527  -10.455 1.00 17.16 ? 176 LYS A CG  1 
ATOM   162  C  CD  . LYS A 1 20  ? 12.874  -10.344 -9.177  1.00 19.38 ? 176 LYS A CD  1 
ATOM   163  C  CE  . LYS A 1 20  ? 14.063  -11.256 -8.982  1.00 19.04 ? 176 LYS A CE  1 
ATOM   164  N  NZ  . LYS A 1 20  ? 13.917  -12.092 -7.761  1.00 21.59 ? 176 LYS A NZ  1 
ATOM   165  N  N   . LEU A 1 21  ? 10.187  -5.982  -12.116 1.00 12.63 ? 177 LEU A N   1 
ATOM   166  C  CA  . LEU A 1 21  ? 8.875   -5.374  -12.312 1.00 12.28 ? 177 LEU A CA  1 
ATOM   167  C  C   . LEU A 1 21  ? 8.611   -4.969  -13.759 1.00 14.78 ? 177 LEU A C   1 
ATOM   168  O  O   . LEU A 1 21  ? 9.458   -4.353  -14.410 1.00 14.30 ? 177 LEU A O   1 
ATOM   169  C  CB  . LEU A 1 21  ? 8.712   -4.141  -11.417 1.00 11.92 ? 177 LEU A CB  1 
ATOM   170  C  CG  . LEU A 1 21  ? 8.809   -4.323  -9.899  1.00 11.48 ? 177 LEU A CG  1 
ATOM   171  C  CD1 . LEU A 1 21  ? 8.434   -3.028  -9.208  1.00 10.84 ? 177 LEU A CD1 1 
ATOM   172  C  CD2 . LEU A 1 21  ? 7.889   -5.437  -9.448  1.00 13.52 ? 177 LEU A CD2 1 
ATOM   173  N  N   . ASP A 1 22  ? 7.424   -5.314  -14.248 1.00 15.75 ? 178 ASP A N   1 
ATOM   174  C  CA  . ASP A 1 22  ? 7.025   -4.976  -15.608 1.00 17.46 ? 178 ASP A CA  1 
ATOM   175  C  C   . ASP A 1 22  ? 6.855   -3.464  -15.711 1.00 20.21 ? 178 ASP A C   1 
ATOM   176  O  O   . ASP A 1 22  ? 6.452   -2.812  -14.748 1.00 16.32 ? 178 ASP A O   1 
ATOM   177  C  CB  . ASP A 1 22  ? 5.683   -5.634  -15.954 1.00 20.63 ? 178 ASP A CB  1 
ATOM   178  C  CG  . ASP A 1 22  ? 5.725   -7.152  -15.880 1.00 22.83 ? 178 ASP A CG  1 
ATOM   179  O  OD1 . ASP A 1 22  ? 6.468   -7.776  -16.666 1.00 23.62 ? 178 ASP A OD1 1 
ATOM   180  O  OD2 . ASP A 1 22  ? 5.002   -7.723  -15.037 1.00 24.22 ? 178 ASP A OD2 1 
ATOM   181  N  N   . PRO A 1 23  ? 7.161   -2.881  -16.877 1.00 24.29 ? 179 PRO A N   1 
ATOM   182  C  CA  . PRO A 1 23  ? 6.986   -1.433  -16.972 1.00 24.21 ? 179 PRO A CA  1 
ATOM   183  C  C   . PRO A 1 23  ? 5.504   -1.123  -16.791 1.00 18.76 ? 179 PRO A C   1 
ATOM   184  O  O   . PRO A 1 23  ? 4.645   -1.915  -17.181 1.00 16.80 ? 179 PRO A O   1 
ATOM   185  C  CB  . PRO A 1 23  ? 7.480   -1.121  -18.382 1.00 36.30 ? 179 PRO A CB  1 
ATOM   186  C  CG  . PRO A 1 23  ? 7.120   -2.371  -19.136 1.00 39.85 ? 179 PRO A CG  1 
ATOM   187  C  CD  . PRO A 1 23  ? 7.539   -3.456  -18.179 1.00 36.95 ? 179 PRO A CD  1 
ATOM   188  N  N   . VAL A 1 24  ? 5.203   0.012   -16.177 1.00 14.79 ? 180 VAL A N   1 
ATOM   189  C  CA  . VAL A 1 24  ? 3.814   0.394   -15.971 1.00 14.34 ? 180 VAL A CA  1 
ATOM   190  C  C   . VAL A 1 24  ? 3.476   1.473   -16.994 1.00 14.30 ? 180 VAL A C   1 
ATOM   191  O  O   . VAL A 1 24  ? 4.119   2.524   -17.038 1.00 14.60 ? 180 VAL A O   1 
ATOM   192  C  CB  . VAL A 1 24  ? 3.591   0.926   -14.538 1.00 13.65 ? 180 VAL A CB  1 
ATOM   193  C  CG1 . VAL A 1 24  ? 2.131   1.246   -14.332 1.00 12.38 ? 180 VAL A CG1 1 
ATOM   194  C  CG2 . VAL A 1 24  ? 4.047   -0.116  -13.527 1.00 13.40 ? 180 VAL A CG2 1 
ATOM   195  N  N   . ILE A 1 25  ? 2.462   1.200   -17.811 1.00 16.25 ? 181 ILE A N   1 
ATOM   196  C  CA  . ILE A 1 25  ? 2.050   2.114   -18.867 1.00 22.18 ? 181 ILE A CA  1 
ATOM   197  C  C   . ILE A 1 25  ? 0.680   2.758   -18.675 1.00 16.75 ? 181 ILE A C   1 
ATOM   198  O  O   . ILE A 1 25  ? -0.256  2.128   -18.189 1.00 16.10 ? 181 ILE A O   1 
ATOM   199  C  CB  . ILE A 1 25  ? 2.066   1.382   -20.231 1.00 32.45 ? 181 ILE A CB  1 
ATOM   200  C  CG1 . ILE A 1 25  ? 3.491   0.912   -20.539 1.00 38.24 ? 181 ILE A CG1 1 
ATOM   201  C  CG2 . ILE A 1 25  ? 1.530   2.287   -21.330 1.00 36.60 ? 181 ILE A CG2 1 
ATOM   202  C  CD1 . ILE A 1 25  ? 3.610   0.094   -21.804 1.00 43.27 ? 181 ILE A CD1 1 
ATOM   203  N  N   . GLY A 1 26  ? 0.580   4.025   -19.057 1.00 15.40 ? 182 GLY A N   1 
ATOM   204  C  CA  . GLY A 1 26  ? -0.680  4.738   -18.951 1.00 15.02 ? 182 GLY A CA  1 
ATOM   205  C  C   . GLY A 1 26  ? -1.130  5.146   -17.560 1.00 16.01 ? 182 GLY A C   1 
ATOM   206  O  O   . GLY A 1 26  ? -2.321  5.425   -17.360 1.00 15.84 ? 182 GLY A O   1 
ATOM   207  N  N   . ARG A 1 27  ? -0.201  5.209   -16.606 1.00 11.83 ? 183 ARG A N   1 
ATOM   208  C  CA  . ARG A 1 27  ? -0.548  5.581   -15.233 1.00 12.51 ? 183 ARG A CA  1 
ATOM   209  C  C   . ARG A 1 27  ? 0.270   6.745   -14.670 1.00 12.48 ? 183 ARG A C   1 
ATOM   210  O  O   . ARG A 1 27  ? 0.354   6.913   -13.453 1.00 11.19 ? 183 ARG A O   1 
ATOM   211  C  CB  . ARG A 1 27  ? -0.396  4.373   -14.302 1.00 12.72 ? 183 ARG A CB  1 
ATOM   212  C  CG  . ARG A 1 27  ? -1.317  3.201   -14.611 1.00 11.83 ? 183 ARG A CG  1 
ATOM   213  C  CD  . ARG A 1 27  ? -2.798  3.582   -14.549 1.00 14.54 ? 183 ARG A CD  1 
ATOM   214  N  NE  . ARG A 1 27  ? -3.644  2.393   -14.518 1.00 12.88 ? 183 ARG A NE  1 
ATOM   215  C  CZ  . ARG A 1 27  ? -4.962  2.398   -14.689 1.00 15.63 ? 183 ARG A CZ  1 
ATOM   216  N  NH1 . ARG A 1 27  ? -5.601  3.539   -14.912 1.00 13.08 ? 183 ARG A NH1 1 
ATOM   217  N  NH2 . ARG A 1 27  ? -5.643  1.258   -14.621 1.00 15.48 ? 183 ARG A NH2 1 
ATOM   218  N  N   . ASP A 1 28  ? 0.859   7.553   -15.547 1.00 13.53 ? 184 ASP A N   1 
ATOM   219  C  CA  . ASP A 1 28  ? 1.660   8.693   -15.105 1.00 15.45 ? 184 ASP A CA  1 
ATOM   220  C  C   . ASP A 1 28  ? 0.913   9.584   -14.125 1.00 14.28 ? 184 ASP A C   1 
ATOM   221  O  O   . ASP A 1 28  ? 1.455   9.993   -13.096 1.00 11.80 ? 184 ASP A O   1 
ATOM   222  C  CB  . ASP A 1 28  ? 2.102   9.532   -16.308 1.00 23.85 ? 184 ASP A CB  1 
ATOM   223  C  CG  . ASP A 1 28  ? 2.927   10.740  -15.905 1.00 29.25 ? 184 ASP A CG  1 
ATOM   224  O  OD1 . ASP A 1 28  ? 3.944   10.556  -15.205 1.00 31.34 ? 184 ASP A OD1 1 
ATOM   225  O  OD2 . ASP A 1 28  ? 2.565   11.874  -16.287 1.00 33.52 ? 184 ASP A OD2 1 
ATOM   226  N  N   . GLU A 1 29  ? -0.340  9.875   -14.444 1.00 16.93 ? 185 GLU A N   1 
ATOM   227  C  CA  . GLU A 1 29  ? -1.166  10.739  -13.609 1.00 20.93 ? 185 GLU A CA  1 
ATOM   228  C  C   . GLU A 1 29  ? -1.512  10.127  -12.251 1.00 16.79 ? 185 GLU A C   1 
ATOM   229  O  O   . GLU A 1 29  ? -1.498  10.812  -11.226 1.00 13.91 ? 185 GLU A O   1 
ATOM   230  C  CB  . GLU A 1 29  ? -2.445  11.104  -14.363 1.00 36.60 ? 185 GLU A CB  1 
ATOM   231  C  CG  . GLU A 1 29  ? -2.188  11.702  -15.752 1.00 49.04 ? 185 GLU A CG  1 
ATOM   232  C  CD  . GLU A 1 29  ? -1.484  13.040  -15.720 1.00 55.96 ? 185 GLU A CD  1 
ATOM   233  O  OE1 . GLU A 1 29  ? -1.133  13.503  -14.622 1.00 58.57 ? 185 GLU A OE1 1 
ATOM   234  O  OE2 . GLU A 1 29  ? -1.291  13.641  -16.798 1.00 60.67 ? 185 GLU A OE2 1 
ATOM   235  N  N   . GLU A 1 30  ? -1.809  8.833   -12.234 1.00 12.87 ? 186 GLU A N   1 
ATOM   236  C  CA  . GLU A 1 30  ? -2.156  8.162   -10.981 1.00 11.71 ? 186 GLU A CA  1 
ATOM   237  C  C   . GLU A 1 30  ? -0.936  7.975   -10.091 1.00 10.51 ? 186 GLU A C   1 
ATOM   238  O  O   . GLU A 1 30  ? -1.032  8.044   -8.865  1.00 11.80 ? 186 GLU A O   1 
ATOM   239  C  CB  . GLU A 1 30  ? -2.815  6.805   -11.262 1.00 13.41 ? 186 GLU A CB  1 
ATOM   240  C  CG  . GLU A 1 30  ? -4.155  6.900   -11.984 1.00 12.79 ? 186 GLU A CG  1 
ATOM   241  C  CD  . GLU A 1 30  ? -4.020  6.882   -13.502 1.00 14.40 ? 186 GLU A CD  1 
ATOM   242  O  OE1 . GLU A 1 30  ? -2.919  7.154   -14.024 1.00 11.79 ? 186 GLU A OE1 1 
ATOM   243  O  OE2 . GLU A 1 30  ? -5.029  6.597   -14.179 1.00 16.61 ? 186 GLU A OE2 1 
ATOM   244  N  N   . ILE A 1 31  ? 0.218   7.737   -10.700 1.00 10.53 ? 187 ILE A N   1 
ATOM   245  C  CA  . ILE A 1 31  ? 1.431   7.577   -9.917  1.00 10.56 ? 187 ILE A CA  1 
ATOM   246  C  C   . ILE A 1 31  ? 1.829   8.931   -9.341  1.00 11.29 ? 187 ILE A C   1 
ATOM   247  O  O   . ILE A 1 31  ? 2.227   9.038   -8.180  1.00 8.73  ? 187 ILE A O   1 
ATOM   248  C  CB  . ILE A 1 31  ? 2.586   7.012   -10.772 1.00 12.16 ? 187 ILE A CB  1 
ATOM   249  C  CG1 . ILE A 1 31  ? 2.239   5.587   -11.217 1.00 11.98 ? 187 ILE A CG1 1 
ATOM   250  C  CG2 . ILE A 1 31  ? 3.889   7.028   -9.965  1.00 10.59 ? 187 ILE A CG2 1 
ATOM   251  C  CD1 . ILE A 1 31  ? 3.281   4.954   -12.137 1.00 14.73 ? 187 ILE A CD1 1 
ATOM   252  N  N   . ARG A 1 32  ? 1.721   9.973   -10.156 1.00 11.28 ? 188 ARG A N   1 
ATOM   253  C  CA  . ARG A 1 32  ? 2.060   11.309  -9.689  1.00 13.85 ? 188 ARG A CA  1 
ATOM   254  C  C   . ARG A 1 32  ? 1.147   11.705  -8.542  1.00 11.74 ? 188 ARG A C   1 
ATOM   255  O  O   . ARG A 1 32  ? 1.595   12.294  -7.565  1.00 11.34 ? 188 ARG A O   1 
ATOM   256  C  CB  . ARG A 1 32  ? 1.920   12.341  -10.813 1.00 21.28 ? 188 ARG A CB  1 
ATOM   257  C  CG  . ARG A 1 32  ? 2.979   12.260  -11.901 1.00 31.59 ? 188 ARG A CG  1 
ATOM   258  C  CD  . ARG A 1 32  ? 2.719   13.327  -12.950 1.00 38.64 ? 188 ARG A CD  1 
ATOM   259  N  NE  . ARG A 1 32  ? 3.711   13.322  -14.018 1.00 44.47 ? 188 ARG A NE  1 
ATOM   260  C  CZ  . ARG A 1 32  ? 3.675   14.138  -15.068 1.00 47.52 ? 188 ARG A CZ  1 
ATOM   261  N  NH1 . ARG A 1 32  ? 2.693   15.021  -15.187 1.00 48.91 ? 188 ARG A NH1 1 
ATOM   262  N  NH2 . ARG A 1 32  ? 4.618   14.071  -15.998 1.00 49.23 ? 188 ARG A NH2 1 
ATOM   263  N  N   . ARG A 1 33  ? -0.140  11.393  -8.671  1.00 8.78  ? 189 ARG A N   1 
ATOM   264  C  CA  . ARG A 1 33  ? -1.100  11.732  -7.629  1.00 10.23 ? 189 ARG A CA  1 
ATOM   265  C  C   . ARG A 1 33  ? -0.817  10.963  -6.345  1.00 9.77  ? 189 ARG A C   1 
ATOM   266  O  O   . ARG A 1 33  ? -0.929  11.502  -5.247  1.00 10.36 ? 189 ARG A O   1 
ATOM   267  C  CB  . ARG A 1 33  ? -2.531  11.444  -8.095  1.00 13.92 ? 189 ARG A CB  1 
ATOM   268  C  CG  . ARG A 1 33  ? -3.591  11.701  -7.032  1.00 14.20 ? 189 ARG A CG  1 
ATOM   269  C  CD  . ARG A 1 33  ? -3.431  13.086  -6.444  1.00 17.06 ? 189 ARG A CD  1 
ATOM   270  N  NE  . ARG A 1 33  ? -4.582  13.500  -5.641  1.00 17.14 ? 189 ARG A NE  1 
ATOM   271  C  CZ  . ARG A 1 33  ? -4.692  14.680  -5.043  1.00 20.39 ? 189 ARG A CZ  1 
ATOM   272  N  NH1 . ARG A 1 33  ? -3.717  15.568  -5.155  1.00 21.60 ? 189 ARG A NH1 1 
ATOM   273  N  NH2 . ARG A 1 33  ? -5.773  14.964  -4.331  1.00 20.71 ? 189 ARG A NH2 1 
ATOM   274  N  N   . THR A 1 34  ? -0.467  9.694   -6.486  1.00 12.62 ? 190 THR A N   1 
ATOM   275  C  CA  . THR A 1 34  ? -0.158  8.870   -5.325  1.00 13.26 ? 190 THR A CA  1 
ATOM   276  C  C   . THR A 1 34  ? 1.009   9.490   -4.555  1.00 14.42 ? 190 THR A C   1 
ATOM   277  O  O   . THR A 1 34  ? 0.990   9.554   -3.323  1.00 14.71 ? 190 THR A O   1 
ATOM   278  C  CB  . THR A 1 34  ? 0.191   7.443   -5.777  1.00 12.55 ? 190 THR A CB  1 
ATOM   279  O  OG1 . THR A 1 34  ? -0.981  6.851   -6.355  1.00 9.15  ? 190 THR A OG1 1 
ATOM   280  C  CG2 . THR A 1 34  ? 0.663   6.591   -4.614  1.00 12.78 ? 190 THR A CG2 1 
ATOM   281  N  N   . ILE A 1 35  ? 2.018   9.945   -5.295  1.00 10.18 ? 191 ILE A N   1 
ATOM   282  C  CA  . ILE A 1 35  ? 3.200   10.571  -4.714  1.00 11.36 ? 191 ILE A CA  1 
ATOM   283  C  C   . ILE A 1 35  ? 2.821   11.871  -4.010  1.00 10.80 ? 191 ILE A C   1 
ATOM   284  O  O   . ILE A 1 35  ? 3.263   12.120  -2.895  1.00 10.18 ? 191 ILE A O   1 
ATOM   285  C  CB  . ILE A 1 35  ? 4.263   10.870  -5.806  1.00 14.42 ? 191 ILE A CB  1 
ATOM   286  C  CG1 . ILE A 1 35  ? 4.797   9.555   -6.370  1.00 15.51 ? 191 ILE A CG1 1 
ATOM   287  C  CG2 . ILE A 1 35  ? 5.396   11.721  -5.237  1.00 16.70 ? 191 ILE A CG2 1 
ATOM   288  C  CD1 . ILE A 1 35  ? 5.725   9.723   -7.562  1.00 16.88 ? 191 ILE A CD1 1 
ATOM   289  N  N   . GLN A 1 36  ? 1.999   12.695  -4.654  1.00 13.68 ? 192 GLN A N   1 
ATOM   290  C  CA  . GLN A 1 36  ? 1.581   13.961  -4.055  1.00 15.31 ? 192 GLN A CA  1 
ATOM   291  C  C   . GLN A 1 36  ? 0.893   13.743  -2.710  1.00 14.25 ? 192 GLN A C   1 
ATOM   292  O  O   . GLN A 1 36  ? 1.182   14.440  -1.736  1.00 14.57 ? 192 GLN A O   1 
ATOM   293  C  CB  . GLN A 1 36  ? 0.630   14.708  -4.990  1.00 17.33 ? 192 GLN A CB  1 
ATOM   294  C  CG  . GLN A 1 36  ? 1.179   14.955  -6.384  1.00 22.31 ? 192 GLN A CG  1 
ATOM   295  C  CD  . GLN A 1 36  ? 0.203   15.714  -7.268  1.00 24.51 ? 192 GLN A CD  1 
ATOM   296  O  OE1 . GLN A 1 36  ? -1.012  15.631  -7.082  1.00 25.51 ? 192 GLN A OE1 1 
ATOM   297  N  NE2 . GLN A 1 36  ? 0.731   16.447  -8.247  1.00 27.43 ? 192 GLN A NE2 1 
ATOM   298  N  N   . VAL A 1 37  ? -0.021  12.782  -2.657  1.00 11.16 ? 193 VAL A N   1 
ATOM   299  C  CA  . VAL A 1 37  ? -0.739  12.488  -1.418  1.00 9.34  ? 193 VAL A CA  1 
ATOM   300  C  C   . VAL A 1 37  ? 0.224   12.013  -0.328  1.00 8.99  ? 193 VAL A C   1 
ATOM   301  O  O   . VAL A 1 37  ? 0.157   12.479  0.808   1.00 9.50  ? 193 VAL A O   1 
ATOM   302  C  CB  . VAL A 1 37  ? -1.845  11.417  -1.655  1.00 8.72  ? 193 VAL A CB  1 
ATOM   303  C  CG1 . VAL A 1 37  ? -2.512  11.005  -0.342  1.00 8.05  ? 193 VAL A CG1 1 
ATOM   304  C  CG2 . VAL A 1 37  ? -2.894  11.982  -2.585  1.00 7.78  ? 193 VAL A CG2 1 
ATOM   305  N  N   . LEU A 1 38  ? 1.118   11.092  -0.677  1.00 8.26  ? 194 LEU A N   1 
ATOM   306  C  CA  . LEU A 1 38  ? 2.090   10.566  0.286   1.00 8.74  ? 194 LEU A CA  1 
ATOM   307  C  C   . LEU A 1 38  ? 2.937   11.685  0.896   1.00 9.74  ? 194 LEU A C   1 
ATOM   308  O  O   . LEU A 1 38  ? 3.311   11.622  2.071   1.00 10.41 ? 194 LEU A O   1 
ATOM   309  C  CB  . LEU A 1 38  ? 3.016   9.550   -0.400  1.00 10.34 ? 194 LEU A CB  1 
ATOM   310  C  CG  . LEU A 1 38  ? 2.431   8.170   -0.713  1.00 8.82  ? 194 LEU A CG  1 
ATOM   311  C  CD1 . LEU A 1 38  ? 3.390   7.384   -1.610  1.00 11.83 ? 194 LEU A CD1 1 
ATOM   312  C  CD2 . LEU A 1 38  ? 2.195   7.424   0.589   1.00 10.42 ? 194 LEU A CD2 1 
ATOM   313  N  N   . GLN A 1 39  ? 3.222   12.703  0.085   1.00 10.89 ? 195 GLN A N   1 
ATOM   314  C  CA  . GLN A 1 39  ? 4.047   13.846  0.481   1.00 14.97 ? 195 GLN A CA  1 
ATOM   315  C  C   . GLN A 1 39  ? 3.357   14.854  1.384   1.00 14.82 ? 195 GLN A C   1 
ATOM   316  O  O   . GLN A 1 39  ? 4.005   15.749  1.927   1.00 14.26 ? 195 GLN A O   1 
ATOM   317  C  CB  . GLN A 1 39  ? 4.569   14.564  -0.767  1.00 21.51 ? 195 GLN A CB  1 
ATOM   318  C  CG  . GLN A 1 39  ? 5.623   13.792  -1.530  1.00 29.28 ? 195 GLN A CG  1 
ATOM   319  C  CD  . GLN A 1 39  ? 6.971   13.821  -0.844  1.00 35.66 ? 195 GLN A CD  1 
ATOM   320  O  OE1 . GLN A 1 39  ? 7.664   14.844  -0.843  1.00 37.36 ? 195 GLN A OE1 1 
ATOM   321  N  NE2 . GLN A 1 39  ? 7.350   12.699  -0.245  1.00 37.62 ? 195 GLN A NE2 1 
ATOM   322  N  N   . ARG A 1 40  ? 2.045   14.721  1.536   1.00 13.74 ? 196 ARG A N   1 
ATOM   323  C  CA  . ARG A 1 40  ? 1.290   15.629  2.388   1.00 15.18 ? 196 ARG A CA  1 
ATOM   324  C  C   . ARG A 1 40  ? 1.677   15.440  3.854   1.00 15.95 ? 196 ARG A C   1 
ATOM   325  O  O   . ARG A 1 40  ? 2.224   14.406  4.239   1.00 13.96 ? 196 ARG A O   1 
ATOM   326  C  CB  . ARG A 1 40  ? -0.202  15.354  2.262   1.00 13.88 ? 196 ARG A CB  1 
ATOM   327  C  CG  . ARG A 1 40  ? -0.848  15.723  0.944   1.00 13.49 ? 196 ARG A CG  1 
ATOM   328  C  CD  . ARG A 1 40  ? -2.251  15.159  0.960   1.00 14.10 ? 196 ARG A CD  1 
ATOM   329  N  NE  . ARG A 1 40  ? -3.117  15.693  -0.081  1.00 13.53 ? 196 ARG A NE  1 
ATOM   330  C  CZ  . ARG A 1 40  ? -4.389  15.344  -0.214  1.00 14.64 ? 196 ARG A CZ  1 
ATOM   331  N  NH1 . ARG A 1 40  ? -4.922  14.462  0.626   1.00 12.97 ? 196 ARG A NH1 1 
ATOM   332  N  NH2 . ARG A 1 40  ? -5.135  15.883  -1.165  1.00 15.51 ? 196 ARG A NH2 1 
ATOM   333  N  N   . ARG A 1 41  ? 1.382   16.444  4.672   1.00 18.60 ? 197 ARG A N   1 
ATOM   334  C  CA  . ARG A 1 41  ? 1.669   16.361  6.095   1.00 23.59 ? 197 ARG A CA  1 
ATOM   335  C  C   . ARG A 1 41  ? 0.562   15.605  6.816   1.00 19.69 ? 197 ARG A C   1 
ATOM   336  O  O   . ARG A 1 41  ? 0.818   14.905  7.795   1.00 17.83 ? 197 ARG A O   1 
ATOM   337  C  CB  . ARG A 1 41  ? 1.798   17.759  6.699   1.00 40.88 ? 197 ARG A CB  1 
ATOM   338  C  CG  . ARG A 1 41  ? 3.219   18.275  6.814   1.00 53.37 ? 197 ARG A CG  1 
ATOM   339  C  CD  . ARG A 1 41  ? 3.273   19.415  7.822   1.00 61.40 ? 197 ARG A CD  1 
ATOM   340  N  NE  . ARG A 1 41  ? 4.631   19.731  8.250   1.00 66.44 ? 197 ARG A NE  1 
ATOM   341  C  CZ  . ARG A 1 41  ? 4.921   20.452  9.326   1.00 68.69 ? 197 ARG A CZ  1 
ATOM   342  N  NH1 . ARG A 1 41  ? 3.944   20.932  10.083  1.00 69.58 ? 197 ARG A NH1 1 
ATOM   343  N  NH2 . ARG A 1 41  ? 6.186   20.690  9.645   1.00 70.02 ? 197 ARG A NH2 1 
ATOM   344  N  N   . THR A 1 42  ? -0.667  15.754  6.327   1.00 16.57 ? 198 THR A N   1 
ATOM   345  C  CA  . THR A 1 42  ? -1.833  15.095  6.910   1.00 17.28 ? 198 THR A CA  1 
ATOM   346  C  C   . THR A 1 42  ? -2.692  14.475  5.803   1.00 15.85 ? 198 THR A C   1 
ATOM   347  O  O   . THR A 1 42  ? -2.594  14.887  4.650   1.00 15.16 ? 198 THR A O   1 
ATOM   348  C  CB  . THR A 1 42  ? -2.700  16.101  7.690   1.00 20.52 ? 198 THR A CB  1 
ATOM   349  O  OG1 . THR A 1 42  ? -3.135  17.139  6.804   1.00 22.07 ? 198 THR A OG1 1 
ATOM   350  C  CG2 . THR A 1 42  ? -1.898  16.722  8.826   1.00 23.33 ? 198 THR A CG2 1 
ATOM   351  N  N   . LYS A 1 43  ? -3.540  13.509  6.162   1.00 16.16 ? 199 LYS A N   1 
ATOM   352  C  CA  . LYS A 1 43  ? -4.407  12.827  5.193   1.00 14.71 ? 199 LYS A CA  1 
ATOM   353  C  C   . LYS A 1 43  ? -3.488  12.460  4.039   1.00 13.92 ? 199 LYS A C   1 
ATOM   354  O  O   . LYS A 1 43  ? -3.788  12.715  2.873   1.00 13.00 ? 199 LYS A O   1 
ATOM   355  C  CB  . LYS A 1 43  ? -5.526  13.768  4.721   1.00 16.33 ? 199 LYS A CB  1 
ATOM   356  C  CG  . LYS A 1 43  ? -6.695  13.060  4.042   1.00 14.05 ? 199 LYS A CG  1 
ATOM   357  C  CD  . LYS A 1 43  ? -7.861  14.016  3.794   1.00 17.34 ? 199 LYS A CD  1 
ATOM   358  C  CE  . LYS A 1 43  ? -9.064  13.299  3.195   1.00 15.25 ? 199 LYS A CE  1 
ATOM   359  N  NZ  . LYS A 1 43  ? -9.687  12.341  4.139   1.00 14.90 ? 199 LYS A NZ  1 
ATOM   360  N  N   . ASN A 1 44  ? -2.369  11.837  4.399   1.00 10.69 ? 200 ASN A N   1 
ATOM   361  C  CA  . ASN A 1 44  ? -1.326  11.469  3.451   1.00 9.90  ? 200 ASN A CA  1 
ATOM   362  C  C   . ASN A 1 44  ? -1.172  9.989   3.111   1.00 7.86  ? 200 ASN A C   1 
ATOM   363  O  O   . ASN A 1 44  ? -0.081  9.548   2.745   1.00 7.13  ? 200 ASN A O   1 
ATOM   364  C  CB  . ASN A 1 44  ? 0.004   12.012  3.971   1.00 13.35 ? 200 ASN A CB  1 
ATOM   365  C  CG  . ASN A 1 44  ? 0.385   11.419  5.312   1.00 16.54 ? 200 ASN A CG  1 
ATOM   366  O  OD1 . ASN A 1 44  ? -0.433  10.787  5.979   1.00 16.19 ? 200 ASN A OD1 1 
ATOM   367  N  ND2 . ASN A 1 44  ? 1.634   11.629  5.719   1.00 19.94 ? 200 ASN A ND2 1 
ATOM   368  N  N   . ASN A 1 45  ? -2.247  9.222   3.249   1.00 9.03  ? 201 ASN A N   1 
ATOM   369  C  CA  . ASN A 1 45  ? -2.216  7.804   2.907   1.00 9.10  ? 201 ASN A CA  1 
ATOM   370  C  C   . ASN A 1 45  ? -3.212  7.605   1.766   1.00 8.06  ? 201 ASN A C   1 
ATOM   371  O  O   . ASN A 1 45  ? -4.418  7.535   1.991   1.00 5.62  ? 201 ASN A O   1 
ATOM   372  C  CB  . ASN A 1 45  ? -2.607  6.962   4.120   1.00 9.36  ? 201 ASN A CB  1 
ATOM   373  C  CG  . ASN A 1 45  ? -1.735  7.255   5.332   1.00 10.32 ? 201 ASN A CG  1 
ATOM   374  O  OD1 . ASN A 1 45  ? -2.130  7.987   6.245   1.00 14.59 ? 201 ASN A OD1 1 
ATOM   375  N  ND2 . ASN A 1 45  ? -0.537  6.698   5.335   1.00 7.78  ? 201 ASN A ND2 1 
ATOM   376  N  N   . PRO A 1 46  ? -2.716  7.519   0.522   1.00 7.23  ? 202 PRO A N   1 
ATOM   377  C  CA  . PRO A 1 46  ? -3.610  7.336   -0.620  1.00 8.09  ? 202 PRO A CA  1 
ATOM   378  C  C   . PRO A 1 46  ? -4.221  5.942   -0.677  1.00 8.04  ? 202 PRO A C   1 
ATOM   379  O  O   . PRO A 1 46  ? -3.587  4.947   -0.320  1.00 8.85  ? 202 PRO A O   1 
ATOM   380  C  CB  . PRO A 1 46  ? -2.700  7.611   -1.815  1.00 8.62  ? 202 PRO A CB  1 
ATOM   381  C  CG  . PRO A 1 46  ? -1.400  7.039   -1.350  1.00 8.98  ? 202 PRO A CG  1 
ATOM   382  C  CD  . PRO A 1 46  ? -1.303  7.504   0.094   1.00 6.79  ? 202 PRO A CD  1 
ATOM   383  N  N   . VAL A 1 47  ? -5.475  5.889   -1.101  1.00 5.99  ? 203 VAL A N   1 
ATOM   384  C  CA  . VAL A 1 47  ? -6.166  4.618   -1.263  1.00 4.11  ? 203 VAL A CA  1 
ATOM   385  C  C   . VAL A 1 47  ? -6.623  4.593   -2.713  1.00 5.31  ? 203 VAL A C   1 
ATOM   386  O  O   . VAL A 1 47  ? -7.431  5.424   -3.132  1.00 5.57  ? 203 VAL A O   1 
ATOM   387  C  CB  . VAL A 1 47  ? -7.394  4.511   -0.353  1.00 7.10  ? 203 VAL A CB  1 
ATOM   388  C  CG1 . VAL A 1 47  ? -8.098  3.167   -0.564  1.00 8.12  ? 203 VAL A CG1 1 
ATOM   389  C  CG2 . VAL A 1 47  ? -6.966  4.657   1.090   1.00 9.87  ? 203 VAL A CG2 1 
ATOM   390  N  N   . LEU A 1 48  ? -6.079  3.658   -3.485  1.00 7.83  ? 204 LEU A N   1 
ATOM   391  C  CA  . LEU A 1 48  ? -6.441  3.525   -4.891  1.00 8.83  ? 204 LEU A CA  1 
ATOM   392  C  C   . LEU A 1 48  ? -7.847  2.933   -4.937  1.00 9.20  ? 204 LEU A C   1 
ATOM   393  O  O   . LEU A 1 48  ? -8.100  1.877   -4.356  1.00 7.17  ? 204 LEU A O   1 
ATOM   394  C  CB  . LEU A 1 48  ? -5.431  2.615   -5.594  1.00 5.88  ? 204 LEU A CB  1 
ATOM   395  C  CG  . LEU A 1 48  ? -3.991  3.138   -5.520  1.00 7.64  ? 204 LEU A CG  1 
ATOM   396  C  CD1 . LEU A 1 48  ? -3.013  2.070   -5.975  1.00 8.86  ? 204 LEU A CD1 1 
ATOM   397  C  CD2 . LEU A 1 48  ? -3.861  4.387   -6.369  1.00 9.32  ? 204 LEU A CD2 1 
ATOM   398  N  N   . ILE A 1 49  ? -8.757  3.622   -5.624  1.00 7.97  ? 205 ILE A N   1 
ATOM   399  C  CA  . ILE A 1 49  ? -10.154 3.202   -5.713  1.00 8.61  ? 205 ILE A CA  1 
ATOM   400  C  C   . ILE A 1 49  ? -10.542 2.742   -7.110  1.00 9.59  ? 205 ILE A C   1 
ATOM   401  O  O   . ILE A 1 49  ? -10.484 3.521   -8.054  1.00 9.48  ? 205 ILE A O   1 
ATOM   402  C  CB  . ILE A 1 49  ? -11.103 4.363   -5.328  1.00 6.82  ? 205 ILE A CB  1 
ATOM   403  C  CG1 . ILE A 1 49  ? -10.775 4.875   -3.918  1.00 7.61  ? 205 ILE A CG1 1 
ATOM   404  C  CG2 . ILE A 1 49  ? -12.558 3.905   -5.434  1.00 4.84  ? 205 ILE A CG2 1 
ATOM   405  C  CD1 . ILE A 1 49  ? -11.057 3.885   -2.794  1.00 8.58  ? 205 ILE A CD1 1 
ATOM   406  N  N   . GLY A 1 50  ? -10.953 1.483   -7.232  1.00 8.57  ? 206 GLY A N   1 
ATOM   407  C  CA  . GLY A 1 50  ? -11.348 0.964   -8.531  1.00 9.69  ? 206 GLY A CA  1 
ATOM   408  C  C   . GLY A 1 50  ? -11.843 -0.465  -8.438  1.00 11.31 ? 206 GLY A C   1 
ATOM   409  O  O   . GLY A 1 50  ? -11.643 -1.131  -7.422  1.00 10.30 ? 206 GLY A O   1 
ATOM   410  N  N   . GLU A 1 51  ? -12.488 -0.946  -9.496  1.00 11.87 ? 207 GLU A N   1 
ATOM   411  C  CA  . GLU A 1 51  ? -13.000 -2.311  -9.495  1.00 14.70 ? 207 GLU A CA  1 
ATOM   412  C  C   . GLU A 1 51  ? -11.864 -3.330  -9.593  1.00 14.84 ? 207 GLU A C   1 
ATOM   413  O  O   . GLU A 1 51  ? -10.746 -3.004  -9.989  1.00 14.16 ? 207 GLU A O   1 
ATOM   414  C  CB  . GLU A 1 51  ? -13.975 -2.510  -10.658 1.00 17.92 ? 207 GLU A CB  1 
ATOM   415  C  CG  . GLU A 1 51  ? -15.124 -1.518  -10.679 1.00 23.13 ? 207 GLU A CG  1 
ATOM   416  C  CD  . GLU A 1 51  ? -15.894 -1.481  -9.372  1.00 26.87 ? 207 GLU A CD  1 
ATOM   417  O  OE1 . GLU A 1 51  ? -16.285 -2.562  -8.884  1.00 26.73 ? 207 GLU A OE1 1 
ATOM   418  O  OE2 . GLU A 1 51  ? -16.113 -0.370  -8.839  1.00 28.12 ? 207 GLU A OE2 1 
ATOM   419  N  N   . PRO A 1 52  ? -12.135 -4.584  -9.210  1.00 17.53 ? 208 PRO A N   1 
ATOM   420  C  CA  . PRO A 1 52  ? -11.091 -5.606  -9.287  1.00 17.99 ? 208 PRO A CA  1 
ATOM   421  C  C   . PRO A 1 52  ? -10.606 -5.755  -10.726 1.00 17.90 ? 208 PRO A C   1 
ATOM   422  O  O   . PRO A 1 52  ? -11.395 -5.651  -11.668 1.00 19.16 ? 208 PRO A O   1 
ATOM   423  C  CB  . PRO A 1 52  ? -11.807 -6.860  -8.793  1.00 16.12 ? 208 PRO A CB  1 
ATOM   424  C  CG  . PRO A 1 52  ? -12.794 -6.322  -7.829  1.00 17.25 ? 208 PRO A CG  1 
ATOM   425  C  CD  . PRO A 1 52  ? -13.343 -5.120  -8.562  1.00 15.74 ? 208 PRO A CD  1 
ATOM   426  N  N   . GLY A 1 53  ? -9.306  -5.973  -10.890 1.00 18.64 ? 209 GLY A N   1 
ATOM   427  C  CA  . GLY A 1 53  ? -8.747  -6.156  -12.216 1.00 17.98 ? 209 GLY A CA  1 
ATOM   428  C  C   . GLY A 1 53  ? -8.397  -4.905  -12.998 1.00 18.15 ? 209 GLY A C   1 
ATOM   429  O  O   . GLY A 1 53  ? -7.949  -5.009  -14.140 1.00 16.95 ? 209 GLY A O   1 
ATOM   430  N  N   . VAL A 1 54  ? -8.590  -3.728  -12.407 1.00 14.70 ? 210 VAL A N   1 
ATOM   431  C  CA  . VAL A 1 54  ? -8.282  -2.484  -13.112 1.00 14.76 ? 210 VAL A CA  1 
ATOM   432  C  C   . VAL A 1 54  ? -6.793  -2.166  -13.091 1.00 13.93 ? 210 VAL A C   1 
ATOM   433  O  O   . VAL A 1 54  ? -6.348  -1.250  -13.778 1.00 12.37 ? 210 VAL A O   1 
ATOM   434  C  CB  . VAL A 1 54  ? -9.056  -1.272  -12.526 1.00 17.97 ? 210 VAL A CB  1 
ATOM   435  C  CG1 . VAL A 1 54  ? -10.553 -1.528  -12.608 1.00 19.58 ? 210 VAL A CG1 1 
ATOM   436  C  CG2 . VAL A 1 54  ? -8.631  -1.032  -11.089 1.00 18.61 ? 210 VAL A CG2 1 
ATOM   437  N  N   . GLY A 1 55  ? -6.029  -2.910  -12.295 1.00 15.66 ? 211 GLY A N   1 
ATOM   438  C  CA  . GLY A 1 55  ? -4.594  -2.689  -12.241 1.00 14.25 ? 211 GLY A CA  1 
ATOM   439  C  C   . GLY A 1 55  ? -4.101  -1.739  -11.168 1.00 14.30 ? 211 GLY A C   1 
ATOM   440  O  O   . GLY A 1 55  ? -3.134  -1.006  -11.379 1.00 13.16 ? 211 GLY A O   1 
ATOM   441  N  N   . LYS A 1 56  ? -4.739  -1.745  -10.004 1.00 11.06 ? 212 LYS A N   1 
ATOM   442  C  CA  . LYS A 1 56  ? -4.304  -0.860  -8.933  1.00 10.95 ? 212 LYS A CA  1 
ATOM   443  C  C   . LYS A 1 56  ? -2.925  -1.258  -8.421  1.00 10.72 ? 212 LYS A C   1 
ATOM   444  O  O   . LYS A 1 56  ? -2.105  -0.398  -8.108  1.00 11.13 ? 212 LYS A O   1 
ATOM   445  C  CB  . LYS A 1 56  ? -5.285  -0.888  -7.763  1.00 11.88 ? 212 LYS A CB  1 
ATOM   446  C  CG  . LYS A 1 56  ? -6.705  -0.575  -8.129  1.00 13.41 ? 212 LYS A CG  1 
ATOM   447  C  CD  . LYS A 1 56  ? -7.541  -0.500  -6.866  1.00 16.42 ? 212 LYS A CD  1 
ATOM   448  C  CE  . LYS A 1 56  ? -8.926  -1.032  -7.109  1.00 20.04 ? 212 LYS A CE  1 
ATOM   449  N  NZ  . LYS A 1 56  ? -8.900  -2.439  -7.612  1.00 14.91 ? 212 LYS A NZ  1 
ATOM   450  N  N   . THR A 1 57  ? -2.661  -2.558  -8.318  1.00 12.75 ? 213 THR A N   1 
ATOM   451  C  CA  . THR A 1 57  ? -1.360  -2.993  -7.825  1.00 14.18 ? 213 THR A CA  1 
ATOM   452  C  C   . THR A 1 57  ? -0.225  -2.548  -8.738  1.00 12.86 ? 213 THR A C   1 
ATOM   453  O  O   . THR A 1 57  ? 0.877   -2.289  -8.271  1.00 11.70 ? 213 THR A O   1 
ATOM   454  C  CB  . THR A 1 57  ? -1.297  -4.532  -7.650  1.00 14.36 ? 213 THR A CB  1 
ATOM   455  O  OG1 . THR A 1 57  ? -1.493  -5.174  -8.917  1.00 18.98 ? 213 THR A OG1 1 
ATOM   456  C  CG2 . THR A 1 57  ? -2.383  -4.998  -6.673  1.00 16.94 ? 213 THR A CG2 1 
ATOM   457  N  N   . ALA A 1 58  ? -0.493  -2.463  -10.035 1.00 12.14 ? 214 ALA A N   1 
ATOM   458  C  CA  . ALA A 1 58  ? 0.529   -2.029  -10.982 1.00 12.72 ? 214 ALA A CA  1 
ATOM   459  C  C   . ALA A 1 58  ? 0.959   -0.591  -10.678 1.00 12.43 ? 214 ALA A C   1 
ATOM   460  O  O   . ALA A 1 58  ? 2.119   -0.220  -10.867 1.00 12.69 ? 214 ALA A O   1 
ATOM   461  C  CB  . ALA A 1 58  ? 0.000   -2.124  -12.416 1.00 16.83 ? 214 ALA A CB  1 
ATOM   462  N  N   . ILE A 1 59  ? 0.023   0.225   -10.213 1.00 11.22 ? 215 ILE A N   1 
ATOM   463  C  CA  . ILE A 1 59  ? 0.338   1.613   -9.894  1.00 10.33 ? 215 ILE A CA  1 
ATOM   464  C  C   . ILE A 1 59  ? 1.340   1.659   -8.744  1.00 11.37 ? 215 ILE A C   1 
ATOM   465  O  O   . ILE A 1 59  ? 2.245   2.497   -8.719  1.00 10.22 ? 215 ILE A O   1 
ATOM   466  C  CB  . ILE A 1 59  ? -0.954  2.382   -9.544  1.00 10.26 ? 215 ILE A CB  1 
ATOM   467  C  CG1 . ILE A 1 59  ? -1.792  2.555   -10.817 1.00 10.58 ? 215 ILE A CG1 1 
ATOM   468  C  CG2 . ILE A 1 59  ? -0.630  3.723   -8.907  1.00 10.63 ? 215 ILE A CG2 1 
ATOM   469  C  CD1 . ILE A 1 59  ? -3.207  3.081   -10.567 1.00 7.27  ? 215 ILE A CD1 1 
ATOM   470  N  N   . VAL A 1 60  ? 1.180   0.744   -7.795  1.00 8.94  ? 216 VAL A N   1 
ATOM   471  C  CA  . VAL A 1 60  ? 2.091   0.667   -6.659  1.00 8.29  ? 216 VAL A CA  1 
ATOM   472  C  C   . VAL A 1 60  ? 3.464   0.203   -7.151  1.00 7.29  ? 216 VAL A C   1 
ATOM   473  O  O   . VAL A 1 60  ? 4.501   0.697   -6.700  1.00 8.41  ? 216 VAL A O   1 
ATOM   474  C  CB  . VAL A 1 60  ? 1.548   -0.313  -5.601  1.00 7.65  ? 216 VAL A CB  1 
ATOM   475  C  CG1 . VAL A 1 60  ? 2.516   -0.431  -4.430  1.00 8.88  ? 216 VAL A CG1 1 
ATOM   476  C  CG2 . VAL A 1 60  ? 0.197   0.184   -5.112  1.00 7.94  ? 216 VAL A CG2 1 
ATOM   477  N  N   . GLU A 1 61  ? 3.483   -0.751  -8.075  1.00 7.97  ? 217 GLU A N   1 
ATOM   478  C  CA  . GLU A 1 61  ? 4.766   -1.222  -8.601  1.00 9.74  ? 217 GLU A CA  1 
ATOM   479  C  C   . GLU A 1 61  ? 5.422   -0.066  -9.363  1.00 9.23  ? 217 GLU A C   1 
ATOM   480  O  O   . GLU A 1 61  ? 6.647   0.091   -9.351  1.00 11.21 ? 217 GLU A O   1 
ATOM   481  C  CB  . GLU A 1 61  ? 4.574   -2.432  -9.534  1.00 10.36 ? 217 GLU A CB  1 
ATOM   482  C  CG  . GLU A 1 61  ? 3.814   -3.590  -8.907  1.00 14.46 ? 217 GLU A CG  1 
ATOM   483  C  CD  . GLU A 1 61  ? 3.945   -4.887  -9.685  1.00 18.68 ? 217 GLU A CD  1 
ATOM   484  O  OE1 . GLU A 1 61  ? 4.053   -4.840  -10.928 1.00 22.38 ? 217 GLU A OE1 1 
ATOM   485  O  OE2 . GLU A 1 61  ? 3.925   -5.961  -9.048  1.00 20.36 ? 217 GLU A OE2 1 
ATOM   486  N  N   . GLY A 1 62  ? 4.598   0.744   -10.023 1.00 10.64 ? 218 GLY A N   1 
ATOM   487  C  CA  . GLY A 1 62  ? 5.114   1.884   -10.762 1.00 9.49  ? 218 GLY A CA  1 
ATOM   488  C  C   . GLY A 1 62  ? 5.760   2.890   -9.826  1.00 12.85 ? 218 GLY A C   1 
ATOM   489  O  O   . GLY A 1 62  ? 6.771   3.514   -10.165 1.00 13.34 ? 218 GLY A O   1 
ATOM   490  N  N   . LEU A 1 63  ? 5.164   3.061   -8.649  1.00 10.05 ? 219 LEU A N   1 
ATOM   491  C  CA  . LEU A 1 63  ? 5.690   3.978   -7.639  1.00 11.52 ? 219 LEU A CA  1 
ATOM   492  C  C   . LEU A 1 63  ? 7.060   3.479   -7.185  1.00 10.23 ? 219 LEU A C   1 
ATOM   493  O  O   . LEU A 1 63  ? 8.007   4.256   -7.014  1.00 10.49 ? 219 LEU A O   1 
ATOM   494  C  CB  . LEU A 1 63  ? 4.737   4.038   -6.440  1.00 13.30 ? 219 LEU A CB  1 
ATOM   495  C  CG  . LEU A 1 63  ? 5.228   4.779   -5.191  1.00 14.03 ? 219 LEU A CG  1 
ATOM   496  C  CD1 . LEU A 1 63  ? 5.501   6.233   -5.519  1.00 14.94 ? 219 LEU A CD1 1 
ATOM   497  C  CD2 . LEU A 1 63  ? 4.169   4.656   -4.084  1.00 15.03 ? 219 LEU A CD2 1 
ATOM   498  N  N   . ALA A 1 64  ? 7.157   2.170   -6.988  1.00 10.38 ? 220 ALA A N   1 
ATOM   499  C  CA  . ALA A 1 64  ? 8.404   1.550   -6.571  1.00 9.83  ? 220 ALA A CA  1 
ATOM   500  C  C   . ALA A 1 64  ? 9.487   1.781   -7.623  1.00 11.65 ? 220 ALA A C   1 
ATOM   501  O  O   . ALA A 1 64  ? 10.622  2.131   -7.294  1.00 11.54 ? 220 ALA A O   1 
ATOM   502  C  CB  . ALA A 1 64  ? 8.189   0.059   -6.361  1.00 9.61  ? 220 ALA A CB  1 
ATOM   503  N  N   . GLN A 1 65  ? 9.136   1.580   -8.889  1.00 13.65 ? 221 GLN A N   1 
ATOM   504  C  CA  . GLN A 1 65  ? 10.093  1.769   -9.976  1.00 15.36 ? 221 GLN A CA  1 
ATOM   505  C  C   . GLN A 1 65  ? 10.598  3.214   -10.050 1.00 15.58 ? 221 GLN A C   1 
ATOM   506  O  O   . GLN A 1 65  ? 11.797  3.464   -10.223 1.00 15.06 ? 221 GLN A O   1 
ATOM   507  C  CB  . GLN A 1 65  ? 9.454   1.390   -11.313 1.00 16.73 ? 221 GLN A CB  1 
ATOM   508  C  CG  . GLN A 1 65  ? 10.447  1.349   -12.467 1.00 18.49 ? 221 GLN A CG  1 
ATOM   509  C  CD  . GLN A 1 65  ? 11.468  0.237   -12.321 1.00 19.49 ? 221 GLN A CD  1 
ATOM   510  O  OE1 . GLN A 1 65  ? 11.132  -0.945  -12.418 1.00 20.19 ? 221 GLN A OE1 1 
ATOM   511  N  NE2 . GLN A 1 65  ? 12.723  0.608   -12.084 1.00 18.49 ? 221 GLN A NE2 1 
ATOM   512  N  N   . ARG A 1 66  ? 9.679   4.169   -9.939  1.00 15.12 ? 222 ARG A N   1 
ATOM   513  C  CA  . ARG A 1 66  ? 10.069  5.572   -9.991  1.00 16.80 ? 222 ARG A CA  1 
ATOM   514  C  C   . ARG A 1 66  ? 11.018  5.935   -8.856  1.00 16.39 ? 222 ARG A C   1 
ATOM   515  O  O   . ARG A 1 66  ? 11.982  6.676   -9.064  1.00 15.22 ? 222 ARG A O   1 
ATOM   516  C  CB  . ARG A 1 66  ? 8.842   6.485   -9.973  1.00 17.31 ? 222 ARG A CB  1 
ATOM   517  C  CG  . ARG A 1 66  ? 8.072   6.463   -11.282 1.00 20.39 ? 222 ARG A CG  1 
ATOM   518  C  CD  . ARG A 1 66  ? 7.213   7.705   -11.463 1.00 23.95 ? 222 ARG A CD  1 
ATOM   519  N  NE  . ARG A 1 66  ? 6.513   7.653   -12.742 1.00 26.11 ? 222 ARG A NE  1 
ATOM   520  C  CZ  . ARG A 1 66  ? 5.668   8.578   -13.180 1.00 26.49 ? 222 ARG A CZ  1 
ATOM   521  N  NH1 . ARG A 1 66  ? 5.408   9.649   -12.442 1.00 27.67 ? 222 ARG A NH1 1 
ATOM   522  N  NH2 . ARG A 1 66  ? 5.080   8.427   -14.360 1.00 28.41 ? 222 ARG A NH2 1 
ATOM   523  N  N   . ILE A 1 67  ? 10.756  5.420   -7.658  1.00 14.91 ? 223 ILE A N   1 
ATOM   524  C  CA  . ILE A 1 67  ? 11.634  5.701   -6.529  1.00 13.12 ? 223 ILE A CA  1 
ATOM   525  C  C   . ILE A 1 67  ? 13.043  5.205   -6.841  1.00 14.82 ? 223 ILE A C   1 
ATOM   526  O  O   . ILE A 1 67  ? 14.017  5.926   -6.641  1.00 16.18 ? 223 ILE A O   1 
ATOM   527  C  CB  . ILE A 1 67  ? 11.124  5.027   -5.236  1.00 14.05 ? 223 ILE A CB  1 
ATOM   528  C  CG1 . ILE A 1 67  ? 9.843   5.725   -4.779  1.00 13.72 ? 223 ILE A CG1 1 
ATOM   529  C  CG2 . ILE A 1 67  ? 12.179  5.114   -4.130  1.00 12.13 ? 223 ILE A CG2 1 
ATOM   530  C  CD1 . ILE A 1 67  ? 9.184   5.090   -3.552  1.00 14.85 ? 223 ILE A CD1 1 
ATOM   531  N  N   . ILE A 1 68  ? 13.151  3.978   -7.341  1.00 16.12 ? 224 ILE A N   1 
ATOM   532  C  CA  . ILE A 1 68  ? 14.457  3.411   -7.677  1.00 17.43 ? 224 ILE A CA  1 
ATOM   533  C  C   . ILE A 1 68  ? 15.117  4.234   -8.777  1.00 19.16 ? 224 ILE A C   1 
ATOM   534  O  O   . ILE A 1 68  ? 16.354  4.410   -8.794  1.00 20.01 ? 224 ILE A O   1 
ATOM   535  C  CB  . ILE A 1 68  ? 14.321  1.954   -8.147  1.00 16.81 ? 224 ILE A CB  1 
ATOM   536  C  CG1 . ILE A 1 68  ? 13.772  1.103   -7.003  1.00 16.40 ? 224 ILE A CG1 1 
ATOM   537  C  CG2 . ILE A 1 68  ? 15.666  1.416   -8.597  1.00 18.42 ? 224 ILE A CG2 1 
ATOM   538  C  CD1 . ILE A 1 68  ? 14.552  1.221   -5.715  1.00 15.79 ? 224 ILE A CD1 1 
ATOM   539  N  N   . ASN A 1 69  ? 14.289  4.725   -9.702  1.00 18.47 ? 225 ASN A N   1 
ATOM   540  C  CA  . ASN A 1 69  ? 14.801  5.563   -10.798 1.00 21.63 ? 225 ASN A CA  1 
ATOM   541  C  C   . ASN A 1 69  ? 15.081  7.017   -10.374 1.00 21.27 ? 225 ASN A C   1 
ATOM   542  O  O   . ASN A 1 69  ? 15.733  7.782   -11.108 1.00 20.84 ? 225 ASN A O   1 
ATOM   543  C  CB  . ASN A 1 69  ? 13.854  5.617   -11.945 1.00 30.61 ? 225 ASN A CB  1 
ATOM   544  C  CG  . ASN A 1 69  ? 13.669  4.309   -12.606 1.00 37.07 ? 225 ASN A CG  1 
ATOM   545  O  OD1 . ASN A 1 69  ? 14.383  3.273   -12.381 1.00 22.76 ? 225 ASN A OD1 1 
ATOM   546  N  ND2 . ASN A 1 69  ? 12.685  4.324   -13.470 1.00 22.77 ? 225 ASN A ND2 1 
ATOM   547  N  N   . GLY A 1 70  ? 14.654  7.375   -9.165  1.00 22.80 ? 226 GLY A N   1 
ATOM   548  C  CA  . GLY A 1 70  ? 14.887  8.717   -8.654  1.00 23.76 ? 226 GLY A CA  1 
ATOM   549  C  C   . GLY A 1 70  ? 13.947  9.693   -9.314  1.00 24.30 ? 226 GLY A C   1 
ATOM   550  O  O   . GLY A 1 70  ? 14.144  10.906  -9.241  1.00 26.43 ? 226 GLY A O   1 
ATOM   551  N  N   . GLU A 1 71  ? 12.923  9.155   -9.969  1.00 23.49 ? 227 GLU A N   1 
ATOM   552  C  CA  . GLU A 1 71  ? 11.931  9.969   -10.663 1.00 24.51 ? 227 GLU A CA  1 
ATOM   553  C  C   . GLU A 1 71  ? 10.856  10.399  -9.679  1.00 22.74 ? 227 GLU A C   1 
ATOM   554  O  O   . GLU A 1 71  ? 9.667   10.341  -9.983  1.00 22.34 ? 227 GLU A O   1 
ATOM   555  C  CB  . GLU A 1 71  ? 11.291  9.166   -11.798 1.00 31.14 ? 227 GLU A CB  1 
ATOM   556  C  CG  . GLU A 1 71  ? 12.288  8.545   -12.773 1.00 37.74 ? 227 GLU A CG  1 
ATOM   557  C  CD  . GLU A 1 71  ? 11.611  7.756   -13.878 1.00 40.54 ? 227 GLU A CD  1 
ATOM   558  O  OE1 . GLU A 1 71  ? 10.794  6.865   -13.563 1.00 42.58 ? 227 GLU A OE1 1 
ATOM   559  O  OE2 . GLU A 1 71  ? 11.899  8.018   -15.064 1.00 43.42 ? 227 GLU A OE2 1 
ATOM   560  N  N   . VAL A 1 72  ? 11.283  10.827  -8.496  1.00 22.32 ? 228 VAL A N   1 
ATOM   561  C  CA  . VAL A 1 72  ? 10.361  11.253  -7.455  1.00 22.09 ? 228 VAL A CA  1 
ATOM   562  C  C   . VAL A 1 72  ? 10.906  12.467  -6.717  1.00 24.40 ? 228 VAL A C   1 
ATOM   563  O  O   . VAL A 1 72  ? 12.099  12.774  -6.806  1.00 22.93 ? 228 VAL A O   1 
ATOM   564  C  CB  . VAL A 1 72  ? 10.147  10.128  -6.411  1.00 20.92 ? 228 VAL A CB  1 
ATOM   565  C  CG1 . VAL A 1 72  ? 9.566   8.892   -7.076  1.00 19.95 ? 228 VAL A CG1 1 
ATOM   566  C  CG2 . VAL A 1 72  ? 11.468  9.782   -5.749  1.00 18.96 ? 228 VAL A CG2 1 
ATOM   567  N  N   . PRO A 1 73  ? 10.033  13.184  -5.987  1.00 26.79 ? 229 PRO A N   1 
ATOM   568  C  CA  . PRO A 1 73  ? 10.490  14.356  -5.240  1.00 29.90 ? 229 PRO A CA  1 
ATOM   569  C  C   . PRO A 1 73  ? 11.638  13.929  -4.325  1.00 34.37 ? 229 PRO A C   1 
ATOM   570  O  O   . PRO A 1 73  ? 11.850  12.736  -4.095  1.00 34.96 ? 229 PRO A O   1 
ATOM   571  C  CB  . PRO A 1 73  ? 9.245   14.774  -4.477  1.00 24.03 ? 229 PRO A CB  1 
ATOM   572  C  CG  . PRO A 1 73  ? 8.155   14.472  -5.470  1.00 21.76 ? 229 PRO A CG  1 
ATOM   573  C  CD  . PRO A 1 73  ? 8.559   13.095  -5.974  1.00 21.59 ? 229 PRO A CD  1 
ATOM   574  N  N   . GLU A 1 74  ? 12.385  14.900  -3.815  1.00 36.24 ? 230 GLU A N   1 
ATOM   575  C  CA  . GLU A 1 74  ? 13.542  14.623  -2.963  1.00 38.10 ? 230 GLU A CA  1 
ATOM   576  C  C   . GLU A 1 74  ? 13.286  13.819  -1.681  1.00 36.60 ? 230 GLU A C   1 
ATOM   577  O  O   . GLU A 1 74  ? 14.012  12.854  -1.399  1.00 37.35 ? 230 GLU A O   1 
ATOM   578  C  CB  . GLU A 1 74  ? 14.225  15.937  -2.593  1.00 42.88 ? 230 GLU A CB  1 
ATOM   579  C  CG  . GLU A 1 74  ? 15.702  15.809  -2.241  1.00 46.99 ? 230 GLU A CG  1 
ATOM   580  C  CD  . GLU A 1 74  ? 16.551  15.403  -3.434  1.00 49.88 ? 230 GLU A CD  1 
ATOM   581  O  OE1 . GLU A 1 74  ? 16.063  15.515  -4.579  1.00 51.30 ? 230 GLU A OE1 1 
ATOM   582  O  OE2 . GLU A 1 74  ? 17.709  14.981  -3.226  1.00 52.22 ? 230 GLU A OE2 1 
ATOM   583  N  N   . GLY A 1 75  ? 12.258  14.193  -0.919  1.00 34.23 ? 231 GLY A N   1 
ATOM   584  C  CA  . GLY A 1 75  ? 11.967  13.496  0.325   1.00 32.47 ? 231 GLY A CA  1 
ATOM   585  C  C   . GLY A 1 75  ? 11.533  12.044  0.210   1.00 30.87 ? 231 GLY A C   1 
ATOM   586  O  O   . GLY A 1 75  ? 11.536  11.312  1.207   1.00 33.01 ? 231 GLY A O   1 
ATOM   587  N  N   . LEU A 1 76  ? 11.160  11.624  -0.994  1.00 27.63 ? 232 LEU A N   1 
ATOM   588  C  CA  . LEU A 1 76  ? 10.704  10.257  -1.225  1.00 24.51 ? 232 LEU A CA  1 
ATOM   589  C  C   . LEU A 1 76  ? 11.864  9.394   -1.717  1.00 22.57 ? 232 LEU A C   1 
ATOM   590  O  O   . LEU A 1 76  ? 11.734  8.182   -1.895  1.00 20.67 ? 232 LEU A O   1 
ATOM   591  C  CB  . LEU A 1 76  ? 9.577   10.281  -2.259  1.00 26.27 ? 232 LEU A CB  1 
ATOM   592  C  CG  . LEU A 1 76  ? 8.609   9.104   -2.349  1.00 27.42 ? 232 LEU A CG  1 
ATOM   593  C  CD1 . LEU A 1 76  ? 8.048   8.783   -0.975  1.00 27.58 ? 232 LEU A CD1 1 
ATOM   594  C  CD2 . LEU A 1 76  ? 7.477   9.460   -3.310  1.00 26.96 ? 232 LEU A CD2 1 
ATOM   595  N  N   . LYS A 1 77  ? 13.005  10.038  -1.940  1.00 22.51 ? 233 LYS A N   1 
ATOM   596  C  CA  . LYS A 1 77  ? 14.203  9.355   -2.410  1.00 24.15 ? 233 LYS A CA  1 
ATOM   597  C  C   . LYS A 1 77  ? 14.676  8.338   -1.374  1.00 19.58 ? 233 LYS A C   1 
ATOM   598  O  O   . LYS A 1 77  ? 14.700  8.632   -0.180  1.00 18.90 ? 233 LYS A O   1 
ATOM   599  C  CB  . LYS A 1 77  ? 15.316  10.378  -2.643  1.00 36.81 ? 233 LYS A CB  1 
ATOM   600  C  CG  . LYS A 1 77  ? 15.768  10.553  -4.082  1.00 44.07 ? 233 LYS A CG  1 
ATOM   601  C  CD  . LYS A 1 77  ? 14.703  11.174  -4.960  1.00 49.48 ? 233 LYS A CD  1 
ATOM   602  C  CE  . LYS A 1 77  ? 15.338  12.004  -6.068  1.00 49.83 ? 233 LYS A CE  1 
ATOM   603  N  NZ  . LYS A 1 77  ? 16.756  11.616  -6.322  1.00 51.92 ? 233 LYS A NZ  1 
ATOM   604  N  N   . GLY A 1 78  ? 15.052  7.146   -1.831  1.00 17.79 ? 234 GLY A N   1 
ATOM   605  C  CA  . GLY A 1 78  ? 15.542  6.122   -0.924  1.00 16.38 ? 234 GLY A CA  1 
ATOM   606  C  C   . GLY A 1 78  ? 14.476  5.460   -0.072  1.00 15.35 ? 234 GLY A C   1 
ATOM   607  O  O   . GLY A 1 78  ? 14.785  4.649   0.804   1.00 13.94 ? 234 GLY A O   1 
ATOM   608  N  N   . ARG A 1 79  ? 13.221  5.804   -0.322  1.00 14.20 ? 235 ARG A N   1 
ATOM   609  C  CA  . ARG A 1 79  ? 12.117  5.226   0.433   1.00 15.48 ? 235 ARG A CA  1 
ATOM   610  C  C   . ARG A 1 79  ? 11.950  3.786   -0.040  1.00 12.31 ? 235 ARG A C   1 
ATOM   611  O  O   . ARG A 1 79  ? 12.304  3.467   -1.170  1.00 10.34 ? 235 ARG A O   1 
ATOM   612  C  CB  . ARG A 1 79  ? 10.832  6.004   0.149   1.00 25.00 ? 235 ARG A CB  1 
ATOM   613  C  CG  . ARG A 1 79  ? 9.909   6.141   1.340   1.00 33.12 ? 235 ARG A CG  1 
ATOM   614  C  CD  . ARG A 1 79  ? 10.140  7.465   2.050   1.00 38.10 ? 235 ARG A CD  1 
ATOM   615  N  NE  . ARG A 1 79  ? 11.558  7.742   2.261   1.00 43.77 ? 235 ARG A NE  1 
ATOM   616  C  CZ  . ARG A 1 79  ? 12.020  8.809   2.906   1.00 46.09 ? 235 ARG A CZ  1 
ATOM   617  N  NH1 . ARG A 1 79  ? 11.175  9.701   3.407   1.00 47.58 ? 235 ARG A NH1 1 
ATOM   618  N  NH2 . ARG A 1 79  ? 13.327  8.986   3.050   1.00 48.16 ? 235 ARG A NH2 1 
ATOM   619  N  N   . ARG A 1 80  ? 11.441  2.914   0.826   1.00 11.28 ? 236 ARG A N   1 
ATOM   620  C  CA  . ARG A 1 80  ? 11.203  1.525   0.442   1.00 11.75 ? 236 ARG A CA  1 
ATOM   621  C  C   . ARG A 1 80  ? 9.698   1.309   0.352   1.00 10.04 ? 236 ARG A C   1 
ATOM   622  O  O   . ARG A 1 80  ? 8.945   1.841   1.169   1.00 8.63  ? 236 ARG A O   1 
ATOM   623  C  CB  . ARG A 1 80  ? 11.786  0.548   1.473   1.00 18.32 ? 236 ARG A CB  1 
ATOM   624  C  CG  . ARG A 1 80  ? 13.302  0.385   1.420   1.00 24.44 ? 236 ARG A CG  1 
ATOM   625  C  CD  . ARG A 1 80  ? 13.771  -0.567  2.508   1.00 30.17 ? 236 ARG A CD  1 
ATOM   626  N  NE  . ARG A 1 80  ? 13.267  -1.926  2.325   1.00 33.92 ? 236 ARG A NE  1 
ATOM   627  C  CZ  . ARG A 1 80  ? 13.261  -2.849  3.284   1.00 37.33 ? 236 ARG A CZ  1 
ATOM   628  N  NH1 . ARG A 1 80  ? 13.728  -2.550  4.489   1.00 39.77 ? 236 ARG A NH1 1 
ATOM   629  N  NH2 . ARG A 1 80  ? 12.799  -4.069  3.041   1.00 37.42 ? 236 ARG A NH2 1 
ATOM   630  N  N   . VAL A 1 81  ? 9.264   0.553   -0.653  1.00 10.26 ? 237 VAL A N   1 
ATOM   631  C  CA  . VAL A 1 81  ? 7.845   0.247   -0.817  1.00 9.11  ? 237 VAL A CA  1 
ATOM   632  C  C   . VAL A 1 81  ? 7.674   -1.248  -0.554  1.00 10.08 ? 237 VAL A C   1 
ATOM   633  O  O   . VAL A 1 81  ? 8.203   -2.082  -1.297  1.00 9.99  ? 237 VAL A O   1 
ATOM   634  C  CB  . VAL A 1 81  ? 7.343   0.568   -2.248  1.00 11.75 ? 237 VAL A CB  1 
ATOM   635  C  CG1 . VAL A 1 81  ? 5.869   0.181   -2.381  1.00 8.95  ? 237 VAL A CG1 1 
ATOM   636  C  CG2 . VAL A 1 81  ? 7.524   2.056   -2.550  1.00 11.42 ? 237 VAL A CG2 1 
ATOM   637  N  N   . LEU A 1 82  ? 6.951   -1.578  0.514   1.00 6.99  ? 238 LEU A N   1 
ATOM   638  C  CA  . LEU A 1 82  ? 6.727   -2.971  0.904   1.00 7.36  ? 238 LEU A CA  1 
ATOM   639  C  C   . LEU A 1 82  ? 5.252   -3.341  0.838   1.00 7.14  ? 238 LEU A C   1 
ATOM   640  O  O   . LEU A 1 82  ? 4.414   -2.637  1.382   1.00 7.73  ? 238 LEU A O   1 
ATOM   641  C  CB  . LEU A 1 82  ? 7.234   -3.211  2.336   1.00 8.74  ? 238 LEU A CB  1 
ATOM   642  C  CG  . LEU A 1 82  ? 8.712   -3.505  2.601   1.00 14.11 ? 238 LEU A CG  1 
ATOM   643  C  CD1 . LEU A 1 82  ? 9.611   -2.593  1.796   1.00 14.35 ? 238 LEU A CD1 1 
ATOM   644  C  CD2 . LEU A 1 82  ? 8.966   -3.365  4.097   1.00 11.81 ? 238 LEU A CD2 1 
ATOM   645  N  N   . ALA A 1 83  ? 4.940   -4.451  0.178   1.00 6.58  ? 239 ALA A N   1 
ATOM   646  C  CA  . ALA A 1 83  ? 3.555   -4.895  0.064   1.00 7.01  ? 239 ALA A CA  1 
ATOM   647  C  C   . ALA A 1 83  ? 3.255   -5.918  1.149   1.00 7.58  ? 239 ALA A C   1 
ATOM   648  O  O   . ALA A 1 83  ? 4.004   -6.881  1.317   1.00 9.22  ? 239 ALA A O   1 
ATOM   649  C  CB  . ALA A 1 83  ? 3.317   -5.511  -1.316  1.00 5.70  ? 239 ALA A CB  1 
ATOM   650  N  N   . LEU A 1 84  ? 2.172   -5.699  1.894   1.00 7.26  ? 240 LEU A N   1 
ATOM   651  C  CA  . LEU A 1 84  ? 1.783   -6.630  2.948   1.00 9.95  ? 240 LEU A CA  1 
ATOM   652  C  C   . LEU A 1 84  ? 1.449   -7.927  2.231   1.00 9.97  ? 240 LEU A C   1 
ATOM   653  O  O   . LEU A 1 84  ? 0.647   -7.935  1.298   1.00 9.56  ? 240 LEU A O   1 
ATOM   654  C  CB  . LEU A 1 84  ? 0.540   -6.135  3.702   1.00 11.34 ? 240 LEU A CB  1 
ATOM   655  C  CG  . LEU A 1 84  ? 0.624   -5.881  5.209   1.00 18.44 ? 240 LEU A CG  1 
ATOM   656  C  CD1 . LEU A 1 84  ? -0.788  -5.975  5.769   1.00 15.35 ? 240 LEU A CD1 1 
ATOM   657  C  CD2 . LEU A 1 84  ? 1.533   -6.888  5.910   1.00 15.03 ? 240 LEU A CD2 1 
ATOM   658  N  N   . ASP A 1 85  ? 2.077   -9.014  2.658   1.00 7.50  ? 241 ASP A N   1 
ATOM   659  C  CA  . ASP A 1 85  ? 1.877   -10.317 2.048   1.00 8.65  ? 241 ASP A CA  1 
ATOM   660  C  C   . ASP A 1 85  ? 0.856   -11.114 2.856   1.00 8.84  ? 241 ASP A C   1 
ATOM   661  O  O   . ASP A 1 85  ? 1.223   -11.800 3.810   1.00 8.39  ? 241 ASP A O   1 
ATOM   662  C  CB  . ASP A 1 85  ? 3.213   -11.059 2.023   1.00 10.26 ? 241 ASP A CB  1 
ATOM   663  C  CG  . ASP A 1 85  ? 3.173   -12.315 1.178   1.00 13.61 ? 241 ASP A CG  1 
ATOM   664  O  OD1 . ASP A 1 85  ? 2.073   -12.849 0.930   1.00 13.00 ? 241 ASP A OD1 1 
ATOM   665  O  OD2 . ASP A 1 85  ? 4.253   -12.772 0.762   1.00 14.65 ? 241 ASP A OD2 1 
ATOM   666  N  N   . MET A 1 86  ? -0.418  -11.023 2.482   1.00 7.44  ? 242 MET A N   1 
ATOM   667  C  CA  . MET A 1 86  ? -1.466  -11.743 3.194   1.00 9.02  ? 242 MET A CA  1 
ATOM   668  C  C   . MET A 1 86  ? -1.233  -13.248 3.198   1.00 8.99  ? 242 MET A C   1 
ATOM   669  O  O   . MET A 1 86  ? -1.468  -13.919 4.194   1.00 8.30  ? 242 MET A O   1 
ATOM   670  C  CB  . MET A 1 86  ? -2.831  -11.439 2.568   1.00 13.83 ? 242 MET A CB  1 
ATOM   671  C  CG  . MET A 1 86  ? -3.235  -9.968  2.598   1.00 21.14 ? 242 MET A CG  1 
ATOM   672  S  SD  . MET A 1 86  ? -3.169  -9.234  4.242   1.00 29.51 ? 242 MET A SD  1 
ATOM   673  C  CE  . MET A 1 86  ? -4.320  -10.250 5.097   1.00 25.29 ? 242 MET A CE  1 
ATOM   674  N  N   . GLY A 1 87  ? -0.803  -13.789 2.068   1.00 10.04 ? 243 GLY A N   1 
ATOM   675  C  CA  . GLY A 1 87  ? -0.551  -15.217 2.002   1.00 11.62 ? 243 GLY A CA  1 
ATOM   676  C  C   . GLY A 1 87  ? 0.469   -15.652 3.043   1.00 12.26 ? 243 GLY A C   1 
ATOM   677  O  O   . GLY A 1 87  ? 0.290   -16.655 3.738   1.00 10.39 ? 243 GLY A O   1 
ATOM   678  N  N   . ALA A 1 88  ? 1.545   -14.883 3.163   1.00 10.46 ? 244 ALA A N   1 
ATOM   679  C  CA  . ALA A 1 88  ? 2.601   -15.192 4.122   1.00 8.58  ? 244 ALA A CA  1 
ATOM   680  C  C   . ALA A 1 88  ? 2.115   -15.036 5.557   1.00 8.76  ? 244 ALA A C   1 
ATOM   681  O  O   . ALA A 1 88  ? 2.492   -15.819 6.428   1.00 5.34  ? 244 ALA A O   1 
ATOM   682  C  CB  . ALA A 1 88  ? 3.816   -14.288 3.886   1.00 9.52  ? 244 ALA A CB  1 
ATOM   683  N  N   . LEU A 1 89  ? 1.291   -14.022 5.807   1.00 6.78  ? 245 LEU A N   1 
ATOM   684  C  CA  . LEU A 1 89  ? 0.770   -13.798 7.150   1.00 7.79  ? 245 LEU A CA  1 
ATOM   685  C  C   . LEU A 1 89  ? -0.087  -14.963 7.605   1.00 7.46  ? 245 LEU A C   1 
ATOM   686  O  O   . LEU A 1 89  ? -0.054  -15.344 8.775   1.00 5.49  ? 245 LEU A O   1 
ATOM   687  C  CB  . LEU A 1 89  ? -0.059  -12.511 7.201   1.00 8.39  ? 245 LEU A CB  1 
ATOM   688  C  CG  . LEU A 1 89  ? 0.720   -11.196 7.222   1.00 10.23 ? 245 LEU A CG  1 
ATOM   689  C  CD1 . LEU A 1 89  ? -0.205  -10.058 6.834   1.00 13.61 ? 245 LEU A CD1 1 
ATOM   690  C  CD2 . LEU A 1 89  ? 1.322   -10.971 8.607   1.00 10.40 ? 245 LEU A CD2 1 
ATOM   691  N  N   . VAL A 1 90  ? -0.856  -15.529 6.678   1.00 7.67  ? 246 VAL A N   1 
ATOM   692  C  CA  . VAL A 1 90  ? -1.742  -16.641 7.012   1.00 8.73  ? 246 VAL A CA  1 
ATOM   693  C  C   . VAL A 1 90  ? -1.069  -18.008 6.995   1.00 8.96  ? 246 VAL A C   1 
ATOM   694  O  O   . VAL A 1 90  ? -1.484  -18.919 7.717   1.00 8.05  ? 246 VAL A O   1 
ATOM   695  C  CB  . VAL A 1 90  ? -2.965  -16.671 6.064   1.00 10.41 ? 246 VAL A CB  1 
ATOM   696  C  CG1 . VAL A 1 90  ? -3.761  -17.931 6.293   1.00 13.68 ? 246 VAL A CG1 1 
ATOM   697  C  CG2 . VAL A 1 90  ? -3.838  -15.452 6.318   1.00 9.09  ? 246 VAL A CG2 1 
ATOM   698  N  N   . ALA A 1 91  ? -0.032  -18.159 6.175   1.00 7.80  ? 247 ALA A N   1 
ATOM   699  C  CA  . ALA A 1 91  ? 0.671   -19.442 6.078   1.00 9.36  ? 247 ALA A CA  1 
ATOM   700  C  C   . ALA A 1 91  ? 1.183   -19.967 7.421   1.00 9.95  ? 247 ALA A C   1 
ATOM   701  O  O   . ALA A 1 91  ? 2.035   -19.349 8.061   1.00 10.35 ? 247 ALA A O   1 
ATOM   702  C  CB  . ALA A 1 91  ? 1.834   -19.338 5.084   1.00 6.15  ? 247 ALA A CB  1 
ATOM   703  N  N   . GLY A 1 92  ? 0.661   -21.121 7.833   1.00 8.48  ? 248 GLY A N   1 
ATOM   704  C  CA  . GLY A 1 92  ? 1.069   -21.736 9.086   1.00 9.93  ? 248 GLY A CA  1 
ATOM   705  C  C   . GLY A 1 92  ? 0.559   -21.076 10.355  1.00 8.81  ? 248 GLY A C   1 
ATOM   706  O  O   . GLY A 1 92  ? 0.917   -21.508 11.448  1.00 8.75  ? 248 GLY A O   1 
ATOM   707  N  N   . ALA A 1 93  ? -0.287  -20.056 10.224  1.00 7.60  ? 249 ALA A N   1 
ATOM   708  C  CA  . ALA A 1 93  ? -0.822  -19.326 11.377  1.00 8.49  ? 249 ALA A CA  1 
ATOM   709  C  C   . ALA A 1 93  ? -2.004  -20.022 12.033  1.00 8.95  ? 249 ALA A C   1 
ATOM   710  O  O   . ALA A 1 93  ? -2.128  -20.026 13.255  1.00 8.47  ? 249 ALA A O   1 
ATOM   711  C  CB  . ALA A 1 93  ? -1.237  -17.924 10.951  1.00 6.43  ? 249 ALA A CB  1 
ATOM   712  N  N   . LYS A 1 94  ? -2.876  -20.584 11.205  1.00 8.23  ? 250 LYS A N   1 
ATOM   713  C  CA  . LYS A 1 94  ? -4.072  -21.301 11.642  1.00 8.90  ? 250 LYS A CA  1 
ATOM   714  C  C   . LYS A 1 94  ? -5.123  -20.473 12.389  1.00 10.06 ? 250 LYS A C   1 
ATOM   715  O  O   . LYS A 1 94  ? -6.310  -20.521 12.038  1.00 8.91  ? 250 LYS A O   1 
ATOM   716  C  CB  . LYS A 1 94  ? -3.680  -22.514 12.498  1.00 9.10  ? 250 LYS A CB  1 
ATOM   717  C  CG  . LYS A 1 94  ? -4.859  -23.435 12.825  1.00 11.68 ? 250 LYS A CG  1 
ATOM   718  C  CD  . LYS A 1 94  ? -4.387  -24.759 13.413  1.00 12.48 ? 250 LYS A CD  1 
ATOM   719  C  CE  . LYS A 1 94  ? -5.544  -25.728 13.618  1.00 16.11 ? 250 LYS A CE  1 
ATOM   720  N  NZ  . LYS A 1 94  ? -5.084  -27.061 14.128  1.00 14.84 ? 250 LYS A NZ  1 
ATOM   721  N  N   . TYR A 1 95  ? -4.691  -19.699 13.388  1.00 8.33  ? 251 TYR A N   1 
ATOM   722  C  CA  . TYR A 1 95  ? -5.609  -18.897 14.205  1.00 8.71  ? 251 TYR A CA  1 
ATOM   723  C  C   . TYR A 1 95  ? -5.572  -17.389 13.981  1.00 10.27 ? 251 TYR A C   1 
ATOM   724  O  O   . TYR A 1 95  ? -4.539  -16.825 13.641  1.00 8.74  ? 251 TYR A O   1 
ATOM   725  C  CB  . TYR A 1 95  ? -5.347  -19.165 15.690  1.00 7.74  ? 251 TYR A CB  1 
ATOM   726  C  CG  . TYR A 1 95  ? -5.302  -20.632 16.043  1.00 8.06  ? 251 TYR A CG  1 
ATOM   727  C  CD1 . TYR A 1 95  ? -4.125  -21.370 15.918  1.00 9.02  ? 251 TYR A CD1 1 
ATOM   728  C  CD2 . TYR A 1 95  ? -6.450  -21.297 16.459  1.00 11.35 ? 251 TYR A CD2 1 
ATOM   729  C  CE1 . TYR A 1 95  ? -4.100  -22.741 16.200  1.00 10.31 ? 251 TYR A CE1 1 
ATOM   730  C  CE2 . TYR A 1 95  ? -6.436  -22.658 16.739  1.00 10.94 ? 251 TYR A CE2 1 
ATOM   731  C  CZ  . TYR A 1 95  ? -5.261  -23.374 16.609  1.00 12.53 ? 251 TYR A CZ  1 
ATOM   732  O  OH  . TYR A 1 95  ? -5.256  -24.715 16.908  1.00 10.93 ? 251 TYR A OH  1 
ATOM   733  N  N   . ARG A 1 96  ? -6.718  -16.739 14.178  1.00 9.53  ? 252 ARG A N   1 
ATOM   734  C  CA  . ARG A 1 96  ? -6.798  -15.290 14.025  1.00 10.65 ? 252 ARG A CA  1 
ATOM   735  C  C   . ARG A 1 96  ? -5.829  -14.609 14.989  1.00 10.69 ? 252 ARG A C   1 
ATOM   736  O  O   . ARG A 1 96  ? -5.220  -13.595 14.652  1.00 9.75  ? 252 ARG A O   1 
ATOM   737  C  CB  . ARG A 1 96  ? -8.211  -14.782 14.318  1.00 14.20 ? 252 ARG A CB  1 
ATOM   738  C  CG  . ARG A 1 96  ? -9.229  -15.095 13.237  1.00 21.82 ? 252 ARG A CG  1 
ATOM   739  C  CD  . ARG A 1 96  ? -10.544 -14.374 13.512  1.00 26.65 ? 252 ARG A CD  1 
ATOM   740  N  NE  . ARG A 1 96  ? -11.531 -15.215 14.185  1.00 33.33 ? 252 ARG A NE  1 
ATOM   741  C  CZ  . ARG A 1 96  ? -12.385 -16.006 13.533  1.00 35.30 ? 252 ARG A CZ  1 
ATOM   742  N  NH1 . ARG A 1 96  ? -12.369 -16.058 12.197  1.00 38.79 ? 252 ARG A NH1 1 
ATOM   743  N  NH2 . ARG A 1 96  ? -13.261 -16.748 14.201  1.00 37.74 ? 252 ARG A NH2 1 
ATOM   744  N  N   . GLY A 1 97  ? -5.701  -15.163 16.193  1.00 10.66 ? 253 GLY A N   1 
ATOM   745  C  CA  . GLY A 1 97  ? -4.802  -14.593 17.184  1.00 11.79 ? 253 GLY A CA  1 
ATOM   746  C  C   . GLY A 1 97  ? -3.348  -14.583 16.743  1.00 11.76 ? 253 GLY A C   1 
ATOM   747  O  O   . GLY A 1 97  ? -2.605  -13.630 17.008  1.00 11.46 ? 253 GLY A O   1 
ATOM   748  N  N   . GLU A 1 98  ? -2.936  -15.651 16.068  1.00 9.01  ? 254 GLU A N   1 
ATOM   749  C  CA  . GLU A 1 98  ? -1.564  -15.758 15.578  1.00 8.43  ? 254 GLU A CA  1 
ATOM   750  C  C   . GLU A 1 98  ? -1.365  -14.750 14.443  1.00 8.74  ? 254 GLU A C   1 
ATOM   751  O  O   . GLU A 1 98  ? -0.331  -14.083 14.361  1.00 8.40  ? 254 GLU A O   1 
ATOM   752  C  CB  . GLU A 1 98  ? -1.295  -17.195 15.100  1.00 5.61  ? 254 GLU A CB  1 
ATOM   753  C  CG  . GLU A 1 98  ? 0.035   -17.408 14.369  1.00 8.11  ? 254 GLU A CG  1 
ATOM   754  C  CD  . GLU A 1 98  ? 1.242   -17.062 15.219  1.00 10.13 ? 254 GLU A CD  1 
ATOM   755  O  OE1 . GLU A 1 98  ? 1.220   -17.346 16.437  1.00 11.31 ? 254 GLU A OE1 1 
ATOM   756  O  OE2 . GLU A 1 98  ? 2.225   -16.517 14.672  1.00 7.87  ? 254 GLU A OE2 1 
ATOM   757  N  N   . PHE A 1 99  ? -2.373  -14.632 13.581  1.00 6.64  ? 255 PHE A N   1 
ATOM   758  C  CA  . PHE A 1 99  ? -2.327  -13.685 12.467  1.00 8.00  ? 255 PHE A CA  1 
ATOM   759  C  C   . PHE A 1 99  ? -2.179  -12.262 13.023  1.00 8.27  ? 255 PHE A C   1 
ATOM   760  O  O   . PHE A 1 99  ? -1.346  -11.485 12.563  1.00 8.87  ? 255 PHE A O   1 
ATOM   761  C  CB  . PHE A 1 99  ? -3.617  -13.773 11.648  1.00 9.34  ? 255 PHE A CB  1 
ATOM   762  C  CG  . PHE A 1 99  ? -3.716  -12.741 10.555  1.00 12.19 ? 255 PHE A CG  1 
ATOM   763  C  CD1 . PHE A 1 99  ? -3.174  -12.977 9.302   1.00 12.57 ? 255 PHE A CD1 1 
ATOM   764  C  CD2 . PHE A 1 99  ? -4.346  -11.526 10.789  1.00 15.20 ? 255 PHE A CD2 1 
ATOM   765  C  CE1 . PHE A 1 99  ? -3.255  -12.017 8.293   1.00 13.29 ? 255 PHE A CE1 1 
ATOM   766  C  CE2 . PHE A 1 99  ? -4.430  -10.558 9.787   1.00 14.70 ? 255 PHE A CE2 1 
ATOM   767  C  CZ  . PHE A 1 99  ? -3.884  -10.807 8.538   1.00 13.23 ? 255 PHE A CZ  1 
ATOM   768  N  N   . GLU A 1 100 ? -3.001  -11.932 14.018  1.00 10.37 ? 256 GLU A N   1 
ATOM   769  C  CA  . GLU A 1 100 ? -2.970  -10.611 14.641  1.00 14.53 ? 256 GLU A CA  1 
ATOM   770  C  C   . GLU A 1 100 ? -1.605  -10.325 15.254  1.00 10.13 ? 256 GLU A C   1 
ATOM   771  O  O   . GLU A 1 100 ? -1.080  -9.216  15.152  1.00 8.39  ? 256 GLU A O   1 
ATOM   772  C  CB  . GLU A 1 100 ? -4.037  -10.514 15.736  1.00 30.68 ? 256 GLU A CB  1 
ATOM   773  C  CG  . GLU A 1 100 ? -5.321  -9.802  15.331  1.00 44.74 ? 256 GLU A CG  1 
ATOM   774  C  CD  . GLU A 1 100 ? -6.170  -10.601 14.365  1.00 51.43 ? 256 GLU A CD  1 
ATOM   775  O  OE1 . GLU A 1 100 ? -5.688  -10.904 13.255  1.00 55.75 ? 256 GLU A OE1 1 
ATOM   776  O  OE2 . GLU A 1 100 ? -7.324  -10.925 14.719  1.00 53.91 ? 256 GLU A OE2 1 
ATOM   777  N  N   . GLU A 1 101 ? -1.035  -11.328 15.905  1.00 9.95  ? 257 GLU A N   1 
ATOM   778  C  CA  . GLU A 1 101 ? 0.277   -11.173 16.524  1.00 11.01 ? 257 GLU A CA  1 
ATOM   779  C  C   . GLU A 1 101 ? 1.328   -10.835 15.471  1.00 9.05  ? 257 GLU A C   1 
ATOM   780  O  O   . GLU A 1 101 ? 2.207   -9.993  15.687  1.00 8.47  ? 257 GLU A O   1 
ATOM   781  C  CB  . GLU A 1 101 ? 0.666   -12.464 17.244  1.00 15.39 ? 257 GLU A CB  1 
ATOM   782  C  CG  . GLU A 1 101 ? 1.936   -12.342 18.064  1.00 18.76 ? 257 GLU A CG  1 
ATOM   783  C  CD  . GLU A 1 101 ? 2.199   -13.578 18.899  1.00 22.37 ? 257 GLU A CD  1 
ATOM   784  O  OE1 . GLU A 1 101 ? 2.764   -14.556 18.363  1.00 23.69 ? 257 GLU A OE1 1 
ATOM   785  O  OE2 . GLU A 1 101 ? 1.821   -13.571 20.088  1.00 22.45 ? 257 GLU A OE2 1 
ATOM   786  N  N   . ARG A 1 102 ? 1.236   -11.500 14.325  1.00 6.43  ? 258 ARG A N   1 
ATOM   787  C  CA  . ARG A 1 102 ? 2.175   -11.263 13.237  1.00 5.84  ? 258 ARG A CA  1 
ATOM   788  C  C   . ARG A 1 102 ? 1.999   -9.866  12.665  1.00 6.49  ? 258 ARG A C   1 
ATOM   789  O  O   . ARG A 1 102 ? 2.976   -9.189  12.344  1.00 7.76  ? 258 ARG A O   1 
ATOM   790  C  CB  . ARG A 1 102 ? 1.965   -12.302 12.135  1.00 5.83  ? 258 ARG A CB  1 
ATOM   791  C  CG  . ARG A 1 102 ? 2.277   -13.719 12.585  1.00 4.94  ? 258 ARG A CG  1 
ATOM   792  C  CD  . ARG A 1 102 ? 1.963   -14.720 11.490  1.00 6.13  ? 258 ARG A CD  1 
ATOM   793  N  NE  . ARG A 1 102 ? 2.320   -16.078 11.887  1.00 8.08  ? 258 ARG A NE  1 
ATOM   794  C  CZ  . ARG A 1 102 ? 2.376   -17.112 11.052  1.00 6.67  ? 258 ARG A CZ  1 
ATOM   795  N  NH1 . ARG A 1 102 ? 2.088   -16.954 9.766   1.00 6.54  ? 258 ARG A NH1 1 
ATOM   796  N  NH2 . ARG A 1 102 ? 2.752   -18.302 11.503  1.00 6.78  ? 258 ARG A NH2 1 
ATOM   797  N  N   . LEU A 1 103 ? 0.747   -9.437  12.528  1.00 8.30  ? 259 LEU A N   1 
ATOM   798  C  CA  . LEU A 1 103 ? 0.469   -8.107  11.986  1.00 10.95 ? 259 LEU A CA  1 
ATOM   799  C  C   . LEU A 1 103 ? 0.980   -7.052  12.963  1.00 11.61 ? 259 LEU A C   1 
ATOM   800  O  O   . LEU A 1 103 ? 1.505   -6.003  12.567  1.00 11.34 ? 259 LEU A O   1 
ATOM   801  C  CB  . LEU A 1 103 ? -1.035  -7.929  11.744  1.00 8.95  ? 259 LEU A CB  1 
ATOM   802  C  CG  . LEU A 1 103 ? -1.464  -6.588  11.145  1.00 12.60 ? 259 LEU A CG  1 
ATOM   803  C  CD1 . LEU A 1 103 ? -0.672  -6.314  9.859   1.00 13.01 ? 259 LEU A CD1 1 
ATOM   804  C  CD2 . LEU A 1 103 ? -2.951  -6.619  10.858  1.00 13.59 ? 259 LEU A CD2 1 
ATOM   805  N  N   . LYS A 1 104 ? 0.838   -7.341  14.251  1.00 10.90 ? 260 LYS A N   1 
ATOM   806  C  CA  . LYS A 1 104 ? 1.300   -6.420  15.275  1.00 12.76 ? 260 LYS A CA  1 
ATOM   807  C  C   . LYS A 1 104 ? 2.815   -6.275  15.144  1.00 11.72 ? 260 LYS A C   1 
ATOM   808  O  O   . LYS A 1 104 ? 3.355   -5.178  15.290  1.00 11.53 ? 260 LYS A O   1 
ATOM   809  C  CB  . LYS A 1 104 ? 0.935   -6.954  16.659  1.00 17.47 ? 260 LYS A CB  1 
ATOM   810  C  CG  . LYS A 1 104 ? 1.352   -6.057  17.810  1.00 23.96 ? 260 LYS A CG  1 
ATOM   811  C  CD  . LYS A 1 104 ? 0.870   -6.639  19.129  1.00 29.18 ? 260 LYS A CD  1 
ATOM   812  C  CE  . LYS A 1 104 ? 1.259   -5.759  20.306  1.00 31.77 ? 260 LYS A CE  1 
ATOM   813  N  NZ  . LYS A 1 104 ? 0.774   -6.335  21.597  1.00 33.94 ? 260 LYS A NZ  1 
ATOM   814  N  N   . GLY A 1 105 ? 3.493   -7.387  14.862  1.00 9.94  ? 261 GLY A N   1 
ATOM   815  C  CA  . GLY A 1 105 ? 4.937   -7.355  14.707  1.00 10.24 ? 261 GLY A CA  1 
ATOM   816  C  C   . GLY A 1 105 ? 5.339   -6.488  13.527  1.00 11.05 ? 261 GLY A C   1 
ATOM   817  O  O   . GLY A 1 105 ? 6.328   -5.747  13.575  1.00 11.04 ? 261 GLY A O   1 
ATOM   818  N  N   . VAL A 1 106 ? 4.574   -6.587  12.449  1.00 8.52  ? 262 VAL A N   1 
ATOM   819  C  CA  . VAL A 1 106 ? 4.855   -5.796  11.263  1.00 8.46  ? 262 VAL A CA  1 
ATOM   820  C  C   . VAL A 1 106 ? 4.762   -4.317  11.614  1.00 7.82  ? 262 VAL A C   1 
ATOM   821  O  O   . VAL A 1 106 ? 5.658   -3.532  11.294  1.00 9.21  ? 262 VAL A O   1 
ATOM   822  C  CB  . VAL A 1 106 ? 3.847   -6.124  10.132  1.00 10.25 ? 262 VAL A CB  1 
ATOM   823  C  CG1 . VAL A 1 106 ? 3.984   -5.124  8.990   1.00 10.40 ? 262 VAL A CG1 1 
ATOM   824  C  CG2 . VAL A 1 106 ? 4.089   -7.545  9.619   1.00 10.96 ? 262 VAL A CG2 1 
ATOM   825  N  N   . LEU A 1 107 ? 3.674   -3.942  12.278  1.00 8.81  ? 263 LEU A N   1 
ATOM   826  C  CA  . LEU A 1 107 ? 3.472   -2.552  12.657  1.00 10.87 ? 263 LEU A CA  1 
ATOM   827  C  C   . LEU A 1 107 ? 4.573   -2.074  13.599  1.00 12.30 ? 263 LEU A C   1 
ATOM   828  O  O   . LEU A 1 107 ? 5.014   -0.933  13.507  1.00 11.23 ? 263 LEU A O   1 
ATOM   829  C  CB  . LEU A 1 107 ? 2.092   -2.369  13.297  1.00 10.65 ? 263 LEU A CB  1 
ATOM   830  C  CG  . LEU A 1 107 ? 0.929   -2.648  12.338  1.00 10.17 ? 263 LEU A CG  1 
ATOM   831  C  CD1 . LEU A 1 107 ? -0.385  -2.536  13.075  1.00 12.31 ? 263 LEU A CD1 1 
ATOM   832  C  CD2 . LEU A 1 107 ? 0.972   -1.664  11.166  1.00 12.47 ? 263 LEU A CD2 1 
ATOM   833  N  N   . ASN A 1 108 ? 5.026   -2.945  14.497  1.00 13.70 ? 264 ASN A N   1 
ATOM   834  C  CA  . ASN A 1 108 ? 6.101   -2.574  15.416  1.00 17.36 ? 264 ASN A CA  1 
ATOM   835  C  C   . ASN A 1 108 ? 7.369   -2.252  14.628  1.00 16.25 ? 264 ASN A C   1 
ATOM   836  O  O   . ASN A 1 108 ? 8.038   -1.244  14.890  1.00 16.59 ? 264 ASN A O   1 
ATOM   837  C  CB  . ASN A 1 108 ? 6.388   -3.712  16.399  1.00 26.04 ? 264 ASN A CB  1 
ATOM   838  C  CG  . ASN A 1 108 ? 5.246   -3.956  17.355  1.00 32.92 ? 264 ASN A CG  1 
ATOM   839  O  OD1 . ASN A 1 108 ? 4.827   -3.056  18.080  1.00 37.86 ? 264 ASN A OD1 1 
ATOM   840  N  ND2 . ASN A 1 108 ? 4.738   -5.179  17.367  1.00 36.93 ? 264 ASN A ND2 1 
ATOM   841  N  N   . ASP A 1 109 ? 7.704   -3.112  13.668  1.00 14.62 ? 265 ASP A N   1 
ATOM   842  C  CA  . ASP A 1 109 ? 8.895   -2.898  12.849  1.00 14.92 ? 265 ASP A CA  1 
ATOM   843  C  C   . ASP A 1 109 ? 8.777   -1.581  12.086  1.00 15.95 ? 265 ASP A C   1 
ATOM   844  O  O   . ASP A 1 109 ? 9.746   -0.822  11.973  1.00 15.03 ? 265 ASP A O   1 
ATOM   845  C  CB  . ASP A 1 109 ? 9.088   -4.031  11.836  1.00 15.21 ? 265 ASP A CB  1 
ATOM   846  C  CG  . ASP A 1 109 ? 9.585   -5.317  12.467  1.00 18.61 ? 265 ASP A CG  1 
ATOM   847  O  OD1 . ASP A 1 109 ? 10.025  -5.307  13.640  1.00 18.03 ? 265 ASP A OD1 1 
ATOM   848  O  OD2 . ASP A 1 109 ? 9.543   -6.347  11.766  1.00 19.57 ? 265 ASP A OD2 1 
ATOM   849  N  N   . LEU A 1 110 ? 7.585   -1.314  11.562  1.00 14.50 ? 266 LEU A N   1 
ATOM   850  C  CA  . LEU A 1 110 ? 7.349   -0.090  10.808  1.00 15.80 ? 266 LEU A CA  1 
ATOM   851  C  C   . LEU A 1 110 ? 7.453   1.148   11.693  1.00 17.33 ? 266 LEU A C   1 
ATOM   852  O  O   . LEU A 1 110 ? 7.828   2.223   11.223  1.00 17.71 ? 266 LEU A O   1 
ATOM   853  C  CB  . LEU A 1 110 ? 5.973   -0.141  10.132  1.00 15.78 ? 266 LEU A CB  1 
ATOM   854  C  CG  . LEU A 1 110 ? 5.843   -1.153  8.991   1.00 14.55 ? 266 LEU A CG  1 
ATOM   855  C  CD1 . LEU A 1 110 ? 4.390   -1.229  8.517   1.00 14.09 ? 266 LEU A CD1 1 
ATOM   856  C  CD2 . LEU A 1 110 ? 6.763   -0.751  7.846   1.00 13.20 ? 266 LEU A CD2 1 
ATOM   857  N  N   . ALA A 1 111 ? 7.124   1.000   12.973  1.00 18.45 ? 267 ALA A N   1 
ATOM   858  C  CA  . ALA A 1 111 ? 7.195   2.123   13.897  1.00 20.89 ? 267 ALA A CA  1 
ATOM   859  C  C   . ALA A 1 111 ? 8.650   2.503   14.132  1.00 23.95 ? 267 ALA A C   1 
ATOM   860  O  O   . ALA A 1 111 ? 8.948   3.629   14.531  1.00 24.69 ? 267 ALA A O   1 
ATOM   861  C  CB  . ALA A 1 111 ? 6.526   1.773   15.217  1.00 20.02 ? 267 ALA A CB  1 
ATOM   862  N  N   . LYS A 1 112 ? 9.549   1.558   13.882  1.00 25.68 ? 268 LYS A N   1 
ATOM   863  C  CA  . LYS A 1 112 ? 10.973  1.798   14.053  1.00 29.77 ? 268 LYS A CA  1 
ATOM   864  C  C   . LYS A 1 112 ? 11.577  2.414   12.790  1.00 31.74 ? 268 LYS A C   1 
ATOM   865  O  O   . LYS A 1 112 ? 12.585  3.119   12.857  1.00 33.08 ? 268 LYS A O   1 
ATOM   866  C  CB  . LYS A 1 112 ? 11.678  0.486   14.404  1.00 30.52 ? 268 LYS A CB  1 
ATOM   867  C  CG  . LYS A 1 112 ? 11.154  -0.137  15.691  1.00 32.05 ? 268 LYS A CG  1 
ATOM   868  C  CD  . LYS A 1 112 ? 11.741  -1.515  15.964  1.00 33.31 ? 268 LYS A CD  1 
ATOM   869  C  CE  . LYS A 1 112 ? 11.156  -2.099  17.242  1.00 35.15 ? 268 LYS A CE  1 
ATOM   870  N  NZ  . LYS A 1 112 ? 11.729  -3.429  17.585  1.00 36.89 ? 268 LYS A NZ  1 
ATOM   871  N  N   . GLN A 1 113 ? 10.955  2.156   11.643  1.00 31.94 ? 269 GLN A N   1 
ATOM   872  C  CA  . GLN A 1 113 ? 11.438  2.706   10.381  1.00 36.86 ? 269 GLN A CA  1 
ATOM   873  C  C   . GLN A 1 113 ? 10.567  3.866   9.935   1.00 34.90 ? 269 GLN A C   1 
ATOM   874  O  O   . GLN A 1 113 ? 10.454  4.144   8.742   1.00 33.37 ? 269 GLN A O   1 
ATOM   875  C  CB  . GLN A 1 113 ? 11.447  1.634   9.286   1.00 51.42 ? 269 GLN A CB  1 
ATOM   876  C  CG  . GLN A 1 113 ? 12.630  0.691   9.348   1.00 59.50 ? 269 GLN A CG  1 
ATOM   877  C  CD  . GLN A 1 113 ? 12.712  -0.219  8.141   1.00 63.32 ? 269 GLN A CD  1 
ATOM   878  O  OE1 . GLN A 1 113 ? 12.884  0.243   7.014   1.00 65.56 ? 269 GLN A OE1 1 
ATOM   879  N  NE2 . GLN A 1 113 ? 12.589  -1.521  8.370   1.00 64.29 ? 269 GLN A NE2 1 
ATOM   880  N  N   . GLU A 1 114 ? 9.951   4.541   10.898  1.00 35.73 ? 270 GLU A N   1 
ATOM   881  C  CA  . GLU A 1 114 ? 9.083   5.670   10.596  1.00 37.79 ? 270 GLU A CA  1 
ATOM   882  C  C   . GLU A 1 114 ? 9.694   6.564   9.524   1.00 37.44 ? 270 GLU A C   1 
ATOM   883  O  O   . GLU A 1 114 ? 10.868  6.927   9.595   1.00 36.00 ? 270 GLU A O   1 
ATOM   884  C  CB  . GLU A 1 114 ? 8.813   6.486   11.865  1.00 40.55 ? 270 GLU A CB  1 
ATOM   885  C  CG  . GLU A 1 114 ? 7.883   7.670   11.655  1.00 43.55 ? 270 GLU A CG  1 
ATOM   886  C  CD  . GLU A 1 114 ? 7.372   8.256   12.962  1.00 45.32 ? 270 GLU A CD  1 
ATOM   887  O  OE1 . GLU A 1 114 ? 6.604   9.243   12.912  1.00 43.78 ? 270 GLU A OE1 1 
ATOM   888  O  OE2 . GLU A 1 114 ? 7.732   7.731   14.039  1.00 45.44 ? 270 GLU A OE2 1 
ATOM   889  N  N   . GLY A 1 115 ? 8.890   6.895   8.518   1.00 39.57 ? 271 GLY A N   1 
ATOM   890  C  CA  . GLY A 1 115 ? 9.349   7.755   7.442   1.00 38.65 ? 271 GLY A CA  1 
ATOM   891  C  C   . GLY A 1 115 ? 10.282  7.140   6.413   1.00 35.42 ? 271 GLY A C   1 
ATOM   892  O  O   . GLY A 1 115 ? 10.737  7.839   5.505   1.00 38.37 ? 271 GLY A O   1 
ATOM   893  N  N   . ASN A 1 116 ? 10.570  5.846   6.530   1.00 27.78 ? 272 ASN A N   1 
ATOM   894  C  CA  . ASN A 1 116 ? 11.469  5.194   5.581   1.00 23.54 ? 272 ASN A CA  1 
ATOM   895  C  C   . ASN A 1 116 ? 10.774  4.138   4.722   1.00 17.62 ? 272 ASN A C   1 
ATOM   896  O  O   . ASN A 1 116 ? 11.272  3.754   3.657   1.00 13.87 ? 272 ASN A O   1 
ATOM   897  C  CB  . ASN A 1 116 ? 12.631  4.545   6.332   1.00 36.81 ? 272 ASN A CB  1 
ATOM   898  C  CG  . ASN A 1 116 ? 13.319  5.504   7.278   1.00 44.51 ? 272 ASN A CG  1 
ATOM   899  O  OD1 . ASN A 1 116 ? 13.812  6.552   6.866   1.00 49.01 ? 272 ASN A OD1 1 
ATOM   900  N  ND2 . ASN A 1 116 ? 13.358  5.148   8.556   1.00 49.08 ? 272 ASN A ND2 1 
ATOM   901  N  N   . VAL A 1 117 ? 9.622   3.672   5.189   1.00 13.92 ? 273 VAL A N   1 
ATOM   902  C  CA  . VAL A 1 117 ? 8.881   2.648   4.467   1.00 12.88 ? 273 VAL A CA  1 
ATOM   903  C  C   . VAL A 1 117 ? 7.446   3.037   4.177   1.00 10.45 ? 273 VAL A C   1 
ATOM   904  O  O   . VAL A 1 117 ? 6.784   3.683   4.990   1.00 11.00 ? 273 VAL A O   1 
ATOM   905  C  CB  . VAL A 1 117 ? 8.848   1.320   5.253   1.00 17.64 ? 273 VAL A CB  1 
ATOM   906  C  CG1 . VAL A 1 117 ? 8.048   0.279   4.473   1.00 20.51 ? 273 VAL A CG1 1 
ATOM   907  C  CG2 . VAL A 1 117 ? 10.264  0.827   5.505   1.00 19.54 ? 273 VAL A CG2 1 
ATOM   908  N  N   . ILE A 1 118 ? 6.980   2.644   2.999   1.00 10.73 ? 274 ILE A N   1 
ATOM   909  C  CA  . ILE A 1 118 ? 5.606   2.883   2.582   1.00 9.61  ? 274 ILE A CA  1 
ATOM   910  C  C   . ILE A 1 118 ? 5.035   1.483   2.431   1.00 9.80  ? 274 ILE A C   1 
ATOM   911  O  O   . ILE A 1 118 ? 5.552   0.686   1.648   1.00 9.21  ? 274 ILE A O   1 
ATOM   912  C  CB  . ILE A 1 118 ? 5.545   3.616   1.235   1.00 9.67  ? 274 ILE A CB  1 
ATOM   913  C  CG1 . ILE A 1 118 ? 6.052   5.044   1.415   1.00 11.20 ? 274 ILE A CG1 1 
ATOM   914  C  CG2 . ILE A 1 118 ? 4.114   3.609   0.695   1.00 10.41 ? 274 ILE A CG2 1 
ATOM   915  C  CD1 . ILE A 1 118 ? 6.277   5.777   0.105   1.00 16.44 ? 274 ILE A CD1 1 
ATOM   916  N  N   . LEU A 1 119 ? 3.993   1.171   3.199   1.00 9.10  ? 275 LEU A N   1 
ATOM   917  C  CA  . LEU A 1 119 ? 3.397   -0.161  3.140   1.00 7.46  ? 275 LEU A CA  1 
ATOM   918  C  C   . LEU A 1 119 ? 2.167   -0.204  2.251   1.00 8.77  ? 275 LEU A C   1 
ATOM   919  O  O   . LEU A 1 119 ? 1.281   0.628   2.388   1.00 6.28  ? 275 LEU A O   1 
ATOM   920  C  CB  . LEU A 1 119 ? 3.002   -0.639  4.545   1.00 6.21  ? 275 LEU A CB  1 
ATOM   921  C  CG  . LEU A 1 119 ? 2.456   -2.068  4.613   1.00 4.83  ? 275 LEU A CG  1 
ATOM   922  C  CD1 . LEU A 1 119 ? 3.621   -3.054  4.498   1.00 5.19  ? 275 LEU A CD1 1 
ATOM   923  C  CD2 . LEU A 1 119 ? 1.700   -2.274  5.910   1.00 5.21  ? 275 LEU A CD2 1 
ATOM   924  N  N   . PHE A 1 120 ? 2.105   -1.165  1.335   1.00 7.24  ? 276 PHE A N   1 
ATOM   925  C  CA  . PHE A 1 120 ? 0.935   -1.279  0.473   1.00 8.97  ? 276 PHE A CA  1 
ATOM   926  C  C   . PHE A 1 120 ? 0.022   -2.363  1.018   1.00 8.22  ? 276 PHE A C   1 
ATOM   927  O  O   . PHE A 1 120 ? 0.429   -3.522  1.153   1.00 6.15  ? 276 PHE A O   1 
ATOM   928  C  CB  . PHE A 1 120 ? 1.336   -1.633  -0.960  1.00 6.94  ? 276 PHE A CB  1 
ATOM   929  C  CG  . PHE A 1 120 ? 0.166   -2.005  -1.839  1.00 8.63  ? 276 PHE A CG  1 
ATOM   930  C  CD1 . PHE A 1 120 ? -0.979  -1.201  -1.880  1.00 7.68  ? 276 PHE A CD1 1 
ATOM   931  C  CD2 . PHE A 1 120 ? 0.202   -3.162  -2.616  1.00 8.34  ? 276 PHE A CD2 1 
ATOM   932  C  CE1 . PHE A 1 120 ? -2.085  -1.549  -2.671  1.00 8.82  ? 276 PHE A CE1 1 
ATOM   933  C  CE2 . PHE A 1 120 ? -0.895  -3.524  -3.414  1.00 8.80  ? 276 PHE A CE2 1 
ATOM   934  C  CZ  . PHE A 1 120 ? -2.042  -2.710  -3.442  1.00 7.39  ? 276 PHE A CZ  1 
ATOM   935  N  N   . ILE A 1 121 ? -1.209  -1.978  1.341   1.00 7.72  ? 277 ILE A N   1 
ATOM   936  C  CA  . ILE A 1 121 ? -2.193  -2.913  1.866   1.00 7.13  ? 277 ILE A CA  1 
ATOM   937  C  C   . ILE A 1 121 ? -3.301  -3.086  0.836   1.00 8.16  ? 277 ILE A C   1 
ATOM   938  O  O   . ILE A 1 121 ? -4.152  -2.211  0.678   1.00 7.83  ? 277 ILE A O   1 
ATOM   939  C  CB  . ILE A 1 121 ? -2.820  -2.404  3.192   1.00 9.18  ? 277 ILE A CB  1 
ATOM   940  C  CG1 . ILE A 1 121 ? -1.735  -2.236  4.265   1.00 8.84  ? 277 ILE A CG1 1 
ATOM   941  C  CG2 . ILE A 1 121 ? -3.871  -3.388  3.660   1.00 11.12 ? 277 ILE A CG2 1 
ATOM   942  C  CD1 . ILE A 1 121 ? -2.213  -1.557  5.551   1.00 12.21 ? 277 ILE A CD1 1 
ATOM   943  N  N   . ASP A 1 122 ? -3.281  -4.212  0.129   1.00 6.46  ? 278 ASP A N   1 
ATOM   944  C  CA  . ASP A 1 122 ? -4.295  -4.490  -0.876  1.00 7.00  ? 278 ASP A CA  1 
ATOM   945  C  C   . ASP A 1 122 ? -5.577  -4.925  -0.167  1.00 7.19  ? 278 ASP A C   1 
ATOM   946  O  O   . ASP A 1 122 ? -5.509  -5.511  0.915   1.00 7.30  ? 278 ASP A O   1 
ATOM   947  C  CB  . ASP A 1 122 ? -3.797  -5.581  -1.829  1.00 8.54  ? 278 ASP A CB  1 
ATOM   948  C  CG  . ASP A 1 122 ? -4.613  -5.647  -3.104  1.00 10.83 ? 278 ASP A CG  1 
ATOM   949  O  OD1 . ASP A 1 122 ? -5.315  -4.660  -3.410  1.00 9.83  ? 278 ASP A OD1 1 
ATOM   950  O  OD2 . ASP A 1 122 ? -4.546  -6.678  -3.805  1.00 9.67  ? 278 ASP A OD2 1 
ATOM   951  N  N   . GLU A 1 123 ? -6.732  -4.628  -0.766  1.00 7.34  ? 279 GLU A N   1 
ATOM   952  C  CA  . GLU A 1 123 ? -8.030  -4.966  -0.174  1.00 8.36  ? 279 GLU A CA  1 
ATOM   953  C  C   . GLU A 1 123 ? -8.075  -4.498  1.280   1.00 9.18  ? 279 GLU A C   1 
ATOM   954  O  O   . GLU A 1 123 ? -8.420  -5.252  2.189   1.00 7.40  ? 279 GLU A O   1 
ATOM   955  C  CB  . GLU A 1 123 ? -8.276  -6.477  -0.265  1.00 9.11  ? 279 GLU A CB  1 
ATOM   956  C  CG  . GLU A 1 123 ? -8.536  -6.952  -1.690  1.00 11.16 ? 279 GLU A CG  1 
ATOM   957  C  CD  . GLU A 1 123 ? -8.841  -8.447  -1.781  1.00 13.71 ? 279 GLU A CD  1 
ATOM   958  O  OE1 . GLU A 1 123 ? -9.731  -8.921  -1.042  1.00 12.30 ? 279 GLU A OE1 1 
ATOM   959  O  OE2 . GLU A 1 123 ? -8.192  -9.139  -2.598  1.00 11.46 ? 279 GLU A OE2 1 
ATOM   960  N  N   . LEU A 1 124 ? -7.726  -3.228  1.468   1.00 8.64  ? 280 LEU A N   1 
ATOM   961  C  CA  . LEU A 1 124 ? -7.657  -2.586  2.778   1.00 8.49  ? 280 LEU A CA  1 
ATOM   962  C  C   . LEU A 1 124 ? -8.872  -2.792  3.676   1.00 8.67  ? 280 LEU A C   1 
ATOM   963  O  O   . LEU A 1 124 ? -8.736  -2.952  4.896   1.00 8.77  ? 280 LEU A O   1 
ATOM   964  C  CB  . LEU A 1 124 ? -7.409  -1.089  2.579   1.00 7.12  ? 280 LEU A CB  1 
ATOM   965  C  CG  . LEU A 1 124 ? -7.360  -0.157  3.793   1.00 7.67  ? 280 LEU A CG  1 
ATOM   966  C  CD1 . LEU A 1 124 ? -6.241  -0.589  4.743   1.00 7.78  ? 280 LEU A CD1 1 
ATOM   967  C  CD2 . LEU A 1 124 ? -7.138  1.277   3.302   1.00 6.98  ? 280 LEU A CD2 1 
ATOM   968  N  N   . HIS A 1 125 ? -10.060 -2.776  3.085   1.00 6.06  ? 281 HIS A N   1 
ATOM   969  C  CA  . HIS A 1 125 ? -11.291 -2.951  3.853   1.00 7.79  ? 281 HIS A CA  1 
ATOM   970  C  C   . HIS A 1 125 ? -11.302 -4.238  4.689   1.00 8.46  ? 281 HIS A C   1 
ATOM   971  O  O   . HIS A 1 125 ? -11.890 -4.282  5.771   1.00 10.04 ? 281 HIS A O   1 
ATOM   972  C  CB  . HIS A 1 125 ? -12.499 -2.947  2.905   1.00 11.04 ? 281 HIS A CB  1 
ATOM   973  C  CG  . HIS A 1 125 ? -12.413 -3.967  1.812   1.00 12.43 ? 281 HIS A CG  1 
ATOM   974  N  ND1 . HIS A 1 125 ? -11.495 -3.890  0.787   1.00 12.41 ? 281 HIS A ND1 1 
ATOM   975  C  CD2 . HIS A 1 125 ? -13.103 -5.120  1.604   1.00 12.86 ? 281 HIS A CD2 1 
ATOM   976  C  CE1 . HIS A 1 125 ? -11.614 -4.945  0.002   1.00 12.29 ? 281 HIS A CE1 1 
ATOM   977  N  NE2 . HIS A 1 125 ? -12.586 -5.708  0.481   1.00 12.75 ? 281 HIS A NE2 1 
ATOM   978  N  N   . THR A 1 126 ? -10.652 -5.283  4.186   1.00 9.52  ? 282 THR A N   1 
ATOM   979  C  CA  . THR A 1 126 ? -10.614 -6.561  4.891   1.00 12.67 ? 282 THR A CA  1 
ATOM   980  C  C   . THR A 1 126 ? -9.849  -6.493  6.214   1.00 13.27 ? 282 THR A C   1 
ATOM   981  O  O   . THR A 1 126 ? -9.962  -7.385  7.050   1.00 13.61 ? 282 THR A O   1 
ATOM   982  C  CB  . THR A 1 126 ? -9.978  -7.656  4.016   1.00 19.28 ? 282 THR A CB  1 
ATOM   983  O  OG1 . THR A 1 126 ? -10.190 -8.932  4.628   1.00 27.08 ? 282 THR A OG1 1 
ATOM   984  C  CG2 . THR A 1 126 ? -8.487  -7.421  3.880   1.00 17.63 ? 282 THR A CG2 1 
ATOM   985  N  N   . MET A 1 127 ? -9.067  -5.438  6.403   1.00 13.99 ? 283 MET A N   1 
ATOM   986  C  CA  . MET A 1 127 ? -8.296  -5.285  7.631   1.00 17.21 ? 283 MET A CA  1 
ATOM   987  C  C   . MET A 1 127 ? -9.000  -4.369  8.632   1.00 18.66 ? 283 MET A C   1 
ATOM   988  O  O   . MET A 1 127 ? -8.547  -4.224  9.768   1.00 17.57 ? 283 MET A O   1 
ATOM   989  C  CB  . MET A 1 127 ? -6.906  -4.718  7.314   1.00 17.30 ? 283 MET A CB  1 
ATOM   990  C  CG  . MET A 1 127 ? -6.018  -5.617  6.461   1.00 19.08 ? 283 MET A CG  1 
ATOM   991  S  SD  . MET A 1 127 ? -5.519  -7.121  7.333   1.00 22.33 ? 283 MET A SD  1 
ATOM   992  C  CE  . MET A 1 127 ? -6.714  -8.313  6.681   1.00 22.45 ? 283 MET A CE  1 
ATOM   993  N  N   . VAL A 1 128 ? -10.110 -3.760  8.221   1.00 19.75 ? 284 VAL A N   1 
ATOM   994  C  CA  . VAL A 1 128 ? -10.829 -2.846  9.110   1.00 20.85 ? 284 VAL A CA  1 
ATOM   995  C  C   . VAL A 1 128 ? -12.337 -3.065  9.254   1.00 23.83 ? 284 VAL A C   1 
ATOM   996  O  O   . VAL A 1 128 ? -13.088 -2.103  9.416   1.00 25.96 ? 284 VAL A O   1 
ATOM   997  C  CB  . VAL A 1 128 ? -10.590 -1.372  8.694   1.00 16.92 ? 284 VAL A CB  1 
ATOM   998  C  CG1 . VAL A 1 128 ? -9.127  -1.014  8.874   1.00 13.66 ? 284 VAL A CG1 1 
ATOM   999  C  CG2 . VAL A 1 128 ? -11.009 -1.159  7.249   1.00 16.50 ? 284 VAL A CG2 1 
ATOM   1000 N  N   . GLY A 1 129 ? -12.785 -4.315  9.199   1.00 24.39 ? 285 GLY A N   1 
ATOM   1001 C  CA  . GLY A 1 129 ? -14.206 -4.570  9.364   1.00 24.61 ? 285 GLY A CA  1 
ATOM   1002 C  C   . GLY A 1 129 ? -14.889 -5.459  8.351   1.00 25.25 ? 285 GLY A C   1 
ATOM   1003 O  O   . GLY A 1 129 ? -15.955 -6.010  8.639   1.00 25.15 ? 285 GLY A O   1 
ATOM   1004 N  N   . ALA A 1 130 ? -14.298 -5.605  7.171   1.00 24.19 ? 286 ALA A N   1 
ATOM   1005 C  CA  . ALA A 1 130 ? -14.889 -6.436  6.128   1.00 26.58 ? 286 ALA A CA  1 
ATOM   1006 C  C   . ALA A 1 130 ? -14.493 -7.901  6.284   1.00 28.06 ? 286 ALA A C   1 
ATOM   1007 O  O   . ALA A 1 130 ? -13.666 -8.200  7.173   1.00 29.11 ? 286 ALA A O   1 
ATOM   1008 C  CB  . ALA A 1 130 ? -14.472 -5.926  4.754   1.00 29.19 ? 286 ALA A CB  1 
ATOM   1009 N  N   . MET A 1 137 ? -11.644 -10.125 12.244  1.00 49.17 ? 293 MET A N   1 
ATOM   1010 C  CA  . MET A 1 137 ? -10.369 -9.755  11.555  1.00 46.65 ? 293 MET A CA  1 
ATOM   1011 C  C   . MET A 1 137 ? -10.273 -8.248  11.371  1.00 42.68 ? 293 MET A C   1 
ATOM   1012 O  O   . MET A 1 137 ? -9.866  -7.759  10.317  1.00 46.31 ? 293 MET A O   1 
ATOM   1013 C  CB  . MET A 1 137 ? -10.284 -10.452 10.196  1.00 46.83 ? 293 MET A CB  1 
ATOM   1014 C  CG  . MET A 1 137 ? -10.023 -11.932 10.318  1.00 48.23 ? 293 MET A CG  1 
ATOM   1015 S  SD  . MET A 1 137 ? -8.379  -12.213 10.989  1.00 49.95 ? 293 MET A SD  1 
ATOM   1016 C  CE  . MET A 1 137 ? -7.405  -11.948 9.521   1.00 50.02 ? 293 MET A CE  1 
ATOM   1017 N  N   . ASP A 1 138 ? -10.652 -7.517  12.413  1.00 33.78 ? 294 ASP A N   1 
ATOM   1018 C  CA  . ASP A 1 138 ? -10.626 -6.064  12.378  1.00 26.73 ? 294 ASP A CA  1 
ATOM   1019 C  C   . ASP A 1 138 ? -9.401  -5.545  13.120  1.00 22.34 ? 294 ASP A C   1 
ATOM   1020 O  O   . ASP A 1 138 ? -9.379  -5.512  14.351  1.00 22.01 ? 294 ASP A O   1 
ATOM   1021 C  CB  . ASP A 1 138 ? -11.885 -5.506  13.034  1.00 28.16 ? 294 ASP A CB  1 
ATOM   1022 C  CG  . ASP A 1 138 ? -12.100 -4.049  12.719  1.00 28.51 ? 294 ASP A CG  1 
ATOM   1023 O  OD1 . ASP A 1 138 ? -11.102 -3.306  12.607  1.00 25.44 ? 294 ASP A OD1 1 
ATOM   1024 O  OD2 . ASP A 1 138 ? -13.272 -3.645  12.588  1.00 29.60 ? 294 ASP A OD2 1 
ATOM   1025 N  N   . ALA A 1 139 ? -8.387  -5.141  12.365  1.00 19.12 ? 295 ALA A N   1 
ATOM   1026 C  CA  . ALA A 1 139 ? -7.157  -4.627  12.945  1.00 15.89 ? 295 ALA A CA  1 
ATOM   1027 C  C   . ALA A 1 139 ? -7.214  -3.109  13.097  1.00 15.07 ? 295 ALA A C   1 
ATOM   1028 O  O   . ALA A 1 139 ? -6.194  -2.465  13.313  1.00 14.21 ? 295 ALA A O   1 
ATOM   1029 C  CB  . ALA A 1 139 ? -5.967  -5.029  12.071  1.00 13.91 ? 295 ALA A CB  1 
ATOM   1030 N  N   . GLY A 1 140 ? -8.411  -2.541  12.984  1.00 16.23 ? 296 GLY A N   1 
ATOM   1031 C  CA  . GLY A 1 140 ? -8.556  -1.099  13.117  1.00 17.26 ? 296 GLY A CA  1 
ATOM   1032 C  C   . GLY A 1 140 ? -7.921  -0.516  14.367  1.00 18.20 ? 296 GLY A C   1 
ATOM   1033 O  O   . GLY A 1 140 ? -7.303  0.550   14.317  1.00 17.17 ? 296 GLY A O   1 
ATOM   1034 N  N   . ASN A 1 141 ? -8.070  -1.214  15.488  1.00 20.71 ? 297 ASN A N   1 
ATOM   1035 C  CA  . ASN A 1 141 ? -7.517  -0.762  16.758  1.00 23.37 ? 297 ASN A CA  1 
ATOM   1036 C  C   . ASN A 1 141 ? -6.015  -0.515  16.731  1.00 20.67 ? 297 ASN A C   1 
ATOM   1037 O  O   . ASN A 1 141 ? -5.530  0.390   17.409  1.00 19.78 ? 297 ASN A O   1 
ATOM   1038 C  CB  . ASN A 1 141 ? -7.852  -1.765  17.862  1.00 34.61 ? 297 ASN A CB  1 
ATOM   1039 C  CG  . ASN A 1 141 ? -9.202  -1.500  18.498  1.00 41.01 ? 297 ASN A CG  1 
ATOM   1040 O  OD1 . ASN A 1 141 ? -10.185 -1.227  17.808  1.00 43.53 ? 297 ASN A OD1 1 
ATOM   1041 N  ND2 . ASN A 1 141 ? -9.257  -1.579  19.821  1.00 43.74 ? 297 ASN A ND2 1 
ATOM   1042 N  N   . MET A 1 142 ? -5.280  -1.310  15.958  1.00 16.75 ? 298 MET A N   1 
ATOM   1043 C  CA  . MET A 1 142 ? -3.837  -1.134  15.876  1.00 16.58 ? 298 MET A CA  1 
ATOM   1044 C  C   . MET A 1 142 ? -3.453  -0.205  14.730  1.00 14.01 ? 298 MET A C   1 
ATOM   1045 O  O   . MET A 1 142 ? -2.468  0.533   14.831  1.00 11.97 ? 298 MET A O   1 
ATOM   1046 C  CB  . MET A 1 142 ? -3.134  -2.493  15.725  1.00 24.56 ? 298 MET A CB  1 
ATOM   1047 C  CG  . MET A 1 142 ? -3.531  -3.310  14.506  1.00 31.26 ? 298 MET A CG  1 
ATOM   1048 S  SD  . MET A 1 142 ? -2.729  -4.942  14.458  1.00 38.86 ? 298 MET A SD  1 
ATOM   1049 C  CE  . MET A 1 142 ? -3.947  -5.935  15.330  1.00 35.70 ? 298 MET A CE  1 
ATOM   1050 N  N   . LEU A 1 143 ? -4.244  -0.222  13.659  1.00 11.38 ? 299 LEU A N   1 
ATOM   1051 C  CA  . LEU A 1 143 ? -3.975  0.612   12.492  1.00 10.12 ? 299 LEU A CA  1 
ATOM   1052 C  C   . LEU A 1 143 ? -4.256  2.086   12.719  1.00 9.74  ? 299 LEU A C   1 
ATOM   1053 O  O   . LEU A 1 143 ? -3.489  2.944   12.275  1.00 8.89  ? 299 LEU A O   1 
ATOM   1054 C  CB  . LEU A 1 143 ? -4.797  0.125   11.294  1.00 12.41 ? 299 LEU A CB  1 
ATOM   1055 C  CG  . LEU A 1 143 ? -4.446  -1.271  10.779  1.00 12.36 ? 299 LEU A CG  1 
ATOM   1056 C  CD1 . LEU A 1 143 ? -5.412  -1.690  9.690   1.00 14.57 ? 299 LEU A CD1 1 
ATOM   1057 C  CD2 . LEU A 1 143 ? -3.022  -1.254  10.249  1.00 14.33 ? 299 LEU A CD2 1 
ATOM   1058 N  N   . LYS A 1 144 ? -5.347  2.387   13.413  1.00 10.21 ? 300 LYS A N   1 
ATOM   1059 C  CA  . LYS A 1 144 ? -5.716  3.779   13.657  1.00 10.60 ? 300 LYS A CA  1 
ATOM   1060 C  C   . LYS A 1 144 ? -4.624  4.627   14.310  1.00 12.11 ? 300 LYS A C   1 
ATOM   1061 O  O   . LYS A 1 144 ? -4.260  5.683   13.783  1.00 10.28 ? 300 LYS A O   1 
ATOM   1062 C  CB  . LYS A 1 144 ? -7.023  3.844   14.461  1.00 11.68 ? 300 LYS A CB  1 
ATOM   1063 C  CG  . LYS A 1 144 ? -8.226  3.446   13.614  1.00 11.84 ? 300 LYS A CG  1 
ATOM   1064 C  CD  . LYS A 1 144 ? -9.491  3.273   14.434  1.00 13.13 ? 300 LYS A CD  1 
ATOM   1065 C  CE  . LYS A 1 144 ? -10.662 2.893   13.539  1.00 13.23 ? 300 LYS A CE  1 
ATOM   1066 N  NZ  . LYS A 1 144 ? -11.917 2.669   14.310  1.00 11.50 ? 300 LYS A NZ  1 
ATOM   1067 N  N   . PRO A 1 145 ? -4.088  4.191   15.462  1.00 11.54 ? 301 PRO A N   1 
ATOM   1068 C  CA  . PRO A 1 145 ? -3.038  5.007   16.079  1.00 12.14 ? 301 PRO A CA  1 
ATOM   1069 C  C   . PRO A 1 145 ? -1.744  5.017   15.264  1.00 10.48 ? 301 PRO A C   1 
ATOM   1070 O  O   . PRO A 1 145 ? -1.017  6.008   15.252  1.00 10.08 ? 301 PRO A O   1 
ATOM   1071 C  CB  . PRO A 1 145 ? -2.872  4.373   17.456  1.00 13.91 ? 301 PRO A CB  1 
ATOM   1072 C  CG  . PRO A 1 145 ? -3.233  2.939   17.211  1.00 17.45 ? 301 PRO A CG  1 
ATOM   1073 C  CD  . PRO A 1 145 ? -4.451  3.059   16.331  1.00 14.21 ? 301 PRO A CD  1 
ATOM   1074 N  N   . ALA A 1 146 ? -1.459  3.915   14.576  1.00 9.52  ? 302 ALA A N   1 
ATOM   1075 C  CA  . ALA A 1 146 ? -0.253  3.846   13.757  1.00 9.21  ? 302 ALA A CA  1 
ATOM   1076 C  C   . ALA A 1 146 ? -0.312  4.922   12.677  1.00 8.25  ? 302 ALA A C   1 
ATOM   1077 O  O   . ALA A 1 146 ? 0.667   5.631   12.426  1.00 9.22  ? 302 ALA A O   1 
ATOM   1078 C  CB  . ALA A 1 146 ? -0.129  2.467   13.120  1.00 9.20  ? 302 ALA A CB  1 
ATOM   1079 N  N   . LEU A 1 147 ? -1.471  5.035   12.040  1.00 7.64  ? 303 LEU A N   1 
ATOM   1080 C  CA  . LEU A 1 147 ? -1.683  6.026   11.000  1.00 8.87  ? 303 LEU A CA  1 
ATOM   1081 C  C   . LEU A 1 147 ? -1.624  7.441   11.570  1.00 9.21  ? 303 LEU A C   1 
ATOM   1082 O  O   . LEU A 1 147 ? -0.997  8.330   10.990  1.00 9.70  ? 303 LEU A O   1 
ATOM   1083 C  CB  . LEU A 1 147 ? -3.043  5.800   10.346  1.00 8.50  ? 303 LEU A CB  1 
ATOM   1084 C  CG  . LEU A 1 147 ? -3.154  4.540   9.481   1.00 8.65  ? 303 LEU A CG  1 
ATOM   1085 C  CD1 . LEU A 1 147 ? -4.615  4.204   9.232   1.00 10.72 ? 303 LEU A CD1 1 
ATOM   1086 C  CD2 . LEU A 1 147 ? -2.404  4.761   8.180   1.00 10.89 ? 303 LEU A CD2 1 
ATOM   1087 N  N   . ALA A 1 148 ? -2.293  7.649   12.701  1.00 11.36 ? 304 ALA A N   1 
ATOM   1088 C  CA  . ALA A 1 148 ? -2.326  8.963   13.334  1.00 13.36 ? 304 ALA A CA  1 
ATOM   1089 C  C   . ALA A 1 148 ? -0.952  9.461   13.785  1.00 14.34 ? 304 ALA A C   1 
ATOM   1090 O  O   . ALA A 1 148 ? -0.679  10.666  13.755  1.00 15.83 ? 304 ALA A O   1 
ATOM   1091 C  CB  . ALA A 1 148 ? -3.286  8.941   14.524  1.00 15.41 ? 304 ALA A CB  1 
ATOM   1092 N  N   . ARG A 1 149 ? -0.090  8.534   14.193  1.00 9.58  ? 305 ARG A N   1 
ATOM   1093 C  CA  . ARG A 1 149 ? 1.245   8.877   14.678  1.00 8.16  ? 305 ARG A CA  1 
ATOM   1094 C  C   . ARG A 1 149 ? 2.323   8.839   13.602  1.00 9.53  ? 305 ARG A C   1 
ATOM   1095 O  O   . ARG A 1 149 ? 3.486   9.132   13.875  1.00 8.78  ? 305 ARG A O   1 
ATOM   1096 C  CB  . ARG A 1 149 ? 1.638   7.946   15.829  1.00 7.71  ? 305 ARG A CB  1 
ATOM   1097 C  CG  . ARG A 1 149 ? 0.777   8.114   17.091  1.00 10.12 ? 305 ARG A CG  1 
ATOM   1098 C  CD  . ARG A 1 149 ? 1.065   7.015   18.102  1.00 11.08 ? 305 ARG A CD  1 
ATOM   1099 N  NE  . ARG A 1 149 ? 2.482   6.967   18.461  1.00 14.76 ? 305 ARG A NE  1 
ATOM   1100 C  CZ  . ARG A 1 149 ? 3.072   7.785   19.332  1.00 16.65 ? 305 ARG A CZ  1 
ATOM   1101 N  NH1 . ARG A 1 149 ? 2.371   8.733   19.958  1.00 16.06 ? 305 ARG A NH1 1 
ATOM   1102 N  NH2 . ARG A 1 149 ? 4.373   7.651   19.569  1.00 16.54 ? 305 ARG A NH2 1 
ATOM   1103 N  N   . GLY A 1 150 ? 1.946   8.481   12.379  1.00 9.01  ? 306 GLY A N   1 
ATOM   1104 C  CA  . GLY A 1 150 ? 2.929   8.431   11.312  1.00 11.90 ? 306 GLY A CA  1 
ATOM   1105 C  C   . GLY A 1 150 ? 3.830   7.216   11.409  1.00 11.88 ? 306 GLY A C   1 
ATOM   1106 O  O   . GLY A 1 150 ? 4.872   7.164   10.754  1.00 14.17 ? 306 GLY A O   1 
ATOM   1107 N  N   . GLU A 1 151 ? 3.438   6.242   12.229  1.00 9.58  ? 307 GLU A N   1 
ATOM   1108 C  CA  . GLU A 1 151 ? 4.215   5.015   12.396  1.00 8.94  ? 307 GLU A CA  1 
ATOM   1109 C  C   . GLU A 1 151 ? 3.900   4.074   11.237  1.00 9.99  ? 307 GLU A C   1 
ATOM   1110 O  O   . GLU A 1 151 ? 4.599   3.090   10.999  1.00 10.37 ? 307 GLU A O   1 
ATOM   1111 C  CB  . GLU A 1 151 ? 3.867   4.347   13.730  1.00 12.60 ? 307 GLU A CB  1 
ATOM   1112 C  CG  . GLU A 1 151 ? 4.084   5.249   14.933  1.00 16.44 ? 307 GLU A CG  1 
ATOM   1113 C  CD  . GLU A 1 151 ? 3.622   4.616   16.234  1.00 18.02 ? 307 GLU A CD  1 
ATOM   1114 O  OE1 . GLU A 1 151 ? 2.760   3.710   16.194  1.00 18.37 ? 307 GLU A OE1 1 
ATOM   1115 O  OE2 . GLU A 1 151 ? 4.112   5.042   17.299  1.00 20.41 ? 307 GLU A OE2 1 
ATOM   1116 N  N   . LEU A 1 152 ? 2.824   4.393   10.529  1.00 9.17  ? 308 LEU A N   1 
ATOM   1117 C  CA  . LEU A 1 152 ? 2.399   3.624   9.371   1.00 8.78  ? 308 LEU A CA  1 
ATOM   1118 C  C   . LEU A 1 152 ? 2.078   4.627   8.274   1.00 9.42  ? 308 LEU A C   1 
ATOM   1119 O  O   . LEU A 1 152 ? 1.223   5.491   8.448   1.00 7.60  ? 308 LEU A O   1 
ATOM   1120 C  CB  . LEU A 1 152 ? 1.144   2.799   9.679   1.00 11.32 ? 308 LEU A CB  1 
ATOM   1121 C  CG  . LEU A 1 152 ? 0.469   2.170   8.448   1.00 10.67 ? 308 LEU A CG  1 
ATOM   1122 C  CD1 . LEU A 1 152 ? 1.418   1.179   7.768   1.00 8.26  ? 308 LEU A CD1 1 
ATOM   1123 C  CD2 . LEU A 1 152 ? -0.826  1.469   8.876   1.00 10.23 ? 308 LEU A CD2 1 
ATOM   1124 N  N   . HIS A 1 153 ? 2.797   4.537   7.164   1.00 7.42  ? 309 HIS A N   1 
ATOM   1125 C  CA  . HIS A 1 153 ? 2.549   5.413   6.032   1.00 8.08  ? 309 HIS A CA  1 
ATOM   1126 C  C   . HIS A 1 153 ? 2.195   4.393   4.962   1.00 9.13  ? 309 HIS A C   1 
ATOM   1127 O  O   . HIS A 1 153 ? 3.024   3.558   4.596   1.00 6.99  ? 309 HIS A O   1 
ATOM   1128 C  CB  . HIS A 1 153 ? 3.810   6.199   5.652   1.00 11.09 ? 309 HIS A CB  1 
ATOM   1129 C  CG  . HIS A 1 153 ? 3.537   7.414   4.821   1.00 16.14 ? 309 HIS A CG  1 
ATOM   1130 N  ND1 . HIS A 1 153 ? 4.540   8.220   4.326   1.00 16.38 ? 309 HIS A ND1 1 
ATOM   1131 C  CD2 . HIS A 1 153 ? 2.372   7.972   4.408   1.00 15.53 ? 309 HIS A CD2 1 
ATOM   1132 C  CE1 . HIS A 1 153 ? 4.008   9.220   3.646   1.00 18.02 ? 309 HIS A CE1 1 
ATOM   1133 N  NE2 . HIS A 1 153 ? 2.692   9.092   3.681   1.00 14.87 ? 309 HIS A NE2 1 
ATOM   1134 N  N   . CYS A 1 154 ? 0.969   4.422   4.463   1.00 9.11  ? 310 CYS A N   1 
ATOM   1135 C  CA  . CYS A 1 154 ? 0.638   3.399   3.488   1.00 14.83 ? 310 CYS A CA  1 
ATOM   1136 C  C   . CYS A 1 154 ? -0.215  3.804   2.311   1.00 11.87 ? 310 CYS A C   1 
ATOM   1137 O  O   . CYS A 1 154 ? -0.756  4.909   2.250   1.00 10.07 ? 310 CYS A O   1 
ATOM   1138 C  CB  . CYS A 1 154 ? -0.041  2.212   4.190   1.00 17.91 ? 310 CYS A CB  1 
ATOM   1139 S  SG  . CYS A 1 154 ? -1.826  2.502   4.644   1.00 27.16 ? 310 CYS A SG  1 
ATOM   1140 N  N   . VAL A 1 155 ? -0.282  2.878   1.359   1.00 10.51 ? 311 VAL A N   1 
ATOM   1141 C  CA  . VAL A 1 155 ? -1.091  3.008   0.163   1.00 7.99  ? 311 VAL A CA  1 
ATOM   1142 C  C   . VAL A 1 155 ? -2.057  1.833   0.296   1.00 8.32  ? 311 VAL A C   1 
ATOM   1143 O  O   . VAL A 1 155 ? -1.637  0.703   0.562   1.00 9.18  ? 311 VAL A O   1 
ATOM   1144 C  CB  . VAL A 1 155 ? -0.254  2.820   -1.115  1.00 7.68  ? 311 VAL A CB  1 
ATOM   1145 C  CG1 . VAL A 1 155 ? -1.175  2.778   -2.330  1.00 9.01  ? 311 VAL A CG1 1 
ATOM   1146 C  CG2 . VAL A 1 155 ? 0.763   3.944   -1.243  1.00 8.09  ? 311 VAL A CG2 1 
ATOM   1147 N  N   . GLY A 1 156 ? -3.346  2.107   0.153   1.00 6.29  ? 312 GLY A N   1 
ATOM   1148 C  CA  . GLY A 1 156 ? -4.332  1.049   0.248   1.00 8.52  ? 312 GLY A CA  1 
ATOM   1149 C  C   . GLY A 1 156 ? -5.016  0.889   -1.093  1.00 7.31  ? 312 GLY A C   1 
ATOM   1150 O  O   . GLY A 1 156 ? -4.792  1.690   -1.993  1.00 5.31  ? 312 GLY A O   1 
ATOM   1151 N  N   . ALA A 1 157 ? -5.828  -0.152  -1.240  1.00 7.34  ? 313 ALA A N   1 
ATOM   1152 C  CA  . ALA A 1 157 ? -6.570  -0.365  -2.481  1.00 8.71  ? 313 ALA A CA  1 
ATOM   1153 C  C   . ALA A 1 157 ? -7.894  -1.039  -2.150  1.00 9.25  ? 313 ALA A C   1 
ATOM   1154 O  O   . ALA A 1 157 ? -7.923  -2.031  -1.426  1.00 8.75  ? 313 ALA A O   1 
ATOM   1155 C  CB  . ALA A 1 157 ? -5.772  -1.224  -3.452  1.00 8.72  ? 313 ALA A CB  1 
ATOM   1156 N  N   . THR A 1 158 ? -8.988  -0.492  -2.674  1.00 7.15  ? 314 THR A N   1 
ATOM   1157 C  CA  . THR A 1 158 ? -10.327 -1.038  -2.431  1.00 9.77  ? 314 THR A CA  1 
ATOM   1158 C  C   . THR A 1 158 ? -11.255 -0.536  -3.526  1.00 7.81  ? 314 THR A C   1 
ATOM   1159 O  O   . THR A 1 158 ? -10.822 0.183   -4.423  1.00 6.97  ? 314 THR A O   1 
ATOM   1160 C  CB  . THR A 1 158 ? -10.938 -0.543  -1.089  1.00 14.17 ? 314 THR A CB  1 
ATOM   1161 O  OG1 . THR A 1 158 ? -11.278 0.847   -1.204  1.00 16.31 ? 314 THR A OG1 1 
ATOM   1162 C  CG2 . THR A 1 158 ? -9.964  -0.703  0.058   1.00 17.29 ? 314 THR A CG2 1 
ATOM   1163 N  N   . THR A 1 159 ? -12.527 -0.924  -3.459  1.00 7.40  ? 315 THR A N   1 
ATOM   1164 C  CA  . THR A 1 159 ? -13.513 -0.449  -4.424  1.00 8.04  ? 315 THR A CA  1 
ATOM   1165 C  C   . THR A 1 159 ? -14.161 0.760   -3.753  1.00 8.45  ? 315 THR A C   1 
ATOM   1166 O  O   . THR A 1 159 ? -14.001 0.956   -2.549  1.00 7.83  ? 315 THR A O   1 
ATOM   1167 C  CB  . THR A 1 159 ? -14.621 -1.493  -4.701  1.00 12.38 ? 315 THR A CB  1 
ATOM   1168 O  OG1 . THR A 1 159 ? -15.366 -1.721  -3.501  1.00 11.67 ? 315 THR A OG1 1 
ATOM   1169 C  CG2 . THR A 1 159 ? -14.031 -2.815  -5.164  1.00 14.41 ? 315 THR A CG2 1 
ATOM   1170 N  N   . LEU A 1 160 ? -14.898 1.566   -4.514  1.00 7.15  ? 316 LEU A N   1 
ATOM   1171 C  CA  . LEU A 1 160 ? -15.550 2.731   -3.929  1.00 7.29  ? 316 LEU A CA  1 
ATOM   1172 C  C   . LEU A 1 160 ? -16.543 2.336   -2.830  1.00 7.95  ? 316 LEU A C   1 
ATOM   1173 O  O   . LEU A 1 160 ? -16.551 2.927   -1.745  1.00 7.09  ? 316 LEU A O   1 
ATOM   1174 C  CB  . LEU A 1 160 ? -16.276 3.547   -5.009  1.00 9.00  ? 316 LEU A CB  1 
ATOM   1175 C  CG  . LEU A 1 160 ? -17.008 4.801   -4.515  1.00 10.79 ? 316 LEU A CG  1 
ATOM   1176 C  CD1 . LEU A 1 160 ? -16.012 5.803   -3.948  1.00 10.87 ? 316 LEU A CD1 1 
ATOM   1177 C  CD2 . LEU A 1 160 ? -17.783 5.425   -5.661  1.00 10.97 ? 316 LEU A CD2 1 
ATOM   1178 N  N   . ASP A 1 161 ? -17.380 1.339   -3.099  1.00 9.32  ? 317 ASP A N   1 
ATOM   1179 C  CA  . ASP A 1 161 ? -18.359 0.913   -2.104  1.00 11.09 ? 317 ASP A CA  1 
ATOM   1180 C  C   . ASP A 1 161 ? -17.706 0.378   -0.832  1.00 11.37 ? 317 ASP A C   1 
ATOM   1181 O  O   . ASP A 1 161 ? -18.223 0.576   0.268   1.00 10.48 ? 317 ASP A O   1 
ATOM   1182 C  CB  . ASP A 1 161 ? -19.313 -0.139  -2.690  1.00 11.25 ? 317 ASP A CB  1 
ATOM   1183 C  CG  . ASP A 1 161 ? -20.423 0.488   -3.512  1.00 15.97 ? 317 ASP A CG  1 
ATOM   1184 O  OD1 . ASP A 1 161 ? -20.782 1.644   -3.211  1.00 12.96 ? 317 ASP A OD1 1 
ATOM   1185 O  OD2 . ASP A 1 161 ? -20.939 -0.172  -4.438  1.00 15.92 ? 317 ASP A OD2 1 
ATOM   1186 N  N   . GLU A 1 162 ? -16.572 -0.298  -0.983  1.00 9.55  ? 318 GLU A N   1 
ATOM   1187 C  CA  . GLU A 1 162 ? -15.862 -0.840  0.172   1.00 10.32 ? 318 GLU A CA  1 
ATOM   1188 C  C   . GLU A 1 162 ? -15.257 0.306   0.967   1.00 8.30  ? 318 GLU A C   1 
ATOM   1189 O  O   . GLU A 1 162 ? -15.237 0.276   2.198   1.00 8.79  ? 318 GLU A O   1 
ATOM   1190 C  CB  . GLU A 1 162 ? -14.776 -1.829  -0.279  1.00 12.62 ? 318 GLU A CB  1 
ATOM   1191 C  CG  . GLU A 1 162 ? -15.354 -3.155  -0.763  1.00 15.90 ? 318 GLU A CG  1 
ATOM   1192 C  CD  . GLU A 1 162 ? -14.407 -3.943  -1.647  1.00 16.60 ? 318 GLU A CD  1 
ATOM   1193 O  OE1 . GLU A 1 162 ? -14.748 -5.097  -1.978  1.00 18.64 ? 318 GLU A OE1 1 
ATOM   1194 O  OE2 . GLU A 1 162 ? -13.333 -3.416  -2.010  1.00 19.07 ? 318 GLU A OE2 1 
ATOM   1195 N  N   . TYR A 1 163 ? -14.774 1.328   0.263   1.00 8.13  ? 319 TYR A N   1 
ATOM   1196 C  CA  . TYR A 1 163 ? -14.195 2.493   0.929   1.00 8.45  ? 319 TYR A CA  1 
ATOM   1197 C  C   . TYR A 1 163 ? -15.278 3.232   1.705   1.00 9.42  ? 319 TYR A C   1 
ATOM   1198 O  O   . TYR A 1 163 ? -15.070 3.645   2.842   1.00 8.90  ? 319 TYR A O   1 
ATOM   1199 C  CB  . TYR A 1 163 ? -13.576 3.445   -0.095  1.00 9.29  ? 319 TYR A CB  1 
ATOM   1200 C  CG  . TYR A 1 163 ? -12.870 4.636   0.524   1.00 9.55  ? 319 TYR A CG  1 
ATOM   1201 C  CD1 . TYR A 1 163 ? -11.529 4.552   0.907   1.00 10.87 ? 319 TYR A CD1 1 
ATOM   1202 C  CD2 . TYR A 1 163 ? -13.541 5.838   0.733   1.00 11.96 ? 319 TYR A CD2 1 
ATOM   1203 C  CE1 . TYR A 1 163 ? -10.874 5.638   1.482   1.00 11.66 ? 319 TYR A CE1 1 
ATOM   1204 C  CE2 . TYR A 1 163 ? -12.895 6.935   1.308   1.00 12.46 ? 319 TYR A CE2 1 
ATOM   1205 C  CZ  . TYR A 1 163 ? -11.560 6.825   1.678   1.00 11.89 ? 319 TYR A CZ  1 
ATOM   1206 O  OH  . TYR A 1 163 ? -10.908 7.900   2.235   1.00 11.51 ? 319 TYR A OH  1 
ATOM   1207 N  N   . ARG A 1 164 ? -16.437 3.409   1.078   1.00 9.88  ? 320 ARG A N   1 
ATOM   1208 C  CA  . ARG A 1 164 ? -17.553 4.094   1.718   1.00 12.13 ? 320 ARG A CA  1 
ATOM   1209 C  C   . ARG A 1 164 ? -18.039 3.356   2.959   1.00 11.96 ? 320 ARG A C   1 
ATOM   1210 O  O   . ARG A 1 164 ? -18.277 3.962   3.994   1.00 12.19 ? 320 ARG A O   1 
ATOM   1211 C  CB  . ARG A 1 164 ? -18.723 4.245   0.733   1.00 10.33 ? 320 ARG A CB  1 
ATOM   1212 C  CG  . ARG A 1 164 ? -18.421 5.169   -0.437  1.00 17.48 ? 320 ARG A CG  1 
ATOM   1213 C  CD  . ARG A 1 164 ? -19.448 5.022   -1.538  1.00 19.80 ? 320 ARG A CD  1 
ATOM   1214 N  NE  . ARG A 1 164 ? -20.004 6.313   -1.907  1.00 29.30 ? 320 ARG A NE  1 
ATOM   1215 C  CZ  . ARG A 1 164 ? -20.963 6.937   -1.235  1.00 27.15 ? 320 ARG A CZ  1 
ATOM   1216 N  NH1 . ARG A 1 164 ? -21.491 6.382   -0.156  1.00 32.66 ? 320 ARG A NH1 1 
ATOM   1217 N  NH2 . ARG A 1 164 ? -21.376 8.130   -1.634  1.00 29.43 ? 320 ARG A NH2 1 
ATOM   1218 N  N   . GLN A 1 165 ? -18.177 2.043   2.863   1.00 10.52 ? 321 GLN A N   1 
ATOM   1219 C  CA  . GLN A 1 165 ? -18.680 1.286   3.998   1.00 13.41 ? 321 GLN A CA  1 
ATOM   1220 C  C   . GLN A 1 165 ? -17.725 1.119   5.169   1.00 13.21 ? 321 GLN A C   1 
ATOM   1221 O  O   . GLN A 1 165 ? -18.136 1.256   6.322   1.00 12.04 ? 321 GLN A O   1 
ATOM   1222 C  CB  . GLN A 1 165 ? -19.145 -0.098  3.549   1.00 19.02 ? 321 GLN A CB  1 
ATOM   1223 C  CG  . GLN A 1 165 ? -19.984 -0.818  4.606   1.00 22.99 ? 321 GLN A CG  1 
ATOM   1224 C  CD  . GLN A 1 165 ? -20.460 -2.179  4.153   1.00 26.49 ? 321 GLN A CD  1 
ATOM   1225 O  OE1 . GLN A 1 165 ? -20.630 -2.422  2.960   1.00 25.47 ? 321 GLN A OE1 1 
ATOM   1226 N  NE2 . GLN A 1 165 ? -20.699 -3.072  5.110   1.00 24.80 ? 321 GLN A NE2 1 
ATOM   1227 N  N   . TYR A 1 166 ? -16.458 0.838   4.880   1.00 10.75 ? 322 TYR A N   1 
ATOM   1228 C  CA  . TYR A 1 166 ? -15.480 0.592   5.931   1.00 12.96 ? 322 TYR A CA  1 
ATOM   1229 C  C   . TYR A 1 166 ? -14.451 1.668   6.268   1.00 13.47 ? 322 TYR A C   1 
ATOM   1230 O  O   . TYR A 1 166 ? -13.769 1.553   7.285   1.00 14.75 ? 322 TYR A O   1 
ATOM   1231 C  CB  . TYR A 1 166 ? -14.756 -0.725  5.636   1.00 15.26 ? 322 TYR A CB  1 
ATOM   1232 C  CG  . TYR A 1 166 ? -15.705 -1.882  5.436   1.00 16.55 ? 322 TYR A CG  1 
ATOM   1233 C  CD1 . TYR A 1 166 ? -16.081 -2.289  4.156   1.00 17.06 ? 322 TYR A CD1 1 
ATOM   1234 C  CD2 . TYR A 1 166 ? -16.262 -2.543  6.530   1.00 18.37 ? 322 TYR A CD2 1 
ATOM   1235 C  CE1 . TYR A 1 166 ? -16.991 -3.329  3.970   1.00 20.37 ? 322 TYR A CE1 1 
ATOM   1236 C  CE2 . TYR A 1 166 ? -17.171 -3.579  6.358   1.00 19.53 ? 322 TYR A CE2 1 
ATOM   1237 C  CZ  . TYR A 1 166 ? -17.530 -3.966  5.078   1.00 20.31 ? 322 TYR A CZ  1 
ATOM   1238 O  OH  . TYR A 1 166 ? -18.424 -4.994  4.911   1.00 24.55 ? 322 TYR A OH  1 
ATOM   1239 N  N   . ILE A 1 167 ? -14.320 2.701   5.439   1.00 13.06 ? 323 ILE A N   1 
ATOM   1240 C  CA  . ILE A 1 167 ? -13.351 3.752   5.743   1.00 13.08 ? 323 ILE A CA  1 
ATOM   1241 C  C   . ILE A 1 167 ? -13.991 5.123   5.935   1.00 12.43 ? 323 ILE A C   1 
ATOM   1242 O  O   . ILE A 1 167 ? -13.795 5.766   6.963   1.00 11.69 ? 323 ILE A O   1 
ATOM   1243 C  CB  . ILE A 1 167 ? -12.250 3.857   4.649   1.00 14.27 ? 323 ILE A CB  1 
ATOM   1244 C  CG1 . ILE A 1 167 ? -11.421 2.571   4.626   1.00 16.52 ? 323 ILE A CG1 1 
ATOM   1245 C  CG2 . ILE A 1 167 ? -11.333 5.035   4.937   1.00 14.29 ? 323 ILE A CG2 1 
ATOM   1246 C  CD1 . ILE A 1 167 ? -10.274 2.601   3.645   1.00 20.54 ? 323 ILE A CD1 1 
ATOM   1247 N  N   . GLU A 1 168 ? -14.772 5.560   4.953   1.00 15.82 ? 324 GLU A N   1 
ATOM   1248 C  CA  . GLU A 1 168 ? -15.413 6.870   5.013   1.00 19.67 ? 324 GLU A CA  1 
ATOM   1249 C  C   . GLU A 1 168 ? -16.280 7.141   6.244   1.00 18.78 ? 324 GLU A C   1 
ATOM   1250 O  O   . GLU A 1 168 ? -16.329 8.276   6.720   1.00 17.54 ? 324 GLU A O   1 
ATOM   1251 C  CB  . GLU A 1 168 ? -16.248 7.105   3.753   1.00 30.88 ? 324 GLU A CB  1 
ATOM   1252 C  CG  . GLU A 1 168 ? -15.721 8.239   2.893   1.00 38.97 ? 324 GLU A CG  1 
ATOM   1253 C  CD  . GLU A 1 168 ? -16.550 8.473   1.646   1.00 43.05 ? 324 GLU A CD  1 
ATOM   1254 O  OE1 . GLU A 1 168 ? -17.738 8.812   1.782   1.00 44.53 ? 324 GLU A OE1 1 
ATOM   1255 O  OE2 . GLU A 1 168 ? -16.016 8.323   0.526   1.00 43.54 ? 324 GLU A OE2 1 
ATOM   1256 N  N   . LYS A 1 169 ? -16.959 6.117   6.758   1.00 19.14 ? 325 LYS A N   1 
ATOM   1257 C  CA  . LYS A 1 169 ? -17.825 6.274   7.925   1.00 24.08 ? 325 LYS A CA  1 
ATOM   1258 C  C   . LYS A 1 169 ? -17.080 6.289   9.252   1.00 20.46 ? 325 LYS A C   1 
ATOM   1259 O  O   . LYS A 1 169 ? -17.670 6.587   10.288  1.00 19.50 ? 325 LYS A O   1 
ATOM   1260 C  CB  . LYS A 1 169 ? -18.862 5.148   7.965   1.00 35.62 ? 325 LYS A CB  1 
ATOM   1261 C  CG  . LYS A 1 169 ? -19.967 5.262   6.938   1.00 43.89 ? 325 LYS A CG  1 
ATOM   1262 C  CD  . LYS A 1 169 ? -20.822 4.009   6.909   1.00 48.92 ? 325 LYS A CD  1 
ATOM   1263 C  CE  . LYS A 1 169 ? -21.833 4.069   5.779   1.00 51.79 ? 325 LYS A CE  1 
ATOM   1264 N  NZ  . LYS A 1 169 ? -22.666 2.836   5.704   1.00 53.65 ? 325 LYS A NZ  1 
ATOM   1265 N  N   . ASP A 1 170 ? -15.792 5.969   9.214   1.00 16.52 ? 326 ASP A N   1 
ATOM   1266 C  CA  . ASP A 1 170 ? -14.973 5.915   10.425  1.00 15.51 ? 326 ASP A CA  1 
ATOM   1267 C  C   . ASP A 1 170 ? -13.931 7.030   10.388  1.00 15.01 ? 326 ASP A C   1 
ATOM   1268 O  O   . ASP A 1 170 ? -12.897 6.898   9.738   1.00 13.69 ? 326 ASP A O   1 
ATOM   1269 C  CB  . ASP A 1 170 ? -14.306 4.537   10.510  1.00 15.99 ? 326 ASP A CB  1 
ATOM   1270 C  CG  . ASP A 1 170 ? -13.633 4.292   11.839  1.00 17.65 ? 326 ASP A CG  1 
ATOM   1271 O  OD1 . ASP A 1 170 ? -13.540 3.110   12.227  1.00 16.25 ? 326 ASP A OD1 1 
ATOM   1272 O  OD2 . ASP A 1 170 ? -13.196 5.268   12.489  1.00 13.05 ? 326 ASP A OD2 1 
ATOM   1273 N  N   . ALA A 1 171 ? -14.218 8.127   11.089  1.00 13.10 ? 327 ALA A N   1 
ATOM   1274 C  CA  . ALA A 1 171 ? -13.334 9.294   11.117  1.00 13.48 ? 327 ALA A CA  1 
ATOM   1275 C  C   . ALA A 1 171 ? -11.881 8.991   11.473  1.00 11.94 ? 327 ALA A C   1 
ATOM   1276 O  O   . ALA A 1 171 ? -10.963 9.613   10.940  1.00 10.96 ? 327 ALA A O   1 
ATOM   1277 C  CB  . ALA A 1 171 ? -13.897 10.351  12.079  1.00 18.17 ? 327 ALA A CB  1 
ATOM   1278 N  N   . ALA A 1 172 ? -11.674 8.039   12.375  1.00 12.24 ? 328 ALA A N   1 
ATOM   1279 C  CA  . ALA A 1 172 ? -10.322 7.675   12.783  1.00 13.92 ? 328 ALA A CA  1 
ATOM   1280 C  C   . ALA A 1 172 ? -9.533  7.110   11.606  1.00 13.05 ? 328 ALA A C   1 
ATOM   1281 O  O   . ALA A 1 172 ? -8.300  7.069   11.639  1.00 11.84 ? 328 ALA A O   1 
ATOM   1282 C  CB  . ALA A 1 172 ? -10.364 6.663   13.926  1.00 13.99 ? 328 ALA A CB  1 
ATOM   1283 N  N   . LEU A 1 173 ? -10.247 6.669   10.570  1.00 11.68 ? 329 LEU A N   1 
ATOM   1284 C  CA  . LEU A 1 173 ? -9.606  6.133   9.371   1.00 10.05 ? 329 LEU A CA  1 
ATOM   1285 C  C   . LEU A 1 173 ? -9.680  7.154   8.242   1.00 8.70  ? 329 LEU A C   1 
ATOM   1286 O  O   . LEU A 1 173 ? -8.674  7.481   7.615   1.00 9.00  ? 329 LEU A O   1 
ATOM   1287 C  CB  . LEU A 1 173 ? -10.280 4.824   8.922   1.00 10.91 ? 329 LEU A CB  1 
ATOM   1288 C  CG  . LEU A 1 173 ? -10.122 3.595   9.825   1.00 12.08 ? 329 LEU A CG  1 
ATOM   1289 C  CD1 . LEU A 1 173 ? -10.934 2.443   9.278   1.00 13.73 ? 329 LEU A CD1 1 
ATOM   1290 C  CD2 . LEU A 1 173 ? -8.654  3.203   9.911   1.00 10.86 ? 329 LEU A CD2 1 
ATOM   1291 N  N   . GLU A 1 174 ? -10.876 7.673   8.002   1.00 12.51 ? 330 GLU A N   1 
ATOM   1292 C  CA  . GLU A 1 174 ? -11.095 8.635   6.925   1.00 13.29 ? 330 GLU A CA  1 
ATOM   1293 C  C   . GLU A 1 174 ? -10.165 9.855   6.965   1.00 13.27 ? 330 GLU A C   1 
ATOM   1294 O  O   . GLU A 1 174 ? -9.674  10.301  5.931   1.00 13.72 ? 330 GLU A O   1 
ATOM   1295 C  CB  . GLU A 1 174 ? -12.564 9.083   6.934   1.00 13.46 ? 330 GLU A CB  1 
ATOM   1296 C  CG  . GLU A 1 174 ? -13.051 9.785   5.658   1.00 15.39 ? 330 GLU A CG  1 
ATOM   1297 C  CD  . GLU A 1 174 ? -12.559 11.216  5.524   1.00 16.41 ? 330 GLU A CD  1 
ATOM   1298 O  OE1 . GLU A 1 174 ? -12.587 11.944  6.539   1.00 16.38 ? 330 GLU A OE1 1 
ATOM   1299 O  OE2 . GLU A 1 174 ? -12.166 11.620  4.404   1.00 17.89 ? 330 GLU A OE2 1 
ATOM   1300 N  N   . ARG A 1 175 ? -9.912  10.395  8.152   1.00 12.91 ? 331 ARG A N   1 
ATOM   1301 C  CA  . ARG A 1 175 ? -9.050  11.566  8.259   1.00 12.12 ? 331 ARG A CA  1 
ATOM   1302 C  C   . ARG A 1 175 ? -7.605  11.259  7.844   1.00 11.28 ? 331 ARG A C   1 
ATOM   1303 O  O   . ARG A 1 175 ? -6.821  12.170  7.575   1.00 11.74 ? 331 ARG A O   1 
ATOM   1304 C  CB  . ARG A 1 175 ? -9.098  12.116  9.693   1.00 14.35 ? 331 ARG A CB  1 
ATOM   1305 C  CG  . ARG A 1 175 ? -10.507 12.508  10.137  1.00 13.81 ? 331 ARG A CG  1 
ATOM   1306 C  CD  . ARG A 1 175 ? -10.523 13.097  11.551  1.00 15.23 ? 331 ARG A CD  1 
ATOM   1307 N  NE  . ARG A 1 175 ? -9.633  14.249  11.673  1.00 15.89 ? 331 ARG A NE  1 
ATOM   1308 C  CZ  . ARG A 1 175 ? -8.542  14.280  12.431  1.00 16.54 ? 331 ARG A CZ  1 
ATOM   1309 N  NH1 . ARG A 1 175 ? -8.194  13.223  13.154  1.00 15.21 ? 331 ARG A NH1 1 
ATOM   1310 N  NH2 . ARG A 1 175 ? -7.781  15.366  12.445  1.00 16.04 ? 331 ARG A NH2 1 
ATOM   1311 N  N   . ARG A 1 176 ? -7.260  9.978   7.752   1.00 9.78  ? 332 ARG A N   1 
ATOM   1312 C  CA  . ARG A 1 176 ? -5.898  9.601   7.380   1.00 10.78 ? 332 ARG A CA  1 
ATOM   1313 C  C   . ARG A 1 176 ? -5.762  9.201   5.914   1.00 9.80  ? 332 ARG A C   1 
ATOM   1314 O  O   . ARG A 1 176 ? -4.657  9.203   5.372   1.00 8.79  ? 332 ARG A O   1 
ATOM   1315 C  CB  . ARG A 1 176 ? -5.419  8.418   8.227   1.00 11.11 ? 332 ARG A CB  1 
ATOM   1316 C  CG  . ARG A 1 176 ? -5.722  8.510   9.707   1.00 10.30 ? 332 ARG A CG  1 
ATOM   1317 C  CD  . ARG A 1 176 ? -5.120  9.749   10.323  1.00 12.67 ? 332 ARG A CD  1 
ATOM   1318 N  NE  . ARG A 1 176 ? -5.472  9.830   11.739  1.00 11.05 ? 332 ARG A NE  1 
ATOM   1319 C  CZ  . ARG A 1 176 ? -5.293  10.909  12.490  1.00 15.15 ? 332 ARG A CZ  1 
ATOM   1320 N  NH1 . ARG A 1 176 ? -4.767  12.006  11.962  1.00 13.56 ? 332 ARG A NH1 1 
ATOM   1321 N  NH2 . ARG A 1 176 ? -5.640  10.893  13.771  1.00 12.87 ? 332 ARG A NH2 1 
ATOM   1322 N  N   . PHE A 1 177 ? -6.872  8.847   5.274   1.00 9.56  ? 333 PHE A N   1 
ATOM   1323 C  CA  . PHE A 1 177 ? -6.812  8.403   3.879   1.00 9.51  ? 333 PHE A CA  1 
ATOM   1324 C  C   . PHE A 1 177 ? -7.353  9.381   2.842   1.00 10.70 ? 333 PHE A C   1 
ATOM   1325 O  O   . PHE A 1 177 ? -8.190  10.238  3.140   1.00 11.94 ? 333 PHE A O   1 
ATOM   1326 C  CB  . PHE A 1 177 ? -7.557  7.077   3.729   1.00 11.32 ? 333 PHE A CB  1 
ATOM   1327 C  CG  . PHE A 1 177 ? -6.929  5.931   4.471   1.00 10.97 ? 333 PHE A CG  1 
ATOM   1328 C  CD1 . PHE A 1 177 ? -7.573  5.355   5.559   1.00 12.64 ? 333 PHE A CD1 1 
ATOM   1329 C  CD2 . PHE A 1 177 ? -5.711  5.402   4.061   1.00 11.73 ? 333 PHE A CD2 1 
ATOM   1330 C  CE1 . PHE A 1 177 ? -7.012  4.265   6.223   1.00 12.07 ? 333 PHE A CE1 1 
ATOM   1331 C  CE2 . PHE A 1 177 ? -5.143  4.316   4.718   1.00 10.86 ? 333 PHE A CE2 1 
ATOM   1332 C  CZ  . PHE A 1 177 ? -5.798  3.746   5.805   1.00 10.47 ? 333 PHE A CZ  1 
ATOM   1333 N  N   . GLN A 1 178 ? -6.871  9.226   1.612   1.00 9.00  ? 334 GLN A N   1 
ATOM   1334 C  CA  . GLN A 1 178 ? -7.288  10.061  0.493   1.00 8.57  ? 334 GLN A CA  1 
ATOM   1335 C  C   . GLN A 1 178 ? -7.574  9.188   -0.725  1.00 8.65  ? 334 GLN A C   1 
ATOM   1336 O  O   . GLN A 1 178 ? -6.705  8.445   -1.184  1.00 7.64  ? 334 GLN A O   1 
ATOM   1337 C  CB  . GLN A 1 178 ? -6.189  11.061  0.146   1.00 10.71 ? 334 GLN A CB  1 
ATOM   1338 C  CG  . GLN A 1 178 ? -6.416  11.842  -1.148  1.00 11.69 ? 334 GLN A CG  1 
ATOM   1339 C  CD  . GLN A 1 178 ? -7.619  12.765  -1.076  1.00 12.74 ? 334 GLN A CD  1 
ATOM   1340 O  OE1 . GLN A 1 178 ? -7.687  13.639  -0.215  1.00 12.71 ? 334 GLN A OE1 1 
ATOM   1341 N  NE2 . GLN A 1 178 ? -8.570  12.582  -1.988  1.00 12.58 ? 334 GLN A NE2 1 
ATOM   1342 N  N   . LYS A 1 179 ? -8.790  9.292   -1.249  1.00 9.97  ? 335 LYS A N   1 
ATOM   1343 C  CA  . LYS A 1 179 ? -9.170  8.524   -2.425  1.00 11.07 ? 335 LYS A CA  1 
ATOM   1344 C  C   . LYS A 1 179 ? -8.400  8.972   -3.661  1.00 11.27 ? 335 LYS A C   1 
ATOM   1345 O  O   . LYS A 1 179 ? -8.245  10.172  -3.909  1.00 11.13 ? 335 LYS A O   1 
ATOM   1346 C  CB  . LYS A 1 179 ? -10.670 8.680   -2.705  1.00 11.37 ? 335 LYS A CB  1 
ATOM   1347 C  CG  . LYS A 1 179 ? -11.589 8.011   -1.699  1.00 14.23 ? 335 LYS A CG  1 
ATOM   1348 C  CD  . LYS A 1 179 ? -13.059 8.305   -1.986  1.00 16.16 ? 335 LYS A CD  1 
ATOM   1349 C  CE  . LYS A 1 179 ? -13.376 9.775   -1.760  1.00 17.57 ? 335 LYS A CE  1 
ATOM   1350 N  NZ  . LYS A 1 179 ? -14.841 10.043  -1.830  1.00 19.83 ? 335 LYS A NZ  1 
ATOM   1351 N  N   . VAL A 1 180 ? -7.907  7.994   -4.414  1.00 8.59  ? 336 VAL A N   1 
ATOM   1352 C  CA  . VAL A 1 180 ? -7.199  8.225   -5.673  1.00 6.97  ? 336 VAL A CA  1 
ATOM   1353 C  C   . VAL A 1 180 ? -7.856  7.228   -6.614  1.00 7.77  ? 336 VAL A C   1 
ATOM   1354 O  O   . VAL A 1 180 ? -7.646  6.023   -6.491  1.00 5.72  ? 336 VAL A O   1 
ATOM   1355 C  CB  . VAL A 1 180 ? -5.693  7.918   -5.558  1.00 6.79  ? 336 VAL A CB  1 
ATOM   1356 C  CG1 . VAL A 1 180 ? -5.028  8.051   -6.928  1.00 6.20  ? 336 VAL A CG1 1 
ATOM   1357 C  CG2 . VAL A 1 180 ? -5.047  8.884   -4.571  1.00 7.89  ? 336 VAL A CG2 1 
ATOM   1358 N  N   . PHE A 1 181 ? -8.664  7.726   -7.545  1.00 8.18  ? 337 PHE A N   1 
ATOM   1359 C  CA  . PHE A 1 181 ? -9.391  6.857   -8.459  1.00 8.44  ? 337 PHE A CA  1 
ATOM   1360 C  C   . PHE A 1 181 ? -8.582  6.236   -9.593  1.00 8.32  ? 337 PHE A C   1 
ATOM   1361 O  O   . PHE A 1 181 ? -7.661  6.840   -10.141 1.00 7.91  ? 337 PHE A O   1 
ATOM   1362 C  CB  . PHE A 1 181 ? -10.605 7.621   -8.999  1.00 9.35  ? 337 PHE A CB  1 
ATOM   1363 C  CG  . PHE A 1 181 ? -11.613 7.963   -7.935  1.00 7.72  ? 337 PHE A CG  1 
ATOM   1364 C  CD1 . PHE A 1 181 ? -12.532 7.014   -7.500  1.00 6.54  ? 337 PHE A CD1 1 
ATOM   1365 C  CD2 . PHE A 1 181 ? -11.614 9.220   -7.337  1.00 8.67  ? 337 PHE A CD2 1 
ATOM   1366 C  CE1 . PHE A 1 181 ? -13.437 7.304   -6.481  1.00 7.97  ? 337 PHE A CE1 1 
ATOM   1367 C  CE2 . PHE A 1 181 ? -12.517 9.521   -6.312  1.00 10.91 ? 337 PHE A CE2 1 
ATOM   1368 C  CZ  . PHE A 1 181 ? -13.429 8.556   -5.888  1.00 8.27  ? 337 PHE A CZ  1 
ATOM   1369 N  N   . VAL A 1 182 ? -8.936  5.002   -9.920  1.00 9.33  ? 338 VAL A N   1 
ATOM   1370 C  CA  . VAL A 1 182 ? -8.271  4.249   -10.972 1.00 9.01  ? 338 VAL A CA  1 
ATOM   1371 C  C   . VAL A 1 182 ? -9.329  3.622   -11.869 1.00 8.90  ? 338 VAL A C   1 
ATOM   1372 O  O   . VAL A 1 182 ? -10.130 2.797   -11.422 1.00 10.28 ? 338 VAL A O   1 
ATOM   1373 C  CB  . VAL A 1 182 ? -7.415  3.108   -10.384 1.00 8.41  ? 338 VAL A CB  1 
ATOM   1374 C  CG1 . VAL A 1 182 ? -6.655  2.410   -11.497 1.00 7.66  ? 338 VAL A CG1 1 
ATOM   1375 C  CG2 . VAL A 1 182 ? -6.458  3.649   -9.318  1.00 6.09  ? 338 VAL A CG2 1 
ATOM   1376 N  N   . ALA A 1 183 ? -9.328  4.020   -13.135 1.00 10.60 ? 339 ALA A N   1 
ATOM   1377 C  CA  . ALA A 1 183 ? -10.283 3.486   -14.092 1.00 10.38 ? 339 ALA A CA  1 
ATOM   1378 C  C   . ALA A 1 183 ? -9.616  2.357   -14.854 1.00 12.63 ? 339 ALA A C   1 
ATOM   1379 O  O   . ALA A 1 183 ? -8.390  2.235   -14.848 1.00 10.26 ? 339 ALA A O   1 
ATOM   1380 C  CB  . ALA A 1 183 ? -10.737 4.580   -15.060 1.00 15.06 ? 339 ALA A CB  1 
ATOM   1381 N  N   . GLU A 1 184 ? -10.423 1.528   -15.509 1.00 15.63 ? 340 GLU A N   1 
ATOM   1382 C  CA  . GLU A 1 184 ? -9.887  0.419   -16.288 1.00 20.06 ? 340 GLU A CA  1 
ATOM   1383 C  C   . GLU A 1 184 ? -8.901  0.959   -17.308 1.00 16.58 ? 340 GLU A C   1 
ATOM   1384 O  O   . GLU A 1 184 ? -9.092  2.046   -17.850 1.00 13.19 ? 340 GLU A O   1 
ATOM   1385 C  CB  . GLU A 1 184 ? -11.001 -0.318  -17.026 1.00 30.70 ? 340 GLU A CB  1 
ATOM   1386 C  CG  . GLU A 1 184 ? -11.841 -1.224  -16.152 1.00 42.90 ? 340 GLU A CG  1 
ATOM   1387 C  CD  . GLU A 1 184 ? -12.341 -2.436  -16.909 1.00 48.10 ? 340 GLU A CD  1 
ATOM   1388 O  OE1 . GLU A 1 184 ? -13.039 -2.258  -17.926 1.00 51.06 ? 340 GLU A OE1 1 
ATOM   1389 O  OE2 . GLU A 1 184 ? -12.026 -3.568  -16.489 1.00 50.56 ? 340 GLU A OE2 1 
ATOM   1390 N  N   . PRO A 1 185 ? -7.820  0.215   -17.569 1.00 14.97 ? 341 PRO A N   1 
ATOM   1391 C  CA  . PRO A 1 185 ? -6.835  0.677   -18.546 1.00 13.95 ? 341 PRO A CA  1 
ATOM   1392 C  C   . PRO A 1 185 ? -7.380  0.415   -19.944 1.00 10.82 ? 341 PRO A C   1 
ATOM   1393 O  O   . PRO A 1 185 ? -8.337  -0.345  -20.110 1.00 11.21 ? 341 PRO A O   1 
ATOM   1394 C  CB  . PRO A 1 185 ? -5.616  -0.177  -18.224 1.00 18.12 ? 341 PRO A CB  1 
ATOM   1395 C  CG  . PRO A 1 185 ? -6.236  -1.477  -17.800 1.00 20.52 ? 341 PRO A CG  1 
ATOM   1396 C  CD  . PRO A 1 185 ? -7.390  -1.042  -16.926 1.00 19.30 ? 341 PRO A CD  1 
ATOM   1397 N  N   . SER A 1 186 ? -6.788  1.053   -20.944 1.00 9.89  ? 342 SER A N   1 
ATOM   1398 C  CA  . SER A 1 186 ? -7.232  0.844   -22.314 1.00 9.78  ? 342 SER A CA  1 
ATOM   1399 C  C   . SER A 1 186 ? -6.754  -0.532  -22.751 1.00 8.35  ? 342 SER A C   1 
ATOM   1400 O  O   . SER A 1 186 ? -5.779  -1.066  -22.212 1.00 8.18  ? 342 SER A O   1 
ATOM   1401 C  CB  . SER A 1 186 ? -6.635  1.900   -23.247 1.00 11.59 ? 342 SER A CB  1 
ATOM   1402 O  OG  . SER A 1 186 ? -5.222  1.775   -23.329 1.00 15.02 ? 342 SER A OG  1 
ATOM   1403 N  N   . VAL A 1 187 ? -7.449  -1.111  -23.722 1.00 7.12  ? 343 VAL A N   1 
ATOM   1404 C  CA  . VAL A 1 187 ? -7.067  -2.412  -24.243 1.00 8.58  ? 343 VAL A CA  1 
ATOM   1405 C  C   . VAL A 1 187 ? -5.633  -2.307  -24.758 1.00 8.72  ? 343 VAL A C   1 
ATOM   1406 O  O   . VAL A 1 187 ? -4.807  -3.196  -24.547 1.00 9.84  ? 343 VAL A O   1 
ATOM   1407 C  CB  . VAL A 1 187 ? -8.007  -2.841  -25.396 1.00 10.11 ? 343 VAL A CB  1 
ATOM   1408 C  CG1 . VAL A 1 187 ? -7.499  -4.132  -26.041 1.00 12.37 ? 343 VAL A CG1 1 
ATOM   1409 C  CG2 . VAL A 1 187 ? -9.421  -3.024  -24.865 1.00 12.90 ? 343 VAL A CG2 1 
ATOM   1410 N  N   . GLU A 1 188 ? -5.331  -1.197  -25.420 1.00 11.66 ? 344 GLU A N   1 
ATOM   1411 C  CA  . GLU A 1 188 ? -3.996  -0.985  -25.961 1.00 14.50 ? 344 GLU A CA  1 
ATOM   1412 C  C   . GLU A 1 188 ? -2.910  -1.117  -24.898 1.00 12.83 ? 344 GLU A C   1 
ATOM   1413 O  O   . GLU A 1 188 ? -1.939  -1.857  -25.077 1.00 11.44 ? 344 GLU A O   1 
ATOM   1414 C  CB  . GLU A 1 188 ? -3.913  0.392   -26.623 1.00 23.50 ? 344 GLU A CB  1 
ATOM   1415 C  CG  . GLU A 1 188 ? -2.577  0.691   -27.277 1.00 31.47 ? 344 GLU A CG  1 
ATOM   1416 C  CD  . GLU A 1 188 ? -2.591  2.006   -28.036 1.00 37.39 ? 344 GLU A CD  1 
ATOM   1417 O  OE1 . GLU A 1 188 ? -3.441  2.163   -28.940 1.00 39.92 ? 344 GLU A OE1 1 
ATOM   1418 O  OE2 . GLU A 1 188 ? -1.758  2.881   -27.723 1.00 39.83 ? 344 GLU A OE2 1 
ATOM   1419 N  N   . ASP A 1 189 ? -3.073  -0.405  -23.788 1.00 12.48 ? 345 ASP A N   1 
ATOM   1420 C  CA  . ASP A 1 189 ? -2.088  -0.467  -22.714 1.00 11.52 ? 345 ASP A CA  1 
ATOM   1421 C  C   . ASP A 1 189 ? -2.056  -1.833  -22.012 1.00 12.21 ? 345 ASP A C   1 
ATOM   1422 O  O   . ASP A 1 189 ? -1.009  -2.277  -21.549 1.00 12.55 ? 345 ASP A O   1 
ATOM   1423 C  CB  . ASP A 1 189 ? -2.350  0.630   -21.677 1.00 14.82 ? 345 ASP A CB  1 
ATOM   1424 C  CG  . ASP A 1 189 ? -2.110  2.025   -22.224 1.00 15.96 ? 345 ASP A CG  1 
ATOM   1425 O  OD1 . ASP A 1 189 ? -1.422  2.164   -23.256 1.00 15.55 ? 345 ASP A OD1 1 
ATOM   1426 O  OD2 . ASP A 1 189 ? -2.605  2.985   -21.604 1.00 17.22 ? 345 ASP A OD2 1 
ATOM   1427 N  N   . THR A 1 190 ? -3.201  -2.497  -21.934 1.00 11.28 ? 346 THR A N   1 
ATOM   1428 C  CA  . THR A 1 190 ? -3.262  -3.800  -21.286 1.00 12.12 ? 346 THR A CA  1 
ATOM   1429 C  C   . THR A 1 190 ? -2.460  -4.857  -22.046 1.00 11.64 ? 346 THR A C   1 
ATOM   1430 O  O   . THR A 1 190 ? -1.683  -5.604  -21.451 1.00 11.89 ? 346 THR A O   1 
ATOM   1431 C  CB  . THR A 1 190 ? -4.719  -4.275  -21.151 1.00 12.65 ? 346 THR A CB  1 
ATOM   1432 O  OG1 . THR A 1 190 ? -5.411  -3.406  -20.250 1.00 10.87 ? 346 THR A OG1 1 
ATOM   1433 C  CG2 . THR A 1 190 ? -4.781  -5.698  -20.611 1.00 14.42 ? 346 THR A CG2 1 
ATOM   1434 N  N   . ILE A 1 191 ? -2.639  -4.916  -23.358 1.00 12.25 ? 347 ILE A N   1 
ATOM   1435 C  CA  . ILE A 1 191 ? -1.928  -5.901  -24.164 1.00 15.62 ? 347 ILE A CA  1 
ATOM   1436 C  C   . ILE A 1 191 ? -0.450  -5.558  -24.361 1.00 13.92 ? 347 ILE A C   1 
ATOM   1437 O  O   . ILE A 1 191 ? 0.342   -6.416  -24.758 1.00 13.59 ? 347 ILE A O   1 
ATOM   1438 C  CB  . ILE A 1 191 ? -2.583  -6.053  -25.543 1.00 20.47 ? 347 ILE A CB  1 
ATOM   1439 C  CG1 . ILE A 1 191 ? -2.400  -4.769  -26.348 1.00 24.68 ? 347 ILE A CG1 1 
ATOM   1440 C  CG2 . ILE A 1 191 ? -4.068  -6.358  -25.382 1.00 24.05 ? 347 ILE A CG2 1 
ATOM   1441 C  CD1 . ILE A 1 191 ? -2.889  -4.882  -27.755 1.00 28.41 ? 347 ILE A CD1 1 
ATOM   1442 N  N   . ALA A 1 192 ? -0.081  -4.312  -24.081 1.00 12.70 ? 348 ALA A N   1 
ATOM   1443 C  CA  . ALA A 1 192 ? 1.309   -3.873  -24.239 1.00 13.55 ? 348 ALA A CA  1 
ATOM   1444 C  C   . ALA A 1 192 ? 2.277   -4.584  -23.283 1.00 12.87 ? 348 ALA A C   1 
ATOM   1445 O  O   . ALA A 1 192 ? 3.489   -4.599  -23.509 1.00 13.15 ? 348 ALA A O   1 
ATOM   1446 C  CB  . ALA A 1 192 ? 1.405   -2.369  -24.039 1.00 16.82 ? 348 ALA A CB  1 
ATOM   1447 N  N   . ILE A 1 193 ? 1.750   -5.174  -22.215 1.00 13.07 ? 349 ILE A N   1 
ATOM   1448 C  CA  . ILE A 1 193 ? 2.605   -5.869  -21.256 1.00 13.07 ? 349 ILE A CA  1 
ATOM   1449 C  C   . ILE A 1 193 ? 3.139   -7.200  -21.803 1.00 11.10 ? 349 ILE A C   1 
ATOM   1450 O  O   . ILE A 1 193 ? 4.145   -7.715  -21.320 1.00 9.61  ? 349 ILE A O   1 
ATOM   1451 C  CB  . ILE A 1 193 ? 1.858   -6.137  -19.931 1.00 19.35 ? 349 ILE A CB  1 
ATOM   1452 C  CG1 . ILE A 1 193 ? 2.853   -6.597  -18.864 1.00 22.53 ? 349 ILE A CG1 1 
ATOM   1453 C  CG2 . ILE A 1 193 ? 0.815   -7.209  -20.132 1.00 21.07 ? 349 ILE A CG2 1 
ATOM   1454 C  CD1 . ILE A 1 193 ? 2.275   -6.668  -17.451 1.00 26.52 ? 349 ILE A CD1 1 
ATOM   1455 N  N   . LEU A 1 194 ? 2.477   -7.749  -22.816 1.00 9.07  ? 350 LEU A N   1 
ATOM   1456 C  CA  . LEU A 1 194 ? 2.910   -9.016  -23.398 1.00 9.04  ? 350 LEU A CA  1 
ATOM   1457 C  C   . LEU A 1 194 ? 4.260   -8.883  -24.117 1.00 9.24  ? 350 LEU A C   1 
ATOM   1458 O  O   . LEU A 1 194 ? 4.579   -7.826  -24.677 1.00 9.81  ? 350 LEU A O   1 
ATOM   1459 C  CB  . LEU A 1 194 ? 1.861   -9.521  -24.384 1.00 11.16 ? 350 LEU A CB  1 
ATOM   1460 C  CG  . LEU A 1 194 ? 0.454   -9.753  -23.824 1.00 12.05 ? 350 LEU A CG  1 
ATOM   1461 C  CD1 . LEU A 1 194 ? -0.489  -10.105 -24.962 1.00 11.94 ? 350 LEU A CD1 1 
ATOM   1462 C  CD2 . LEU A 1 194 ? 0.474   -10.871 -22.774 1.00 13.30 ? 350 LEU A CD2 1 
ATOM   1463 N  N   . ARG A 1 195 ? 5.044   -9.962  -24.104 1.00 9.63  ? 351 ARG A N   1 
ATOM   1464 C  CA  . ARG A 1 195 ? 6.365   -9.975  -24.745 1.00 14.53 ? 351 ARG A CA  1 
ATOM   1465 C  C   . ARG A 1 195 ? 6.408   -10.985 -25.884 1.00 14.54 ? 351 ARG A C   1 
ATOM   1466 O  O   . ARG A 1 195 ? 5.653   -11.980 -25.821 1.00 11.16 ? 351 ARG A O   1 
ATOM   1467 C  CB  . ARG A 1 195 ? 7.459   -10.386 -23.758 1.00 20.84 ? 351 ARG A CB  1 
ATOM   1468 C  CG  . ARG A 1 195 ? 7.379   -9.776  -22.379 1.00 28.68 ? 351 ARG A CG  1 
ATOM   1469 C  CD  . ARG A 1 195 ? 8.421   -10.430 -21.489 1.00 31.53 ? 351 ARG A CD  1 
ATOM   1470 N  NE  . ARG A 1 195 ? 8.300   -10.018 -20.095 1.00 34.08 ? 351 ARG A NE  1 
ATOM   1471 C  CZ  . ARG A 1 195 ? 9.138   -10.390 -19.137 1.00 35.12 ? 351 ARG A CZ  1 
ATOM   1472 N  NH1 . ARG A 1 195 ? 10.158  -11.183 -19.427 1.00 35.85 ? 351 ARG A NH1 1 
ATOM   1473 N  NH2 . ARG A 1 195 ? 8.956   -9.967  -17.892 1.00 38.28 ? 351 ARG A NH2 1 
ATOM   1474 O  OXT . ARG A 1 195 ? 7.237   -10.795 -26.802 1.00 20.76 ? 351 ARG A OXT 1 
HETATM 1475 MG MG  . MG  B 2 .   ? -6.415  -4.734  -9.205  1.00 19.84 ? 1   MG  A MG  1 
HETATM 1476 O  O   . HOH C 3 .   ? 13.245  -17.030 8.922   1.00 18.44 ? 352 HOH A O   1 
HETATM 1477 O  O   . HOH C 3 .   ? 7.916   -19.949 7.683   1.00 17.34 ? 353 HOH A O   1 
HETATM 1478 O  O   . HOH C 3 .   ? 6.779   -15.858 5.269   1.00 20.72 ? 354 HOH A O   1 
HETATM 1479 O  O   . HOH C 3 .   ? 6.987   -14.560 12.775  1.00 20.67 ? 355 HOH A O   1 
HETATM 1480 O  O   . HOH C 3 .   ? 5.618   -17.446 9.270   1.00 13.58 ? 356 HOH A O   1 
HETATM 1481 O  O   . HOH C 3 .   ? 10.310  -7.063  2.766   1.00 17.71 ? 357 HOH A O   1 
HETATM 1482 O  O   . HOH C 3 .   ? 11.786  -8.567  -2.848  1.00 31.59 ? 358 HOH A O   1 
HETATM 1483 O  O   . HOH C 3 .   ? 10.747  -10.436 -4.292  1.00 26.03 ? 359 HOH A O   1 
HETATM 1484 O  O   . HOH C 3 .   ? 15.224  -1.471  -12.535 1.00 25.20 ? 360 HOH A O   1 
HETATM 1485 O  O   . HOH C 3 .   ? 18.716  -5.061  -4.602  1.00 49.03 ? 361 HOH A O   1 
HETATM 1486 O  O   . HOH C 3 .   ? 18.145  1.850   -4.937  1.00 30.74 ? 362 HOH A O   1 
HETATM 1487 O  O   . HOH C 3 .   ? 18.887  -1.699  -10.133 1.00 19.75 ? 363 HOH A O   1 
HETATM 1488 O  O   . HOH C 3 .   ? 13.595  -10.236 -5.525  1.00 35.11 ? 364 HOH A O   1 
HETATM 1489 O  O   . HOH C 3 .   ? 11.037  -8.063  -15.606 1.00 20.28 ? 365 HOH A O   1 
HETATM 1490 O  O   . HOH C 3 .   ? 13.110  -14.206 -5.369  1.00 47.03 ? 366 HOH A O   1 
HETATM 1491 O  O   . HOH C 3 .   ? 9.149   -10.823 -12.632 1.00 33.16 ? 367 HOH A O   1 
HETATM 1492 O  O   . HOH C 3 .   ? 11.123  -4.314  -16.626 1.00 29.59 ? 368 HOH A O   1 
HETATM 1493 O  O   . HOH C 3 .   ? 5.181   -9.906  -17.708 1.00 28.39 ? 369 HOH A O   1 
HETATM 1494 O  O   . HOH C 3 .   ? 7.759   -7.109  -18.790 1.00 20.91 ? 370 HOH A O   1 
HETATM 1495 O  O   . HOH C 3 .   ? 4.572   -3.572  -13.103 1.00 31.39 ? 371 HOH A O   1 
HETATM 1496 O  O   . HOH C 3 .   ? 8.853   -0.980  -13.732 1.00 21.60 ? 372 HOH A O   1 
HETATM 1497 O  O   . HOH C 3 .   ? 2.296   -3.225  -15.317 1.00 23.35 ? 373 HOH A O   1 
HETATM 1498 O  O   . HOH C 3 .   ? 3.467   -3.092  -19.524 1.00 25.03 ? 374 HOH A O   1 
HETATM 1499 O  O   . HOH C 3 .   ? -2.462  0.931   -17.601 1.00 22.80 ? 375 HOH A O   1 
HETATM 1500 O  O   . HOH C 3 .   ? 2.707   4.896   -16.372 1.00 18.70 ? 376 HOH A O   1 
HETATM 1501 O  O   . HOH C 3 .   ? -7.687  6.170   -13.972 1.00 10.17 ? 377 HOH A O   1 
HETATM 1502 O  O   . HOH C 3 .   ? -1.841  13.534  -11.068 1.00 24.13 ? 378 HOH A O   1 
HETATM 1503 O  O   . HOH C 3 .   ? -1.959  8.766   -16.641 1.00 32.63 ? 379 HOH A O   1 
HETATM 1504 O  O   . HOH C 3 .   ? 4.032   13.655  -7.738  1.00 32.27 ? 380 HOH A O   1 
HETATM 1505 O  O   . HOH C 3 .   ? -7.117  12.086  -5.530  1.00 19.74 ? 381 HOH A O   1 
HETATM 1506 O  O   . HOH C 3 .   ? 3.366   17.972  -9.237  1.00 54.67 ? 382 HOH A O   1 
HETATM 1507 O  O   . HOH C 3 .   ? 1.856   17.048  -1.824  1.00 32.47 ? 383 HOH A O   1 
HETATM 1508 O  O   . HOH C 3 .   ? 4.461   12.866  3.993   1.00 24.96 ? 384 HOH A O   1 
HETATM 1509 O  O   . HOH C 3 .   ? -7.313  16.591  -2.679  1.00 27.11 ? 385 HOH A O   1 
HETATM 1510 O  O   . HOH C 3 .   ? -10.413 14.178  6.030   1.00 33.72 ? 386 HOH A O   1 
HETATM 1511 O  O   . HOH C 3 .   ? 1.927   10.332  8.373   1.00 24.07 ? 387 HOH A O   1 
HETATM 1512 O  O   . HOH C 3 .   ? -2.216  10.301  8.464   1.00 40.81 ? 388 HOH A O   1 
HETATM 1513 O  O   . HOH C 3 .   ? 5.084   11.916  6.279   1.00 40.33 ? 389 HOH A O   1 
HETATM 1514 O  O   . HOH C 3 .   ? 0.127   8.001   8.544   1.00 16.79 ? 390 HOH A O   1 
HETATM 1515 O  O   . HOH C 3 .   ? -14.668 1.234   -7.377  1.00 10.85 ? 391 HOH A O   1 
HETATM 1516 O  O   . HOH C 3 .   ? -11.756 -5.445  -14.692 1.00 41.61 ? 392 HOH A O   1 
HETATM 1517 O  O   . HOH C 3 .   ? -14.182 -6.719  -11.873 1.00 34.41 ? 393 HOH A O   1 
HETATM 1518 O  O   . HOH C 3 .   ? -2.751  -0.150  -13.947 1.00 18.79 ? 394 HOH A O   1 
HETATM 1519 O  O   . HOH C 3 .   ? 5.721   -6.702  -12.358 1.00 22.76 ? 395 HOH A O   1 
HETATM 1520 O  O   . HOH C 3 .   ? 11.894  -3.596  -12.741 1.00 13.17 ? 396 HOH A O   1 
HETATM 1521 O  O   . HOH C 3 .   ? 7.056   10.730  -10.771 1.00 42.00 ? 397 HOH A O   1 
HETATM 1522 O  O   . HOH C 3 .   ? 15.469  6.698   -4.584  1.00 24.70 ? 398 HOH A O   1 
HETATM 1523 O  O   . HOH C 3 .   ? 12.028  18.079  -5.682  1.00 38.66 ? 399 HOH A O   1 
HETATM 1524 O  O   . HOH C 3 .   ? 19.064  10.200  -7.165  1.00 42.89 ? 400 HOH A O   1 
HETATM 1525 O  O   . HOH C 3 .   ? 15.464  7.772   2.311   1.00 39.00 ? 401 HOH A O   1 
HETATM 1526 O  O   . HOH C 3 .   ? 11.373  10.851  7.374   1.00 48.26 ? 402 HOH A O   1 
HETATM 1527 O  O   . HOH C 3 .   ? 14.746  2.872   -2.140  1.00 21.46 ? 403 HOH A O   1 
HETATM 1528 O  O   . HOH C 3 .   ? 12.325  -6.239  4.300   1.00 24.62 ? 404 HOH A O   1 
HETATM 1529 O  O   . HOH C 3 .   ? -1.030  -18.826 2.826   1.00 28.96 ? 405 HOH A O   1 
HETATM 1530 O  O   . HOH C 3 .   ? 4.926   -17.121 6.519   1.00 8.67  ? 406 HOH A O   1 
HETATM 1531 O  O   . HOH C 3 .   ? -0.710  -5.758  -0.081  1.00 15.16 ? 407 HOH A O   1 
HETATM 1532 O  O   . HOH C 3 .   ? 2.053   -15.046 -0.787  1.00 30.75 ? 408 HOH A O   1 
HETATM 1533 O  O   . HOH C 3 .   ? 6.939   -12.850 1.955   1.00 36.72 ? 409 HOH A O   1 
HETATM 1534 O  O   . HOH C 3 .   ? -0.806  -12.654 -0.469  1.00 28.63 ? 410 HOH A O   1 
HETATM 1535 O  O   . HOH C 3 .   ? -3.362  -20.751 8.373   1.00 14.73 ? 411 HOH A O   1 
HETATM 1536 O  O   . HOH C 3 .   ? 4.254   -19.859 9.534   1.00 14.11 ? 412 HOH A O   1 
HETATM 1537 O  O   . HOH C 3 .   ? 2.890   -23.425 11.567  1.00 16.62 ? 413 HOH A O   1 
HETATM 1538 O  O   . HOH C 3 .   ? -7.092  -28.406 14.949  1.00 42.84 ? 414 HOH A O   1 
HETATM 1539 O  O   . HOH C 3 .   ? -14.282 -8.605  11.960  1.00 38.04 ? 415 HOH A O   1 
HETATM 1540 O  O   . HOH C 3 .   ? -7.450  -16.924 17.584  1.00 17.13 ? 416 HOH A O   1 
HETATM 1541 O  O   . HOH C 3 .   ? -2.988  -11.849 19.148  1.00 25.63 ? 417 HOH A O   1 
HETATM 1542 O  O   . HOH C 3 .   ? -0.173  -18.716 18.327  1.00 18.90 ? 418 HOH A O   1 
HETATM 1543 O  O   . HOH C 3 .   ? 3.926   -14.900 15.932  1.00 13.69 ? 419 HOH A O   1 
HETATM 1544 O  O   . HOH C 3 .   ? 3.810   -9.252  17.982  1.00 28.27 ? 420 HOH A O   1 
HETATM 1545 O  O   . HOH C 3 .   ? 3.320   1.043   12.540  1.00 19.23 ? 421 HOH A O   1 
HETATM 1546 O  O   . HOH C 3 .   ? 5.578   -7.440  18.166  1.00 36.16 ? 422 HOH A O   1 
HETATM 1547 O  O   . HOH C 3 .   ? 10.540  -8.095  13.872  1.00 34.43 ? 423 HOH A O   1 
HETATM 1548 O  O   . HOH C 3 .   ? 13.213  6.284   11.588  1.00 42.70 ? 424 HOH A O   1 
HETATM 1549 O  O   . HOH C 3 .   ? 15.481  7.702   9.791   1.00 58.29 ? 425 HOH A O   1 
HETATM 1550 O  O   . HOH C 3 .   ? 4.968   2.656   7.069   1.00 14.81 ? 426 HOH A O   1 
HETATM 1551 O  O   . HOH C 3 .   ? 6.875   3.426   9.029   1.00 20.88 ? 427 HOH A O   1 
HETATM 1552 O  O   . HOH C 3 .   ? -2.024  -7.653  -4.223  1.00 30.35 ? 428 HOH A O   1 
HETATM 1553 O  O   . HOH C 3 .   ? -6.234  -8.574  -4.370  1.00 30.13 ? 429 HOH A O   1 
HETATM 1554 O  O   . HOH C 3 .   ? -12.583 -8.151  -0.681  1.00 26.54 ? 430 HOH A O   1 
HETATM 1555 O  O   . HOH C 3 .   ? -11.179 -9.502  7.175   1.00 37.04 ? 431 HOH A O   1 
HETATM 1556 O  O   . HOH C 3 .   ? -11.473 -0.202  11.752  1.00 38.75 ? 432 HOH A O   1 
HETATM 1557 O  O   . HOH C 3 .   ? -11.969 -6.900  9.050   1.00 22.43 ? 433 HOH A O   1 
HETATM 1558 O  O   . HOH C 3 .   ? -18.230 -7.372  7.924   1.00 42.40 ? 434 HOH A O   1 
HETATM 1559 O  O   . HOH C 3 .   ? -6.990  -4.320  16.523  1.00 38.58 ? 435 HOH A O   1 
HETATM 1560 O  O   . HOH C 3 .   ? -9.908  -3.443  15.856  1.00 24.84 ? 436 HOH A O   1 
HETATM 1561 O  O   . HOH C 3 .   ? -0.526  0.178   16.301  1.00 28.60 ? 437 HOH A O   1 
HETATM 1562 O  O   . HOH C 3 .   ? -6.519  7.734   13.496  1.00 18.62 ? 438 HOH A O   1 
HETATM 1563 O  O   . HOH C 3 .   ? 4.114   3.627   19.428  1.00 46.42 ? 439 HOH A O   1 
HETATM 1564 O  O   . HOH C 3 .   ? 0.516   3.674   18.031  1.00 44.79 ? 440 HOH A O   1 
HETATM 1565 O  O   . HOH C 3 .   ? -10.851 -4.510  -3.394  1.00 25.40 ? 441 HOH A O   1 
HETATM 1566 O  O   . HOH C 3 .   ? -12.326 10.192  2.115   1.00 23.18 ? 442 HOH A O   1 
HETATM 1567 O  O   . HOH C 3 .   ? -18.954 -2.634  0.768   1.00 30.88 ? 443 HOH A O   1 
HETATM 1568 O  O   . HOH C 3 .   ? -18.152 -8.536  4.792   1.00 54.08 ? 444 HOH A O   1 
HETATM 1569 O  O   . HOH C 3 .   ? -15.843 10.008  8.619   1.00 28.11 ? 445 HOH A O   1 
HETATM 1570 O  O   . HOH C 3 .   ? -13.957 12.003  8.818   1.00 24.00 ? 446 HOH A O   1 
HETATM 1571 O  O   . HOH C 3 .   ? -6.798  9.220   -10.397 1.00 14.76 ? 447 HOH A O   1 
HETATM 1572 O  O   . HOH C 3 .   ? -12.517 1.296   -11.478 1.00 16.90 ? 448 HOH A O   1 
HETATM 1573 O  O   . HOH C 3 .   ? -14.249 -4.562  -18.273 1.00 39.26 ? 449 HOH A O   1 
HETATM 1574 O  O   . HOH C 3 .   ? -7.334  4.137   -17.725 1.00 30.86 ? 450 HOH A O   1 
HETATM 1575 O  O   . HOH C 3 .   ? -3.346  -12.437 -1.280  1.00 49.43 ? 451 HOH A O   1 
HETATM 1576 O  O   . HOH C 3 .   ? -2.069  3.711   -25.345 1.00 38.15 ? 452 HOH A O   1 
HETATM 1577 O  O   . HOH C 3 .   ? 0.406   -2.541  -19.462 1.00 32.95 ? 453 HOH A O   1 
HETATM 1578 O  O   . HOH C 3 .   ? -1.326  -5.121  -18.476 1.00 25.67 ? 454 HOH A O   1 
HETATM 1579 O  O   . HOH C 3 .   ? 1.494   -6.760  -27.292 1.00 39.81 ? 455 HOH A O   1 
HETATM 1580 O  O   . HOH C 3 .   ? 5.370   -3.248  -21.425 1.00 25.03 ? 456 HOH A O   1 
HETATM 1581 O  O   . HOH C 3 .   ? 5.199   -3.735  -25.509 1.00 33.09 ? 457 HOH A O   1 
HETATM 1582 O  O   . HOH C 3 .   ? 5.250   -9.914  -20.406 1.00 23.34 ? 458 HOH A O   1 
HETATM 1583 O  O   . HOH C 3 .   ? 6.118   6.767   17.263  1.00 29.44 ? 459 HOH A O   1 
HETATM 1584 O  O   . HOH C 3 .   ? 8.559   -9.234  -15.373 1.00 35.24 ? 460 HOH A O   1 
HETATM 1585 O  O   . HOH C 3 .   ? 9.658   -16.272 12.167  1.00 1.45  ? 461 HOH A O   1 
HETATM 1586 O  O   . HOH C 3 .   ? 8.057   -12.067 13.076  1.00 32.74 ? 462 HOH A O   1 
HETATM 1587 O  O   . HOH C 3 .   ? 19.459  -7.462  5.862   1.00 38.04 ? 463 HOH A O   1 
HETATM 1588 O  O   . HOH C 3 .   ? 10.906  -9.673  2.623   1.00 22.81 ? 464 HOH A O   1 
HETATM 1589 O  O   . HOH C 3 .   ? 8.982   -17.364 5.154   1.00 29.83 ? 465 HOH A O   1 
HETATM 1590 O  O   . HOH C 3 .   ? 12.015  -17.507 6.714   1.00 39.56 ? 466 HOH A O   1 
HETATM 1591 O  O   . HOH C 3 .   ? 10.920  -9.124  -0.228  1.00 23.00 ? 467 HOH A O   1 
HETATM 1592 O  O   . HOH C 3 .   ? 7.176   -8.895  -10.363 1.00 36.90 ? 468 HOH A O   1 
HETATM 1593 O  O   . HOH C 3 .   ? 11.446  -13.372 -7.022  1.00 39.26 ? 469 HOH A O   1 
HETATM 1594 O  O   . HOH C 3 .   ? 8.827   -12.656 -3.719  1.00 49.03 ? 470 HOH A O   1 
HETATM 1595 O  O   . HOH C 3 .   ? 20.357  -10.159 -8.017  1.00 35.76 ? 471 HOH A O   1 
HETATM 1596 O  O   . HOH C 3 .   ? 13.700  -4.256  -16.039 1.00 22.41 ? 472 HOH A O   1 
HETATM 1597 O  O   . HOH C 3 .   ? 16.309  -13.158 -7.620  1.00 43.41 ? 473 HOH A O   1 
HETATM 1598 O  O   . HOH C 3 .   ? 10.101  -6.552  -17.629 1.00 24.16 ? 474 HOH A O   1 
HETATM 1599 O  O   . HOH C 3 .   ? 5.463   -11.840 -16.129 1.00 35.11 ? 475 HOH A O   1 
HETATM 1600 O  O   . HOH C 3 .   ? 7.479   1.435   -14.721 1.00 31.24 ? 476 HOH A O   1 
HETATM 1601 O  O   . HOH C 3 .   ? 0.730   -1.079  -17.315 1.00 26.49 ? 477 HOH A O   1 
HETATM 1602 O  O   . HOH C 3 .   ? -1.648  -1.590  -16.044 1.00 48.28 ? 478 HOH A O   1 
HETATM 1603 O  O   . HOH C 3 .   ? 0.662   7.729   -18.089 1.00 27.77 ? 479 HOH A O   1 
HETATM 1604 O  O   . HOH C 3 .   ? 3.067   5.144   -20.182 1.00 30.64 ? 480 HOH A O   1 
HETATM 1605 O  O   . HOH C 3 .   ? -2.310  16.285  -9.358  1.00 45.09 ? 481 HOH A O   1 
HETATM 1606 O  O   . HOH C 3 .   ? -4.977  19.048  -5.110  1.00 40.60 ? 482 HOH A O   1 
HETATM 1607 O  O   . HOH C 3 .   ? -2.886  17.918  -1.497  1.00 39.70 ? 483 HOH A O   1 
HETATM 1608 O  O   . HOH C 3 .   ? -0.618  19.253  3.690   1.00 37.78 ? 484 HOH A O   1 
HETATM 1609 O  O   . HOH C 3 .   ? 0.804   11.751  10.137  1.00 52.18 ? 485 HOH A O   1 
HETATM 1610 O  O   . HOH C 3 .   ? -3.309  17.470  3.099   1.00 34.03 ? 486 HOH A O   1 
HETATM 1611 O  O   . HOH C 3 .   ? 4.234   9.448   7.693   1.00 46.81 ? 487 HOH A O   1 
HETATM 1612 O  O   . HOH C 3 .   ? -12.642 4.364   -9.946  1.00 20.46 ? 488 HOH A O   1 
HETATM 1613 O  O   . HOH C 3 .   ? -15.218 2.118   -10.963 1.00 31.77 ? 489 HOH A O   1 
HETATM 1614 O  O   . HOH C 3 .   ? -8.889  -7.344  -6.534  1.00 34.83 ? 490 HOH A O   1 
HETATM 1615 O  O   . HOH C 3 .   ? -3.489  -5.188  -14.335 1.00 50.17 ? 491 HOH A O   1 
HETATM 1616 O  O   . HOH C 3 .   ? -2.273  -4.599  -11.232 1.00 29.42 ? 492 HOH A O   1 
HETATM 1617 O  O   . HOH C 3 .   ? 2.175   -7.457  -6.887  1.00 45.19 ? 493 HOH A O   1 
HETATM 1618 O  O   . HOH C 3 .   ? 2.781   -9.302  -11.466 1.00 37.21 ? 494 HOH A O   1 
HETATM 1619 O  O   . HOH C 3 .   ? 3.922   7.319   -16.518 1.00 46.25 ? 495 HOH A O   1 
HETATM 1620 O  O   . HOH C 3 .   ? 18.010  8.443   -5.442  1.00 44.51 ? 496 HOH A O   1 
HETATM 1621 O  O   . HOH C 3 .   ? 16.410  4.213   -3.871  1.00 28.53 ? 497 HOH A O   1 
HETATM 1622 O  O   . HOH C 3 .   ? 14.648  1.123   -15.631 1.00 35.64 ? 498 HOH A O   1 
HETATM 1623 O  O   . HOH C 3 .   ? 6.361   13.211  -8.889  1.00 31.16 ? 499 HOH A O   1 
HETATM 1624 O  O   . HOH C 3 .   ? 17.934  16.617  -8.955  1.00 45.28 ? 500 HOH A O   1 
HETATM 1625 O  O   . HOH C 3 .   ? 8.231   10.503  5.675   1.00 41.47 ? 501 HOH A O   1 
HETATM 1626 O  O   . HOH C 3 .   ? -1.802  -8.726  0.422   1.00 33.25 ? 502 HOH A O   1 
HETATM 1627 O  O   . HOH C 3 .   ? 0.011   -6.888  -2.711  1.00 20.02 ? 503 HOH A O   1 
HETATM 1628 O  O   . HOH C 3 .   ? 1.668   -18.194 0.728   1.00 49.89 ? 504 HOH A O   1 
HETATM 1629 O  O   . HOH C 3 .   ? -1.151  -22.641 6.188   1.00 34.29 ? 505 HOH A O   1 
HETATM 1630 O  O   . HOH C 3 .   ? -2.023  -21.360 3.922   1.00 30.57 ? 506 HOH A O   1 
HETATM 1631 O  O   . HOH C 3 .   ? -5.381  -17.438 19.376  1.00 37.06 ? 507 HOH A O   1 
HETATM 1632 O  O   . HOH C 3 .   ? -0.663  -16.478 19.824  1.00 53.32 ? 508 HOH A O   1 
HETATM 1633 O  O   . HOH C 3 .   ? 5.349   -19.745 6.220   1.00 24.94 ? 509 HOH A O   1 
HETATM 1634 O  O   . HOH C 3 .   ? -1.060  -9.867  19.529  1.00 29.71 ? 510 HOH A O   1 
HETATM 1635 O  O   . HOH C 3 .   ? 3.640   -0.361  16.965  1.00 19.90 ? 511 HOH A O   1 
HETATM 1636 O  O   . HOH C 3 .   ? 2.501   1.222   15.152  1.00 17.73 ? 512 HOH A O   1 
HETATM 1637 O  O   . HOH C 3 .   ? 2.269   0.070   19.639  1.00 45.41 ? 513 HOH A O   1 
HETATM 1638 O  O   . HOH C 3 .   ? 8.122   -0.106  17.598  1.00 28.99 ? 514 HOH A O   1 
HETATM 1639 O  O   . HOH C 3 .   ? 8.498   -0.484  21.950  1.00 39.66 ? 515 HOH A O   1 
HETATM 1640 O  O   . HOH C 3 .   ? -6.985  -4.172  -5.373  1.00 32.58 ? 516 HOH A O   1 
HETATM 1641 O  O   . HOH C 3 .   ? -16.460 -9.724  9.627   1.00 38.37 ? 517 HOH A O   1 
HETATM 1642 O  O   . HOH C 3 .   ? -13.413 -7.931  15.156  1.00 39.59 ? 518 HOH A O   1 
HETATM 1643 O  O   . HOH C 3 .   ? 21.599  1.638   15.667  1.00 32.36 ? 519 HOH A O   1 
HETATM 1644 O  O   . HOH C 3 .   ? -11.042 0.052   15.488  1.00 23.42 ? 520 HOH A O   1 
HETATM 1645 O  O   . HOH C 3 .   ? -12.237 4.232   16.490  1.00 19.03 ? 521 HOH A O   1 
HETATM 1646 O  O   . HOH C 3 .   ? 3.117   12.715  12.728  1.00 36.25 ? 522 HOH A O   1 
HETATM 1647 O  O   . HOH C 3 .   ? -17.483 -3.140  -3.879  1.00 22.61 ? 523 HOH A O   1 
HETATM 1648 O  O   . HOH C 3 .   ? -17.789 0.215   -5.731  1.00 17.30 ? 524 HOH A O   1 
HETATM 1649 O  O   . HOH C 3 .   ? -18.451 0.944   -8.092  1.00 34.71 ? 525 HOH A O   1 
HETATM 1650 O  O   . HOH C 3 .   ? -10.527 11.070  0.117   1.00 12.47 ? 526 HOH A O   1 
HETATM 1651 O  O   . HOH C 3 .   ? -11.833 13.490  -1.113  1.00 30.13 ? 527 HOH A O   1 
HETATM 1652 O  O   . HOH C 3 .   ? -16.672 12.080  3.750   1.00 43.72 ? 528 HOH A O   1 
HETATM 1653 O  O   . HOH C 3 .   ? -19.851 5.848   11.562  1.00 37.45 ? 529 HOH A O   1 
HETATM 1654 O  O   . HOH C 3 .   ? -16.652 8.170   12.772  1.00 20.91 ? 530 HOH A O   1 
HETATM 1655 O  O   . HOH C 3 .   ? -17.702 3.332   10.002  1.00 38.03 ? 531 HOH A O   1 
HETATM 1656 O  O   . HOH C 3 .   ? -4.623  2.719   -20.119 1.00 28.56 ? 532 HOH A O   1 
HETATM 1657 O  O   . HOH C 3 .   ? -0.673  -2.269  -27.424 1.00 21.60 ? 533 HOH A O   1 
HETATM 1658 O  O   . HOH C 3 .   ? 8.187   -13.505 -26.727 1.00 30.66 ? 534 HOH A O   1 
HETATM 1659 O  O   . HOH C 3 .   ? 23.321  -6.367  14.051  1.00 47.25 ? 535 HOH A O   1 
HETATM 1660 O  O   . HOH C 3 .   ? 13.326  -4.338  6.725   1.00 39.74 ? 536 HOH A O   1 
HETATM 1661 O  O   . HOH C 3 .   ? 20.522  -2.253  1.830   1.00 45.32 ? 537 HOH A O   1 
HETATM 1662 O  O   . HOH C 3 .   ? 6.899   -16.082 2.078   1.00 36.61 ? 538 HOH A O   1 
HETATM 1663 O  O   . HOH C 3 .   ? 12.611  -17.372 -3.410  1.00 46.81 ? 539 HOH A O   1 
HETATM 1664 O  O   . HOH C 3 .   ? 7.479   -20.892 2.257   1.00 32.52 ? 540 HOH A O   1 
HETATM 1665 O  O   . HOH C 3 .   ? 5.185   -20.283 3.517   1.00 30.31 ? 541 HOH A O   1 
HETATM 1666 O  O   . HOH C 3 .   ? 6.682   -23.848 1.935   1.00 36.11 ? 542 HOH A O   1 
HETATM 1667 O  O   . HOH C 3 .   ? 1.452   -9.217  -1.767  1.00 36.03 ? 543 HOH A O   1 
HETATM 1668 O  O   . HOH C 3 .   ? 3.643   -8.093  -3.762  1.00 28.95 ? 544 HOH A O   1 
HETATM 1669 O  O   . HOH C 3 .   ? 5.339   -9.333  -5.910  1.00 42.23 ? 545 HOH A O   1 
HETATM 1670 O  O   . HOH C 3 .   ? 1.984   -6.228  -4.424  1.00 29.38 ? 546 HOH A O   1 
HETATM 1671 O  O   . HOH C 3 .   ? 4.349   -10.851 -9.624  1.00 47.83 ? 547 HOH A O   1 
HETATM 1672 O  O   . HOH C 3 .   ? -14.227 -2.537  -14.356 1.00 37.40 ? 548 HOH A O   1 
HETATM 1673 O  O   . HOH C 3 .   ? 17.635  -14.519 -9.312  1.00 41.34 ? 549 HOH A O   1 
HETATM 1674 O  O   . HOH C 3 .   ? 13.875  -1.644  -15.191 1.00 27.76 ? 550 HOH A O   1 
HETATM 1675 O  O   . HOH C 3 .   ? 15.307  -0.097  -2.155  1.00 33.48 ? 551 HOH A O   1 
HETATM 1676 O  O   . HOH C 3 .   ? 12.034  2.763   -19.898 1.00 51.29 ? 552 HOH A O   1 
HETATM 1677 O  O   . HOH C 3 .   ? 9.989   1.222   -19.662 1.00 31.73 ? 553 HOH A O   1 
HETATM 1678 O  O   . HOH C 3 .   ? 6.910   -1.568  -22.528 1.00 36.41 ? 554 HOH A O   1 
HETATM 1679 O  O   . HOH C 3 .   ? 1.394   1.195   -25.013 1.00 38.35 ? 555 HOH A O   1 
HETATM 1680 O  O   . HOH C 3 .   ? 4.121   3.707   -21.695 1.00 58.19 ? 556 HOH A O   1 
HETATM 1681 O  O   . HOH C 3 .   ? 9.311   22.356  9.789   1.00 60.76 ? 557 HOH A O   1 
HETATM 1682 O  O   . HOH C 3 .   ? 11.050  21.184  12.205  1.00 50.79 ? 558 HOH A O   1 
HETATM 1683 O  O   . HOH C 3 .   ? -1.695  20.094  6.752   1.00 44.60 ? 559 HOH A O   1 
HETATM 1684 O  O   . HOH C 3 .   ? -12.332 -10.091 -10.873 1.00 51.97 ? 560 HOH A O   1 
HETATM 1685 O  O   . HOH C 3 .   ? -9.912  -9.488  -11.469 1.00 44.57 ? 561 HOH A O   1 
HETATM 1686 O  O   . HOH C 3 .   ? 2.186   -7.280  -13.950 1.00 36.93 ? 562 HOH A O   1 
HETATM 1687 O  O   . HOH C 3 .   ? -0.210  -5.002  -15.495 1.00 37.24 ? 563 HOH A O   1 
HETATM 1688 O  O   . HOH C 3 .   ? 8.308   9.804   -14.011 1.00 45.57 ? 564 HOH A O   1 
HETATM 1689 O  O   . HOH C 3 .   ? 9.397   13.300  -11.604 1.00 46.90 ? 565 HOH A O   1 
HETATM 1690 O  O   . HOH C 3 .   ? 12.659  17.328  -8.373  1.00 44.10 ? 566 HOH A O   1 
HETATM 1691 O  O   . HOH C 3 .   ? 14.990  -2.398  -1.135  1.00 29.26 ? 567 HOH A O   1 
HETATM 1692 O  O   . HOH C 3 .   ? -2.646  -6.500  2.201   1.00 30.63 ? 568 HOH A O   1 
HETATM 1693 O  O   . HOH C 3 .   ? -3.075  -18.547 0.972   1.00 40.57 ? 569 HOH A O   1 
HETATM 1694 O  O   . HOH C 3 .   ? 3.815   -22.438 7.227   1.00 26.33 ? 570 HOH A O   1 
HETATM 1695 O  O   . HOH C 3 .   ? -5.435  -9.787  18.291  1.00 42.30 ? 571 HOH A O   1 
HETATM 1696 O  O   . HOH C 3 .   ? 2.461   -3.051  16.985  1.00 26.39 ? 572 HOH A O   1 
HETATM 1697 O  O   . HOH C 3 .   ? 0.010   -2.371  17.462  1.00 35.03 ? 573 HOH A O   1 
HETATM 1698 O  O   . HOH C 3 .   ? 11.495  5.104   14.135  1.00 41.27 ? 574 HOH A O   1 
HETATM 1699 O  O   . HOH C 3 .   ? 6.017   11.850  12.830  1.00 46.50 ? 575 HOH A O   1 
HETATM 1700 O  O   . HOH C 3 .   ? -9.610  -9.376  -5.101  1.00 27.29 ? 576 HOH A O   1 
HETATM 1701 O  O   . HOH C 3 .   ? -5.519  -11.139 -4.841  1.00 36.86 ? 577 HOH A O   1 
HETATM 1702 O  O   . HOH C 3 .   ? -17.141 -14.333 9.685   1.00 42.38 ? 578 HOH A O   1 
HETATM 1703 O  O   . HOH C 3 .   ? -7.494  -9.465  11.576  1.00 24.70 ? 579 HOH A O   1 
HETATM 1704 O  O   . HOH C 3 .   ? -10.796 -4.714  18.198  1.00 41.80 ? 580 HOH A O   1 
HETATM 1705 O  O   . HOH C 3 .   ? -12.495 -3.697  16.638  1.00 48.30 ? 581 HOH A O   1 
HETATM 1706 O  O   . HOH C 3 .   ? 10.364  0.873   -17.099 1.00 44.22 ? 582 HOH A O   1 
HETATM 1707 O  O   . HOH C 3 .   ? -2.963  12.883  9.115   1.00 40.45 ? 583 HOH A O   1 
HETATM 1708 O  O   . HOH C 3 .   ? -18.083 -2.281  -6.699  1.00 33.85 ? 584 HOH A O   1 
HETATM 1709 O  O   . HOH C 3 .   ? -12.532 -8.999  -5.004  1.00 43.06 ? 585 HOH A O   1 
HETATM 1710 O  O   . HOH C 3 .   ? -14.154 -6.566  -4.049  1.00 43.03 ? 586 HOH A O   1 
HETATM 1711 O  O   . HOH C 3 .   ? -21.455 6.780   2.350   1.00 65.90 ? 587 HOH A O   1 
HETATM 1712 O  O   . HOH C 3 .   ? -24.890 8.513   2.115   1.00 37.26 ? 588 HOH A O   1 
HETATM 1713 O  O   . HOH C 3 .   ? 16.309  -1.163  19.073  1.00 44.34 ? 589 HOH A O   1 
HETATM 1714 O  O   . HOH C 3 .   ? -19.363 -7.248  15.068  1.00 45.39 ? 590 HOH A O   1 
HETATM 1715 O  O   . HOH C 3 .   ? 14.235  -4.003  21.233  1.00 42.88 ? 591 HOH A O   1 
HETATM 1716 O  O   . HOH C 3 .   ? 12.317  -5.476  14.841  1.00 31.82 ? 592 HOH A O   1 
HETATM 1717 O  O   . HOH C 3 .   ? 5.862   -7.679  -8.023  1.00 34.57 ? 593 HOH A O   1 
HETATM 1718 O  O   . HOH C 3 .   ? 10.396  -13.937 -9.054  1.00 30.92 ? 594 HOH A O   1 
HETATM 1719 O  O   . HOH C 3 .   ? 10.183  -1.322  -15.921 1.00 38.47 ? 595 HOH A O   1 
HETATM 1720 O  O   . HOH C 3 .   ? 2.457   7.074   -19.266 1.00 29.77 ? 596 HOH A O   1 
HETATM 1721 O  O   . HOH C 3 .   ? -4.714  12.157  -16.448 1.00 44.73 ? 597 HOH A O   1 
HETATM 1722 O  O   . HOH C 3 .   ? -4.773  17.688  -3.037  1.00 38.24 ? 598 HOH A O   1 
HETATM 1723 O  O   . HOH C 3 .   ? -13.875 0.376   -13.729 1.00 30.31 ? 599 HOH A O   1 
HETATM 1724 O  O   . HOH C 3 .   ? -15.117 0.688   -17.880 1.00 45.26 ? 600 HOH A O   1 
HETATM 1725 O  O   . HOH C 3 .   ? -8.381  7.632   -16.531 1.00 43.71 ? 601 HOH A O   1 
HETATM 1726 O  O   . HOH C 3 .   ? 6.968   5.721   -14.164 1.00 38.47 ? 602 HOH A O   1 
HETATM 1727 O  O   . HOH C 3 .   ? 5.841   -21.522 8.176   1.00 41.32 ? 603 HOH A O   1 
HETATM 1728 O  O   . HOH C 3 .   ? -5.411  -15.518 21.083  1.00 43.83 ? 604 HOH A O   1 
HETATM 1729 O  O   . HOH C 3 .   ? -7.194  -11.476 23.470  1.00 49.58 ? 605 HOH A O   1 
HETATM 1730 O  O   . HOH C 3 .   ? -11.136 -10.903 21.983  1.00 43.11 ? 606 HOH A O   1 
HETATM 1731 O  O   . HOH C 3 .   ? -8.444  -9.415  18.327  1.00 43.09 ? 607 HOH A O   1 
HETATM 1732 O  O   . HOH C 3 .   ? 4.064   -5.303  21.002  1.00 42.69 ? 608 HOH A O   1 
HETATM 1733 O  O   . HOH C 3 .   ? -2.035  -5.108  20.242  1.00 43.42 ? 609 HOH A O   1 
HETATM 1734 O  O   . HOH C 3 .   ? -1.277  -8.542  26.645  1.00 43.87 ? 610 HOH A O   1 
HETATM 1735 O  O   . HOH C 3 .   ? 6.349   5.909   8.721   1.00 41.09 ? 611 HOH A O   1 
HETATM 1736 O  O   . HOH C 3 .   ? 7.169   7.029   4.219   1.00 35.86 ? 612 HOH A O   1 
HETATM 1737 O  O   . HOH C 3 .   ? -16.338 -11.037 7.141   1.00 38.92 ? 613 HOH A O   1 
HETATM 1738 O  O   . HOH C 3 .   ? -15.453 -12.516 9.064   1.00 38.65 ? 614 HOH A O   1 
HETATM 1739 O  O   . HOH C 3 .   ? -14.499 -10.926 12.005  1.00 39.30 ? 615 HOH A O   1 
HETATM 1740 O  O   . HOH C 3 .   ? -14.313 -13.245 12.471  1.00 42.87 ? 616 HOH A O   1 
HETATM 1741 O  O   . HOH C 3 .   ? 1.472   -4.195  -27.789 1.00 32.96 ? 617 HOH A O   1 
HETATM 1742 O  O   . HOH C 3 .   ? -21.774 3.094   -0.134  1.00 34.97 ? 618 HOH A O   1 
HETATM 1743 O  O   . HOH C 3 .   ? 2.100   17.309  9.515   1.00 45.24 ? 619 HOH A O   1 
HETATM 1744 O  O   . HOH C 3 .   ? -20.377 -2.562  -4.849  1.00 37.22 ? 620 HOH A O   1 
HETATM 1745 O  O   . HOH C 3 .   ? -19.138 -3.667  -1.858  1.00 38.68 ? 621 HOH A O   1 
HETATM 1746 O  O   . HOH C 3 .   ? -19.963 -6.205  -2.317  1.00 44.33 ? 622 HOH A O   1 
HETATM 1747 O  O   . HOH C 3 .   ? -20.357 -8.667  -2.275  1.00 43.42 ? 623 HOH A O   1 
HETATM 1748 O  O   . HOH C 3 .   ? -14.984 12.521  1.432   1.00 40.88 ? 624 HOH A O   1 
HETATM 1749 O  O   . HOH C 3 .   ? -14.652 10.248  1.226   1.00 38.01 ? 625 HOH A O   1 
HETATM 1750 O  O   . HOH C 3 .   ? -8.241  16.072  0.416   1.00 36.11 ? 626 HOH A O   1 
HETATM 1751 O  O   . HOH C 3 .   ? -10.427 15.217  -0.063  1.00 40.81 ? 627 HOH A O   1 
HETATM 1752 O  O   . HOH C 3 .   ? -9.858  17.328  2.774   1.00 46.04 ? 628 HOH A O   1 
HETATM 1753 O  O   . HOH C 3 .   ? -6.888  18.084  3.460   1.00 43.35 ? 629 HOH A O   1 
HETATM 1754 O  O   . HOH C 3 .   ? -4.504  18.773  0.532   1.00 43.31 ? 630 HOH A O   1 
HETATM 1755 O  O   . HOH C 3 .   ? -12.885 1.769   -15.988 1.00 47.02 ? 631 HOH A O   1 
HETATM 1756 O  O   . HOH C 3 .   ? -16.644 -1.412  -18.528 1.00 40.25 ? 632 HOH A O   1 
HETATM 1757 O  O   . HOH C 3 .   ? 18.942  -0.349  -2.005  1.00 24.34 ? 633 HOH A O   1 
HETATM 1758 O  O   . HOH C 3 .   ? 19.668  1.730   -6.807  1.00 25.10 ? 634 HOH A O   1 
HETATM 1759 O  O   . HOH C 3 .   ? 20.698  -13.214 -8.650  1.00 24.50 ? 635 HOH A O   1 
HETATM 1760 O  O   . HOH C 3 .   ? 18.507  -11.532 -4.111  1.00 24.12 ? 636 HOH A O   1 
HETATM 1761 O  O   . HOH C 3 .   ? -4.734  7.806   -16.465 1.00 24.29 ? 637 HOH A O   1 
HETATM 1762 O  O   . HOH C 3 .   ? -4.469  12.732  -11.670 1.00 23.88 ? 638 HOH A O   1 
HETATM 1763 O  O   . HOH C 3 .   ? -9.574  -4.708  -6.015  1.00 23.25 ? 639 HOH A O   1 
HETATM 1764 O  O   . HOH C 3 .   ? -0.132  -23.098 3.363   1.00 24.82 ? 640 HOH A O   1 
HETATM 1765 O  O   . HOH C 3 .   ? 0.780   -11.294 23.819  1.00 24.46 ? 641 HOH A O   1 
HETATM 1766 O  O   . HOH C 3 .   ? -12.006 -10.786 14.505  1.00 23.98 ? 642 HOH A O   1 
HETATM 1767 O  O   . HOH C 3 .   ? -14.256 -7.685  -14.182 1.00 23.71 ? 643 HOH A O   1 
HETATM 1768 O  O   . HOH C 3 .   ? -4.819  14.543  14.766  1.00 21.34 ? 644 HOH A O   1 
HETATM 1769 O  O   . HOH C 3 .   ? 17.111  -0.729  4.057   1.00 27.01 ? 645 HOH A O   1 
HETATM 1770 O  O   . HOH C 3 .   ? 20.808  -5.250  15.270  1.00 25.12 ? 646 HOH A O   1 
HETATM 1771 O  O   . HOH C 3 .   ? 13.123  -7.032  17.594  1.00 24.89 ? 647 HOH A O   1 
# 
